data_7JQU
# 
_entry.id   7JQU 
# 
_audit_conform.dict_name       mmcif_pdbx.dic 
_audit_conform.dict_version    5.380 
_audit_conform.dict_location   http://mmcif.pdb.org/dictionaries/ascii/mmcif_pdbx.dic 
# 
loop_
_database_2.database_id 
_database_2.database_code 
_database_2.pdbx_database_accession 
_database_2.pdbx_DOI 
PDB   7JQU         pdb_00007jqu 10.2210/pdb7jqu/pdb 
WWPDB D_1000251256 ?            ?                   
# 
_pdbx_database_status.status_code                     REL 
_pdbx_database_status.status_code_sf                  REL 
_pdbx_database_status.status_code_mr                  ? 
_pdbx_database_status.entry_id                        7JQU 
_pdbx_database_status.recvd_initial_deposition_date   2020-08-11 
_pdbx_database_status.SG_entry                        N 
_pdbx_database_status.deposit_site                    RCSB 
_pdbx_database_status.process_site                    RCSB 
_pdbx_database_status.status_code_cs                  ? 
_pdbx_database_status.status_code_nmr_data            ? 
_pdbx_database_status.methods_development_category    ? 
_pdbx_database_status.pdb_format_compatible           N 
# 
loop_
_audit_author.name 
_audit_author.pdbx_ordinal 
_audit_author.identifier_ORCID 
'Kreutzer, A.G.' 1 0000-0002-9724-6298 
'McKnelly, K.J.' 2 0000-0003-0063-6423 
'Nowick, J.S.'   3 0000-0002-2273-1029 
# 
_citation.abstract                  ? 
_citation.abstract_id_CAS           ? 
_citation.book_id_ISBN              ? 
_citation.book_publisher            ? 
_citation.book_publisher_city       ? 
_citation.book_title                ? 
_citation.coordinate_linkage        ? 
_citation.country                   US 
_citation.database_id_Medline       ? 
_citation.details                   ? 
_citation.id                        primary 
_citation.journal_abbrev            Biochemistry 
_citation.journal_id_ASTM           BICHAW 
_citation.journal_id_CSD            0033 
_citation.journal_id_ISSN           0006-2960 
_citation.journal_full              ? 
_citation.journal_issue             ? 
_citation.journal_volume            61 
_citation.language                  ? 
_citation.page_first                446 
_citation.page_last                 454 
_citation.title                     
;Effects of Familial Alzheimer's Disease Mutations on the Assembly of a beta-Hairpin Peptide Derived from A beta 16-36 .
;
_citation.year                      2022 
_citation.database_id_CSD           ? 
_citation.pdbx_database_id_DOI      10.1021/acs.biochem.1c00664 
_citation.pdbx_database_id_PubMed   35213141 
_citation.unpublished_flag          ? 
# 
loop_
_citation_author.citation_id 
_citation_author.name 
_citation_author.ordinal 
_citation_author.identifier_ORCID 
primary 'McKnelly, K.J.' 1 ? 
primary 'Kreutzer, A.G.' 2 ? 
primary 'Howitz, W.J.'   3 ? 
primary 'Haduong, K.'    4 ? 
primary 'Yoo, S.'        5 ? 
primary 'Hart, C.'       6 ? 
primary 'Nowick, J.S.'   7 ? 
# 
_cell.angle_alpha                  90.000 
_cell.angle_alpha_esd              ? 
_cell.angle_beta                   90.000 
_cell.angle_beta_esd               ? 
_cell.angle_gamma                  90.000 
_cell.angle_gamma_esd              ? 
_cell.entry_id                     7JQU 
_cell.details                      ? 
_cell.formula_units_Z              ? 
_cell.length_a                     67.341 
_cell.length_a_esd                 ? 
_cell.length_b                     67.341 
_cell.length_b_esd                 ? 
_cell.length_c                     67.341 
_cell.length_c_esd                 ? 
_cell.volume                       ? 
_cell.volume_esd                   ? 
_cell.Z_PDB                        72 
_cell.reciprocal_angle_alpha       ? 
_cell.reciprocal_angle_beta        ? 
_cell.reciprocal_angle_gamma       ? 
_cell.reciprocal_angle_alpha_esd   ? 
_cell.reciprocal_angle_beta_esd    ? 
_cell.reciprocal_angle_gamma_esd   ? 
_cell.reciprocal_length_a          ? 
_cell.reciprocal_length_b          ? 
_cell.reciprocal_length_c          ? 
_cell.reciprocal_length_a_esd      ? 
_cell.reciprocal_length_b_esd      ? 
_cell.reciprocal_length_c_esd      ? 
_cell.pdbx_unique_axis             ? 
# 
_symmetry.entry_id                         7JQU 
_symmetry.cell_setting                     ? 
_symmetry.Int_Tables_number                207 
_symmetry.space_group_name_Hall            ? 
_symmetry.space_group_name_H-M             'P 4 3 2' 
_symmetry.pdbx_full_space_group_name_H-M   ? 
# 
loop_
_entity.id 
_entity.type 
_entity.src_method 
_entity.pdbx_description 
_entity.formula_weight 
_entity.pdbx_number_of_molecules 
_entity.pdbx_ec 
_entity.pdbx_mutation 
_entity.pdbx_fragment 
_entity.details 
1 polymer syn 'Abeta 16-36 beta-hairpin mimic VAL-ORN-LYS-LEU-VAL-MEA-PHE-ALA-GLN-ORN-ALA-ILE-ILE-GLY-LEU-MET' 1793.286 3  ? ? ? ? 
2 water   nat water                                                                                            18.015   13 ? ? ? ? 
# 
_entity_poly.entity_id                      1 
_entity_poly.type                           'polypeptide(L)' 
_entity_poly.nstd_linkage                   no 
_entity_poly.nstd_monomer                   yes 
_entity_poly.pdbx_seq_one_letter_code       'V(ORN)KLV(MEA)FAQ(ORN)AIIGLM' 
_entity_poly.pdbx_seq_one_letter_code_can   VAKLVFFAQAAIIGLM 
_entity_poly.pdbx_strand_id                 A,B,C 
_entity_poly.pdbx_target_identifier         ? 
# 
loop_
_entity_poly_seq.entity_id 
_entity_poly_seq.num 
_entity_poly_seq.mon_id 
_entity_poly_seq.hetero 
1 1  VAL n 
1 2  ORN n 
1 3  LYS n 
1 4  LEU n 
1 5  VAL n 
1 6  MEA n 
1 7  PHE n 
1 8  ALA n 
1 9  GLN n 
1 10 ORN n 
1 11 ALA n 
1 12 ILE n 
1 13 ILE n 
1 14 GLY n 
1 15 LEU n 
1 16 MET n 
# 
_pdbx_entity_src_syn.entity_id              1 
_pdbx_entity_src_syn.pdbx_src_id            1 
_pdbx_entity_src_syn.pdbx_alt_source_flag   sample 
_pdbx_entity_src_syn.pdbx_beg_seq_num       1 
_pdbx_entity_src_syn.pdbx_end_seq_num       16 
_pdbx_entity_src_syn.organism_scientific    'Homo sapiens' 
_pdbx_entity_src_syn.organism_common_name   Human 
_pdbx_entity_src_syn.ncbi_taxonomy_id       9606 
_pdbx_entity_src_syn.details                ? 
# 
_struct_ref.id                         1 
_struct_ref.db_name                    PDB 
_struct_ref.db_code                    7JQU 
_struct_ref.pdbx_db_accession          7JQU 
_struct_ref.pdbx_db_isoform            ? 
_struct_ref.entity_id                  1 
_struct_ref.pdbx_seq_one_letter_code   ? 
_struct_ref.pdbx_align_begin           1 
# 
loop_
_struct_ref_seq.align_id 
_struct_ref_seq.ref_id 
_struct_ref_seq.pdbx_PDB_id_code 
_struct_ref_seq.pdbx_strand_id 
_struct_ref_seq.seq_align_beg 
_struct_ref_seq.pdbx_seq_align_beg_ins_code 
_struct_ref_seq.seq_align_end 
_struct_ref_seq.pdbx_seq_align_end_ins_code 
_struct_ref_seq.pdbx_db_accession 
_struct_ref_seq.db_align_beg 
_struct_ref_seq.pdbx_db_align_beg_ins_code 
_struct_ref_seq.db_align_end 
_struct_ref_seq.pdbx_db_align_end_ins_code 
_struct_ref_seq.pdbx_auth_seq_align_beg 
_struct_ref_seq.pdbx_auth_seq_align_end 
1 1 7JQU A 1 ? 16 ? 7JQU 1 ? 16 ? 1 16 
2 1 7JQU B 1 ? 16 ? 7JQU 1 ? 16 ? 1 16 
3 1 7JQU C 1 ? 16 ? 7JQU 1 ? 16 ? 1 16 
# 
loop_
_chem_comp.id 
_chem_comp.type 
_chem_comp.mon_nstd_flag 
_chem_comp.name 
_chem_comp.pdbx_synonyms 
_chem_comp.formula 
_chem_comp.formula_weight 
ALA 'L-peptide linking' y ALANINE               ? 'C3 H7 N O2'     89.093  
GLN 'L-peptide linking' y GLUTAMINE             ? 'C5 H10 N2 O3'   146.144 
GLY 'peptide linking'   y GLYCINE               ? 'C2 H5 N O2'     75.067  
HOH non-polymer         . WATER                 ? 'H2 O'           18.015  
ILE 'L-peptide linking' y ISOLEUCINE            ? 'C6 H13 N O2'    131.173 
LEU 'L-peptide linking' y LEUCINE               ? 'C6 H13 N O2'    131.173 
LYS 'L-peptide linking' y LYSINE                ? 'C6 H15 N2 O2 1' 147.195 
MEA 'L-peptide linking' n N-METHYLPHENYLALANINE ? 'C10 H13 N O2'   179.216 
MET 'L-peptide linking' y METHIONINE            ? 'C5 H11 N O2 S'  149.211 
ORN 'L-peptide linking' n L-ornithine           ? 'C5 H12 N2 O2'   132.161 
PHE 'L-peptide linking' y PHENYLALANINE         ? 'C9 H11 N O2'    165.189 
VAL 'L-peptide linking' y VALINE                ? 'C5 H11 N O2'    117.146 
# 
_exptl.absorpt_coefficient_mu     ? 
_exptl.absorpt_correction_T_max   ? 
_exptl.absorpt_correction_T_min   ? 
_exptl.absorpt_correction_type    ? 
_exptl.absorpt_process_details    ? 
_exptl.entry_id                   7JQU 
_exptl.crystals_number            1 
_exptl.details                    ? 
_exptl.method                     'X-RAY DIFFRACTION' 
_exptl.method_details             ? 
# 
_exptl_crystal.colour                      ? 
_exptl_crystal.density_diffrn              ? 
_exptl_crystal.density_Matthews            2.37 
_exptl_crystal.density_method              ? 
_exptl_crystal.density_percent_sol         47.99 
_exptl_crystal.description                 ? 
_exptl_crystal.F_000                       ? 
_exptl_crystal.id                          1 
_exptl_crystal.preparation                 ? 
_exptl_crystal.size_max                    ? 
_exptl_crystal.size_mid                    ? 
_exptl_crystal.size_min                    ? 
_exptl_crystal.size_rad                    ? 
_exptl_crystal.colour_lustre               ? 
_exptl_crystal.colour_modifier             ? 
_exptl_crystal.colour_primary              ? 
_exptl_crystal.density_meas                ? 
_exptl_crystal.density_meas_esd            ? 
_exptl_crystal.density_meas_gt             ? 
_exptl_crystal.density_meas_lt             ? 
_exptl_crystal.density_meas_temp           ? 
_exptl_crystal.density_meas_temp_esd       ? 
_exptl_crystal.density_meas_temp_gt        ? 
_exptl_crystal.density_meas_temp_lt        ? 
_exptl_crystal.pdbx_crystal_image_url      ? 
_exptl_crystal.pdbx_crystal_image_format   ? 
_exptl_crystal.pdbx_mosaicity              ? 
_exptl_crystal.pdbx_mosaicity_esd          ? 
# 
_exptl_crystal_grow.apparatus       ? 
_exptl_crystal_grow.atmosphere      ? 
_exptl_crystal_grow.crystal_id      1 
_exptl_crystal_grow.details         ? 
_exptl_crystal_grow.method          'VAPOR DIFFUSION, HANGING DROP' 
_exptl_crystal_grow.method_ref      ? 
_exptl_crystal_grow.pH              ? 
_exptl_crystal_grow.pressure        ? 
_exptl_crystal_grow.pressure_esd    ? 
_exptl_crystal_grow.seeding         ? 
_exptl_crystal_grow.seeding_ref     ? 
_exptl_crystal_grow.temp            297.15 
_exptl_crystal_grow.temp_details    ? 
_exptl_crystal_grow.temp_esd        ? 
_exptl_crystal_grow.time            ? 
_exptl_crystal_grow.pdbx_details    'sodium citrate, isopropanol, PEG 4000' 
_exptl_crystal_grow.pdbx_pH_range   ? 
# 
_diffrn.ambient_environment              ? 
_diffrn.ambient_temp                     123.15 
_diffrn.ambient_temp_details             ? 
_diffrn.ambient_temp_esd                 ? 
_diffrn.crystal_id                       1 
_diffrn.crystal_support                  ? 
_diffrn.crystal_treatment                ? 
_diffrn.details                          ? 
_diffrn.id                               1 
_diffrn.ambient_pressure                 ? 
_diffrn.ambient_pressure_esd             ? 
_diffrn.ambient_pressure_gt              ? 
_diffrn.ambient_pressure_lt              ? 
_diffrn.ambient_temp_gt                  ? 
_diffrn.ambient_temp_lt                  ? 
_diffrn.pdbx_serial_crystal_experiment   N 
# 
_diffrn_detector.details                      ? 
_diffrn_detector.detector                     CCD 
_diffrn_detector.diffrn_id                    1 
_diffrn_detector.type                         'RIGAKU SATURN 944+' 
_diffrn_detector.area_resol_mean              ? 
_diffrn_detector.dtime                        ? 
_diffrn_detector.pdbx_frames_total            ? 
_diffrn_detector.pdbx_collection_time_total   ? 
_diffrn_detector.pdbx_collection_date         2017-02-15 
_diffrn_detector.pdbx_frequency               ? 
# 
_diffrn_radiation.collimation                      ? 
_diffrn_radiation.diffrn_id                        1 
_diffrn_radiation.filter_edge                      ? 
_diffrn_radiation.inhomogeneity                    ? 
_diffrn_radiation.monochromator                    'Cu anode' 
_diffrn_radiation.polarisn_norm                    ? 
_diffrn_radiation.polarisn_ratio                   ? 
_diffrn_radiation.probe                            ? 
_diffrn_radiation.type                             ? 
_diffrn_radiation.xray_symbol                      ? 
_diffrn_radiation.wavelength_id                    1 
_diffrn_radiation.pdbx_monochromatic_or_laue_m_l   M 
_diffrn_radiation.pdbx_wavelength_list             ? 
_diffrn_radiation.pdbx_wavelength                  ? 
_diffrn_radiation.pdbx_diffrn_protocol             'SINGLE WAVELENGTH' 
_diffrn_radiation.pdbx_analyzer                    ? 
_diffrn_radiation.pdbx_scattering_type             x-ray 
# 
_diffrn_radiation_wavelength.id           1 
_diffrn_radiation_wavelength.wavelength   1.54 
_diffrn_radiation_wavelength.wt           1.0 
# 
_diffrn_source.current                     ? 
_diffrn_source.details                     ? 
_diffrn_source.diffrn_id                   1 
_diffrn_source.power                       ? 
_diffrn_source.size                        ? 
_diffrn_source.source                      'ROTATING ANODE' 
_diffrn_source.target                      ? 
_diffrn_source.type                        'RIGAKU MICROMAX-007 HF' 
_diffrn_source.voltage                     ? 
_diffrn_source.take-off_angle              ? 
_diffrn_source.pdbx_wavelength_list        1.54 
_diffrn_source.pdbx_wavelength             ? 
_diffrn_source.pdbx_synchrotron_beamline   ? 
_diffrn_source.pdbx_synchrotron_site       ? 
# 
_reflns.B_iso_Wilson_estimate            ? 
_reflns.entry_id                         7JQU 
_reflns.data_reduction_details           ? 
_reflns.data_reduction_method            ? 
_reflns.d_resolution_high                2.611 
_reflns.d_resolution_low                 23.81 
_reflns.details                          ? 
_reflns.limit_h_max                      ? 
_reflns.limit_h_min                      ? 
_reflns.limit_k_max                      ? 
_reflns.limit_k_min                      ? 
_reflns.limit_l_max                      ? 
_reflns.limit_l_min                      ? 
_reflns.number_all                       ? 
_reflns.number_obs                       3025 
_reflns.observed_criterion               ? 
_reflns.observed_criterion_F_max         ? 
_reflns.observed_criterion_F_min         ? 
_reflns.observed_criterion_I_max         ? 
_reflns.observed_criterion_I_min         ? 
_reflns.observed_criterion_sigma_F       ? 
_reflns.observed_criterion_sigma_I       ? 
_reflns.percent_possible_obs             99.4 
_reflns.R_free_details                   ? 
_reflns.Rmerge_F_all                     ? 
_reflns.Rmerge_F_obs                     ? 
_reflns.Friedel_coverage                 ? 
_reflns.number_gt                        ? 
_reflns.threshold_expression             ? 
_reflns.pdbx_redundancy                  93.3 
_reflns.pdbx_Rmerge_I_obs                0.01217 
_reflns.pdbx_Rmerge_I_all                ? 
_reflns.pdbx_Rsym_value                  ? 
_reflns.pdbx_netI_over_av_sigmaI         ? 
_reflns.pdbx_netI_over_sigmaI            23.04 
_reflns.pdbx_res_netI_over_av_sigmaI_2   ? 
_reflns.pdbx_res_netI_over_sigmaI_2      ? 
_reflns.pdbx_chi_squared                 ? 
_reflns.pdbx_scaling_rejects             ? 
_reflns.pdbx_d_res_high_opt              ? 
_reflns.pdbx_d_res_low_opt               ? 
_reflns.pdbx_d_res_opt_method            ? 
_reflns.phase_calculation_details        ? 
_reflns.pdbx_Rrim_I_all                  ? 
_reflns.pdbx_Rpim_I_all                  ? 
_reflns.pdbx_d_opt                       ? 
_reflns.pdbx_number_measured_all         ? 
_reflns.pdbx_diffrn_id                   1 
_reflns.pdbx_ordinal                     1 
_reflns.pdbx_CC_half                     1 
_reflns.pdbx_CC_star                     ? 
_reflns.pdbx_R_split                     ? 
# 
_reflns_shell.d_res_high                  2.611 
_reflns_shell.d_res_low                   2.705 
_reflns_shell.meanI_over_sigI_all         ? 
_reflns_shell.meanI_over_sigI_obs         ? 
_reflns_shell.number_measured_all         ? 
_reflns_shell.number_measured_obs         ? 
_reflns_shell.number_possible             ? 
_reflns_shell.number_unique_all           ? 
_reflns_shell.number_unique_obs           179 
_reflns_shell.percent_possible_all        ? 
_reflns_shell.percent_possible_obs        ? 
_reflns_shell.Rmerge_F_all                ? 
_reflns_shell.Rmerge_F_obs                ? 
_reflns_shell.Rmerge_I_all                ? 
_reflns_shell.Rmerge_I_obs                0.2447 
_reflns_shell.meanI_over_sigI_gt          ? 
_reflns_shell.meanI_over_uI_all           ? 
_reflns_shell.meanI_over_uI_gt            ? 
_reflns_shell.number_measured_gt          ? 
_reflns_shell.number_unique_gt            ? 
_reflns_shell.percent_possible_gt         ? 
_reflns_shell.Rmerge_F_gt                 ? 
_reflns_shell.Rmerge_I_gt                 ? 
_reflns_shell.pdbx_redundancy             ? 
_reflns_shell.pdbx_Rsym_value             ? 
_reflns_shell.pdbx_chi_squared            ? 
_reflns_shell.pdbx_netI_over_sigmaI_all   ? 
_reflns_shell.pdbx_netI_over_sigmaI_obs   ? 
_reflns_shell.pdbx_Rrim_I_all             ? 
_reflns_shell.pdbx_Rpim_I_all             ? 
_reflns_shell.pdbx_rejects                ? 
_reflns_shell.pdbx_ordinal                1 
_reflns_shell.pdbx_diffrn_id              1 
_reflns_shell.pdbx_CC_half                0.658 
_reflns_shell.pdbx_CC_star                ? 
_reflns_shell.pdbx_R_split                ? 
# 
_refine.aniso_B[1][1]                            ? 
_refine.aniso_B[1][2]                            ? 
_refine.aniso_B[1][3]                            ? 
_refine.aniso_B[2][2]                            ? 
_refine.aniso_B[2][3]                            ? 
_refine.aniso_B[3][3]                            ? 
_refine.B_iso_max                                161.050 
_refine.B_iso_mean                               68.8199 
_refine.B_iso_min                                21.420 
_refine.correlation_coeff_Fo_to_Fc               ? 
_refine.correlation_coeff_Fo_to_Fc_free          ? 
_refine.details                                  ? 
_refine.diff_density_max                         ? 
_refine.diff_density_max_esd                     ? 
_refine.diff_density_min                         ? 
_refine.diff_density_min_esd                     ? 
_refine.diff_density_rms                         ? 
_refine.diff_density_rms_esd                     ? 
_refine.entry_id                                 7JQU 
_refine.pdbx_refine_id                           'X-RAY DIFFRACTION' 
_refine.ls_abs_structure_details                 ? 
_refine.ls_abs_structure_Flack                   ? 
_refine.ls_abs_structure_Flack_esd               ? 
_refine.ls_abs_structure_Rogers                  ? 
_refine.ls_abs_structure_Rogers_esd              ? 
_refine.ls_d_res_high                            2.6110 
_refine.ls_d_res_low                             23.8090 
_refine.ls_extinction_coef                       ? 
_refine.ls_extinction_coef_esd                   ? 
_refine.ls_extinction_expression                 ? 
_refine.ls_extinction_method                     ? 
_refine.ls_goodness_of_fit_all                   ? 
_refine.ls_goodness_of_fit_all_esd               ? 
_refine.ls_goodness_of_fit_obs                   ? 
_refine.ls_goodness_of_fit_obs_esd               ? 
_refine.ls_hydrogen_treatment                    ? 
_refine.ls_matrix_type                           ? 
_refine.ls_number_constraints                    ? 
_refine.ls_number_parameters                     ? 
_refine.ls_number_reflns_all                     ? 
_refine.ls_number_reflns_obs                     3025 
_refine.ls_number_reflns_R_free                  296 
_refine.ls_number_reflns_R_work                  2729 
_refine.ls_number_restraints                     ? 
_refine.ls_percent_reflns_obs                    99.8000 
_refine.ls_percent_reflns_R_free                 9.7900 
_refine.ls_R_factor_all                          ? 
_refine.ls_R_factor_obs                          0.2475 
_refine.ls_R_factor_R_free                       0.2811 
_refine.ls_R_factor_R_free_error                 ? 
_refine.ls_R_factor_R_free_error_details         ? 
_refine.ls_R_factor_R_work                       0.2432 
_refine.ls_R_Fsqd_factor_obs                     ? 
_refine.ls_R_I_factor_obs                        ? 
_refine.ls_redundancy_reflns_all                 ? 
_refine.ls_redundancy_reflns_obs                 ? 
_refine.ls_restrained_S_all                      ? 
_refine.ls_restrained_S_obs                      ? 
_refine.ls_shift_over_esd_max                    ? 
_refine.ls_shift_over_esd_mean                   ? 
_refine.ls_structure_factor_coef                 ? 
_refine.ls_weighting_details                     ? 
_refine.ls_weighting_scheme                      ? 
_refine.ls_wR_factor_all                         ? 
_refine.ls_wR_factor_obs                         ? 
_refine.ls_wR_factor_R_free                      ? 
_refine.ls_wR_factor_R_work                      ? 
_refine.occupancy_max                            ? 
_refine.occupancy_min                            ? 
_refine.solvent_model_details                    'FLAT BULK SOLVENT MODEL' 
_refine.solvent_model_param_bsol                 ? 
_refine.solvent_model_param_ksol                 ? 
_refine.pdbx_R_complete                          ? 
_refine.ls_R_factor_gt                           ? 
_refine.ls_goodness_of_fit_gt                    ? 
_refine.ls_goodness_of_fit_ref                   ? 
_refine.ls_shift_over_su_max                     ? 
_refine.ls_shift_over_su_max_lt                  ? 
_refine.ls_shift_over_su_mean                    ? 
_refine.ls_shift_over_su_mean_lt                 ? 
_refine.pdbx_ls_sigma_I                          ? 
_refine.pdbx_ls_sigma_F                          1.340 
_refine.pdbx_ls_sigma_Fsqd                       ? 
_refine.pdbx_data_cutoff_high_absF               ? 
_refine.pdbx_data_cutoff_high_rms_absF           ? 
_refine.pdbx_data_cutoff_low_absF                ? 
_refine.pdbx_isotropic_thermal_model             ? 
_refine.pdbx_ls_cross_valid_method               THROUGHOUT 
_refine.pdbx_method_to_determine_struct          'MOLECULAR REPLACEMENT' 
_refine.pdbx_starting_model                      5W4H 
_refine.pdbx_stereochemistry_target_values       ML 
_refine.pdbx_R_Free_selection_details            ? 
_refine.pdbx_stereochem_target_val_spec_case     ? 
_refine.pdbx_overall_ESU_R                       ? 
_refine.pdbx_overall_ESU_R_Free                  ? 
_refine.pdbx_solvent_vdw_probe_radii             1.1100 
_refine.pdbx_solvent_ion_probe_radii             ? 
_refine.pdbx_solvent_shrinkage_radii             0.9000 
_refine.pdbx_real_space_R                        ? 
_refine.pdbx_density_correlation                 ? 
_refine.pdbx_pd_number_of_powder_patterns        ? 
_refine.pdbx_pd_number_of_points                 ? 
_refine.pdbx_pd_meas_number_of_points            ? 
_refine.pdbx_pd_proc_ls_prof_R_factor            ? 
_refine.pdbx_pd_proc_ls_prof_wR_factor           ? 
_refine.pdbx_pd_Marquardt_correlation_coeff      ? 
_refine.pdbx_pd_Fsqrd_R_factor                   ? 
_refine.pdbx_pd_ls_matrix_band_width             ? 
_refine.pdbx_overall_phase_error                 24.0700 
_refine.pdbx_overall_SU_R_free_Cruickshank_DPI   ? 
_refine.pdbx_overall_SU_R_free_Blow_DPI          ? 
_refine.pdbx_overall_SU_R_Blow_DPI               ? 
_refine.pdbx_TLS_residual_ADP_flag               ? 
_refine.pdbx_diffrn_id                           1 
_refine.overall_SU_B                             ? 
_refine.overall_SU_ML                            0.3300 
_refine.overall_SU_R_Cruickshank_DPI             ? 
_refine.overall_SU_R_free                        ? 
_refine.overall_FOM_free_R_set                   ? 
_refine.overall_FOM_work_R_set                   ? 
_refine.pdbx_average_fsc_overall                 ? 
_refine.pdbx_average_fsc_work                    ? 
_refine.pdbx_average_fsc_free                    ? 
# 
_refine_hist.pdbx_refine_id                   'X-RAY DIFFRACTION' 
_refine_hist.cycle_id                         final 
_refine_hist.details                          ? 
_refine_hist.d_res_high                       2.6110 
_refine_hist.d_res_low                        23.8090 
_refine_hist.number_atoms_solvent             13 
_refine_hist.number_atoms_total               388 
_refine_hist.number_reflns_all                ? 
_refine_hist.number_reflns_obs                ? 
_refine_hist.number_reflns_R_free             ? 
_refine_hist.number_reflns_R_work             ? 
_refine_hist.R_factor_all                     ? 
_refine_hist.R_factor_obs                     ? 
_refine_hist.R_factor_R_free                  ? 
_refine_hist.R_factor_R_work                  ? 
_refine_hist.pdbx_number_residues_total       48 
_refine_hist.pdbx_B_iso_mean_ligand           ? 
_refine_hist.pdbx_B_iso_mean_solvent          63.68 
_refine_hist.pdbx_number_atoms_protein        375 
_refine_hist.pdbx_number_atoms_nucleic_acid   0 
_refine_hist.pdbx_number_atoms_ligand         0 
_refine_hist.pdbx_number_atoms_lipid          ? 
_refine_hist.pdbx_number_atoms_carb           ? 
_refine_hist.pdbx_pseudo_atom_details         ? 
# 
loop_
_refine_ls_restr.pdbx_refine_id 
_refine_ls_restr.criterion 
_refine_ls_restr.dev_ideal 
_refine_ls_restr.dev_ideal_target 
_refine_ls_restr.number 
_refine_ls_restr.rejects 
_refine_ls_restr.type 
_refine_ls_restr.weight 
_refine_ls_restr.pdbx_restraint_function 
'X-RAY DIFFRACTION' ? 0.004  ? 381 ? f_bond_d           ? ? 
'X-RAY DIFFRACTION' ? 0.797  ? 501 ? f_angle_d          ? ? 
'X-RAY DIFFRACTION' ? 0.058  ? 63  ? f_chiral_restr     ? ? 
'X-RAY DIFFRACTION' ? 0.002  ? 57  ? f_plane_restr      ? ? 
'X-RAY DIFFRACTION' ? 24.971 ? 249 ? f_dihedral_angle_d ? ? 
# 
loop_
_refine_ls_shell.pdbx_refine_id 
_refine_ls_shell.d_res_high 
_refine_ls_shell.d_res_low 
_refine_ls_shell.number_reflns_all 
_refine_ls_shell.number_reflns_obs 
_refine_ls_shell.number_reflns_R_free 
_refine_ls_shell.number_reflns_R_work 
_refine_ls_shell.percent_reflns_obs 
_refine_ls_shell.percent_reflns_R_free 
_refine_ls_shell.R_factor_all 
_refine_ls_shell.R_factor_obs 
_refine_ls_shell.R_factor_R_free 
_refine_ls_shell.R_factor_R_free_error 
_refine_ls_shell.R_factor_R_work 
_refine_ls_shell.redundancy_reflns_all 
_refine_ls_shell.redundancy_reflns_obs 
_refine_ls_shell.wR_factor_all 
_refine_ls_shell.wR_factor_obs 
_refine_ls_shell.wR_factor_R_free 
_refine_ls_shell.wR_factor_R_work 
_refine_ls_shell.pdbx_R_complete 
_refine_ls_shell.pdbx_total_number_of_bins_used 
_refine_ls_shell.pdbx_phase_error 
_refine_ls_shell.pdbx_fsc_work 
_refine_ls_shell.pdbx_fsc_free 
'X-RAY DIFFRACTION' 2.6114 3.2887  . . 143 1363 100.0000 . . . 0.3285 0.0000 0.3029 . . . . . . . . . . . 
'X-RAY DIFFRACTION' 3.2887 23.8090 . . 153 1366 100.0000 . . . 0.2660 0.0000 0.2244 . . . . . . . . . . . 
# 
_struct.entry_id                     7JQU 
_struct.title                        'Abeta 16-36 beta-hairpin mimic with E22G Arctic mutation' 
_struct.pdbx_model_details           ? 
_struct.pdbx_formula_weight          ? 
_struct.pdbx_formula_weight_method   ? 
_struct.pdbx_model_type_details      ? 
_struct.pdbx_CASP_flag               N 
# 
_struct_keywords.entry_id        7JQU 
_struct_keywords.text            
;Alzheimer's disease, amyloid, Abeta, oligomer, familial mutant, DE NOVO PROTEIN
;
_struct_keywords.pdbx_keywords   'DE NOVO PROTEIN' 
# 
loop_
_struct_asym.id 
_struct_asym.pdbx_blank_PDB_chainid_flag 
_struct_asym.pdbx_modified 
_struct_asym.entity_id 
_struct_asym.details 
A N N 1 ? 
B N N 1 ? 
C N N 1 ? 
D N N 2 ? 
E N N 2 ? 
F N N 2 ? 
# 
loop_
_struct_conn.id 
_struct_conn.conn_type_id 
_struct_conn.pdbx_leaving_atom_flag 
_struct_conn.pdbx_PDB_id 
_struct_conn.ptnr1_label_asym_id 
_struct_conn.ptnr1_label_comp_id 
_struct_conn.ptnr1_label_seq_id 
_struct_conn.ptnr1_label_atom_id 
_struct_conn.pdbx_ptnr1_label_alt_id 
_struct_conn.pdbx_ptnr1_PDB_ins_code 
_struct_conn.pdbx_ptnr1_standard_comp_id 
_struct_conn.ptnr1_symmetry 
_struct_conn.ptnr2_label_asym_id 
_struct_conn.ptnr2_label_comp_id 
_struct_conn.ptnr2_label_seq_id 
_struct_conn.ptnr2_label_atom_id 
_struct_conn.pdbx_ptnr2_label_alt_id 
_struct_conn.pdbx_ptnr2_PDB_ins_code 
_struct_conn.ptnr1_auth_asym_id 
_struct_conn.ptnr1_auth_comp_id 
_struct_conn.ptnr1_auth_seq_id 
_struct_conn.ptnr2_auth_asym_id 
_struct_conn.ptnr2_auth_comp_id 
_struct_conn.ptnr2_auth_seq_id 
_struct_conn.ptnr2_symmetry 
_struct_conn.pdbx_ptnr3_label_atom_id 
_struct_conn.pdbx_ptnr3_label_seq_id 
_struct_conn.pdbx_ptnr3_label_comp_id 
_struct_conn.pdbx_ptnr3_label_asym_id 
_struct_conn.pdbx_ptnr3_label_alt_id 
_struct_conn.pdbx_ptnr3_PDB_ins_code 
_struct_conn.details 
_struct_conn.pdbx_dist_value 
_struct_conn.pdbx_value_order 
_struct_conn.pdbx_role 
covale1  covale both ? A VAL 1  C ? ? ? 1_555 A ORN 2  NE ? ? A VAL 1  A ORN 2  1_555 ? ? ? ? ? ? ? 1.378 ?    ? 
covale2  covale both ? A VAL 1  N ? ? ? 1_555 A MET 16 C  ? ? A VAL 1  A MET 16 1_555 ? ? ? ? ? ? ? 1.326 sing ? 
covale3  covale both ? A ORN 2  C ? ? ? 1_555 A LYS 3  N  ? ? A ORN 2  A LYS 3  1_555 ? ? ? ? ? ? ? 1.372 ?    ? 
covale4  covale both ? A VAL 5  C ? ? ? 1_555 A MEA 6  N  ? ? A VAL 5  A MEA 6  1_555 ? ? ? ? ? ? ? 1.336 ?    ? 
covale5  covale both ? A MEA 6  C ? ? ? 1_555 A PHE 7  N  ? ? A MEA 6  A PHE 7  1_555 ? ? ? ? ? ? ? 1.327 ?    ? 
covale6  covale both ? A GLN 9  C ? ? ? 1_555 A ORN 10 NE ? ? A GLN 9  A ORN 10 1_555 ? ? ? ? ? ? ? 1.376 ?    ? 
covale7  covale both ? A ORN 10 C ? ? ? 1_555 A ALA 11 N  ? ? A ORN 10 A ALA 11 1_555 ? ? ? ? ? ? ? 1.372 ?    ? 
covale8  covale both ? B VAL 1  C ? ? ? 1_555 B ORN 2  NE ? ? B VAL 1  B ORN 2  1_555 ? ? ? ? ? ? ? 1.378 ?    ? 
covale9  covale both ? B VAL 1  N ? ? ? 1_555 B MET 16 C  ? ? B VAL 1  B MET 16 1_555 ? ? ? ? ? ? ? 1.325 sing ? 
covale10 covale both ? B ORN 2  C ? ? ? 1_555 B LYS 3  N  ? ? B ORN 2  B LYS 3  1_555 ? ? ? ? ? ? ? 1.371 ?    ? 
covale11 covale both ? B VAL 5  C ? ? ? 1_555 B MEA 6  N  ? ? B VAL 5  B MEA 6  1_555 ? ? ? ? ? ? ? 1.334 ?    ? 
covale12 covale both ? B MEA 6  C ? ? ? 1_555 B PHE 7  N  ? ? B MEA 6  B PHE 7  1_555 ? ? ? ? ? ? ? 1.329 ?    ? 
covale13 covale both ? B GLN 9  C ? ? ? 1_555 B ORN 10 NE ? ? B GLN 9  B ORN 10 1_555 ? ? ? ? ? ? ? 1.378 ?    ? 
covale14 covale both ? B ORN 10 C ? ? ? 1_555 B ALA 11 N  ? ? B ORN 10 B ALA 11 1_555 ? ? ? ? ? ? ? 1.372 ?    ? 
covale15 covale both ? C VAL 1  C ? ? ? 1_555 C ORN 2  NE ? ? C VAL 1  C ORN 2  1_555 ? ? ? ? ? ? ? 1.378 ?    ? 
covale16 covale both ? C VAL 1  N ? ? ? 1_555 C MET 16 C  ? ? C VAL 1  C MET 16 1_555 ? ? ? ? ? ? ? 1.327 sing ? 
covale17 covale both ? C ORN 2  C ? ? ? 1_555 C LYS 3  N  ? ? C ORN 2  C LYS 3  1_555 ? ? ? ? ? ? ? 1.373 ?    ? 
covale18 covale both ? C VAL 5  C ? ? ? 1_555 C MEA 6  N  ? ? C VAL 5  C MEA 6  1_555 ? ? ? ? ? ? ? 1.335 ?    ? 
covale19 covale both ? C MEA 6  C ? ? ? 1_555 C PHE 7  N  ? ? C MEA 6  C PHE 7  1_555 ? ? ? ? ? ? ? 1.329 ?    ? 
covale20 covale both ? C GLN 9  C ? ? ? 1_555 C ORN 10 NE ? ? C GLN 9  C ORN 10 1_555 ? ? ? ? ? ? ? 1.377 ?    ? 
covale21 covale both ? C ORN 10 C ? ? ? 1_555 C ALA 11 N  ? ? C ORN 10 C ALA 11 1_555 ? ? ? ? ? ? ? 1.371 ?    ? 
# 
_struct_conn_type.id          covale 
_struct_conn_type.criteria    ? 
_struct_conn_type.reference   ? 
# 
_struct_sheet.id               AA1 
_struct_sheet.type             ? 
_struct_sheet.number_strands   6 
_struct_sheet.details          ? 
# 
loop_
_struct_sheet_order.sheet_id 
_struct_sheet_order.range_id_1 
_struct_sheet_order.range_id_2 
_struct_sheet_order.offset 
_struct_sheet_order.sense 
AA1 1 2 ? anti-parallel 
AA1 1 3 ? anti-parallel 
AA1 1 5 ? anti-parallel 
AA1 3 4 ? anti-parallel 
AA1 3 5 ? anti-parallel 
AA1 5 6 ? anti-parallel 
# 
loop_
_struct_sheet_range.sheet_id 
_struct_sheet_range.id 
_struct_sheet_range.beg_label_comp_id 
_struct_sheet_range.beg_label_asym_id 
_struct_sheet_range.beg_label_seq_id 
_struct_sheet_range.pdbx_beg_PDB_ins_code 
_struct_sheet_range.end_label_comp_id 
_struct_sheet_range.end_label_asym_id 
_struct_sheet_range.end_label_seq_id 
_struct_sheet_range.pdbx_end_PDB_ins_code 
_struct_sheet_range.beg_auth_comp_id 
_struct_sheet_range.beg_auth_asym_id 
_struct_sheet_range.beg_auth_seq_id 
_struct_sheet_range.end_auth_comp_id 
_struct_sheet_range.end_auth_asym_id 
_struct_sheet_range.end_auth_seq_id 
AA1 1 LYS A 3  ? ALA A 8  ? LYS A 3  ALA A 8  
AA1 2 ILE A 12 ? LEU A 15 ? ILE A 12 LEU A 15 
AA1 3 LYS B 3  ? ALA B 8  ? LYS B 3  ALA B 8  
AA1 4 ILE B 12 ? LEU B 15 ? ILE B 12 LEU B 15 
AA1 5 LYS C 3  ? ALA C 8  ? LYS C 3  ALA C 8  
AA1 6 ILE C 12 ? LEU C 15 ? ILE C 12 LEU C 15 
# 
loop_
_pdbx_struct_sheet_hbond.sheet_id 
_pdbx_struct_sheet_hbond.range_id_1 
_pdbx_struct_sheet_hbond.range_id_2 
_pdbx_struct_sheet_hbond.range_1_label_atom_id 
_pdbx_struct_sheet_hbond.range_1_label_comp_id 
_pdbx_struct_sheet_hbond.range_1_label_asym_id 
_pdbx_struct_sheet_hbond.range_1_label_seq_id 
_pdbx_struct_sheet_hbond.range_1_PDB_ins_code 
_pdbx_struct_sheet_hbond.range_1_auth_atom_id 
_pdbx_struct_sheet_hbond.range_1_auth_comp_id 
_pdbx_struct_sheet_hbond.range_1_auth_asym_id 
_pdbx_struct_sheet_hbond.range_1_auth_seq_id 
_pdbx_struct_sheet_hbond.range_2_label_atom_id 
_pdbx_struct_sheet_hbond.range_2_label_comp_id 
_pdbx_struct_sheet_hbond.range_2_label_asym_id 
_pdbx_struct_sheet_hbond.range_2_label_seq_id 
_pdbx_struct_sheet_hbond.range_2_PDB_ins_code 
_pdbx_struct_sheet_hbond.range_2_auth_atom_id 
_pdbx_struct_sheet_hbond.range_2_auth_comp_id 
_pdbx_struct_sheet_hbond.range_2_auth_asym_id 
_pdbx_struct_sheet_hbond.range_2_auth_seq_id 
AA1 1 2 N PHE A 7 ? N PHE A 7 O ILE A 13 ? O ILE A 13 
AA1 1 3 N LEU A 4 ? N LEU A 4 O MEA B 6  ? O MEA B 6  
AA1 1 5 N MEA A 6 ? N MEA A 6 O LEU C 4  ? O LEU C 4  
AA1 3 4 N PHE B 7 ? N PHE B 7 O ILE B 13 ? O ILE B 13 
AA1 3 5 N LEU B 4 ? N LEU B 4 O MEA C 6  ? O MEA C 6  
AA1 5 6 N VAL C 5 ? N VAL C 5 O LEU C 15 ? O LEU C 15 
# 
_atom_sites.entry_id                    7JQU 
_atom_sites.Cartn_transf_matrix[1][1]   ? 
_atom_sites.Cartn_transf_matrix[1][2]   ? 
_atom_sites.Cartn_transf_matrix[1][3]   ? 
_atom_sites.Cartn_transf_matrix[2][1]   ? 
_atom_sites.Cartn_transf_matrix[2][2]   ? 
_atom_sites.Cartn_transf_matrix[2][3]   ? 
_atom_sites.Cartn_transf_matrix[3][1]   ? 
_atom_sites.Cartn_transf_matrix[3][2]   ? 
_atom_sites.Cartn_transf_matrix[3][3]   ? 
_atom_sites.Cartn_transf_vector[1]      ? 
_atom_sites.Cartn_transf_vector[2]      ? 
_atom_sites.Cartn_transf_vector[3]      ? 
_atom_sites.fract_transf_matrix[1][1]   -0.00761448 
_atom_sites.fract_transf_matrix[1][2]   0.01183112 
_atom_sites.fract_transf_matrix[1][3]   -0.00475044 
_atom_sites.fract_transf_matrix[2][1]   -0.00052723 
_atom_sites.fract_transf_matrix[2][2]   0.00523627 
_atom_sites.fract_transf_matrix[2][3]   0.01388618 
_atom_sites.fract_transf_matrix[3][1]   0.01273830 
_atom_sites.fract_transf_matrix[3][2]   0.00728893 
_atom_sites.fract_transf_matrix[3][3]   -0.00226490 
_atom_sites.fract_transf_vector[1]      0.156873 
_atom_sites.fract_transf_vector[2]      0.261179 
_atom_sites.fract_transf_vector[3]      0.500385 
_atom_sites.solution_primary            ? 
_atom_sites.solution_secondary          ? 
_atom_sites.solution_hydrogens          ? 
_atom_sites.special_details             ? 
# 
loop_
_atom_type.symbol 
C 
H 
N 
O 
S 
# 
loop_
_atom_site.group_PDB 
_atom_site.id 
_atom_site.type_symbol 
_atom_site.label_atom_id 
_atom_site.label_alt_id 
_atom_site.label_comp_id 
_atom_site.label_asym_id 
_atom_site.label_entity_id 
_atom_site.label_seq_id 
_atom_site.pdbx_PDB_ins_code 
_atom_site.Cartn_x 
_atom_site.Cartn_y 
_atom_site.Cartn_z 
_atom_site.occupancy 
_atom_site.B_iso_or_equiv 
_atom_site.pdbx_formal_charge 
_atom_site.auth_seq_id 
_atom_site.auth_comp_id 
_atom_site.auth_asym_id 
_atom_site.auth_atom_id 
_atom_site.pdbx_PDB_model_num 
ATOM   1   N N    . VAL A 1 1  ? 11.833  0.963   0.920   1.00 64.06  ? 1   VAL A N    1 
ATOM   2   C CA   . VAL A 1 1  ? 12.432  0.121   1.946   1.00 63.17  ? 1   VAL A CA   1 
ATOM   3   C C    . VAL A 1 1  ? 12.923  -1.160  1.278   1.00 67.83  ? 1   VAL A C    1 
ATOM   4   O O    . VAL A 1 1  ? 12.426  -2.254  1.557   1.00 68.99  ? 1   VAL A O    1 
ATOM   5   C CB   . VAL A 1 1  ? 11.440  -0.182  3.087   1.00 58.05  ? 1   VAL A CB   1 
ATOM   6   C CG1  . VAL A 1 1  ? 12.154  -0.851  4.247   1.00 56.39  ? 1   VAL A CG1  1 
ATOM   7   C CG2  . VAL A 1 1  ? 10.752  1.092   3.553   1.00 56.70  ? 1   VAL A CG2  1 
ATOM   8   H H1   . VAL A 1 1  ? 11.314  0.540   0.379   1.00 49.12  ? 1   VAL A H1   1 
ATOM   9   H HA   . VAL A 1 1  ? 13.199  0.577   2.325   1.00 70.26  ? 1   VAL A HA   1 
ATOM   10  H HB   . VAL A 1 1  ? 10.758  -0.791  2.761   1.00 57.56  ? 1   VAL A HB   1 
ATOM   11  H HG11 . VAL A 1 1  ? 11.512  -1.032  4.951   1.00 60.80  ? 1   VAL A HG11 1 
ATOM   12  H HG12 . VAL A 1 1  ? 12.549  -1.681  3.937   1.00 60.80  ? 1   VAL A HG12 1 
ATOM   13  H HG13 . VAL A 1 1  ? 12.847  -0.257  4.575   1.00 60.80  ? 1   VAL A HG13 1 
ATOM   14  H HG21 . VAL A 1 1  ? 10.135  0.874   4.269   1.00 48.19  ? 1   VAL A HG21 1 
ATOM   15  H HG22 . VAL A 1 1  ? 11.424  1.714   3.874   1.00 48.19  ? 1   VAL A HG22 1 
ATOM   16  H HG23 . VAL A 1 1  ? 10.270  1.483   2.807   1.00 48.19  ? 1   VAL A HG23 1 
HETATM 17  N N    . ORN A 1 2  ? 12.052  -4.429  -2.918  1.00 73.68  ? 2   ORN A N    1 
HETATM 18  C CA   . ORN A 1 2  ? 11.859  -3.562  -1.719  1.00 68.25  ? 2   ORN A CA   1 
HETATM 19  C CB   . ORN A 1 2  ? 12.477  -2.174  -1.954  1.00 68.38  ? 2   ORN A CB   1 
HETATM 20  C CG   . ORN A 1 2  ? 14.011  -2.143  -1.832  1.00 67.12  ? 2   ORN A CG   1 
HETATM 21  C CD   . ORN A 1 2  ? 14.487  -2.136  -0.372  1.00 64.25  ? 2   ORN A CD   1 
HETATM 22  N NE   . ORN A 1 2  ? 13.928  -1.004  0.348   1.00 60.97  ? 2   ORN A NE   1 
HETATM 23  C C    . ORN A 1 2  ? 10.364  -3.409  -1.389  1.00 66.72  ? 2   ORN A C    1 
HETATM 24  O O    . ORN A 1 2  ? 9.488   -3.594  -2.235  1.00 69.09  ? 2   ORN A O    1 
HETATM 25  H H2   . ORN A 1 2  ? 13.012  -4.761  -3.028  1.00 93.30  ? 2   ORN A H2   1 
HETATM 26  H H    . ORN A 1 2  ? 11.472  -5.272  -2.905  1.00 93.30  ? 2   ORN A H    1 
HETATM 27  H HA   . ORN A 1 2  ? 12.327  -4.095  -0.887  1.00 83.00  ? 2   ORN A HA   1 
HETATM 28  H HB2  . ORN A 1 2  ? 12.072  -1.475  -1.209  1.00 84.92  ? 2   ORN A HB2  1 
HETATM 29  H HB3  . ORN A 1 2  ? 12.211  -1.844  -2.968  1.00 84.92  ? 2   ORN A HB3  1 
HETATM 30  H HG2  . ORN A 1 2  ? 14.387  -1.242  -2.328  1.00 84.46  ? 2   ORN A HG2  1 
HETATM 31  H HG3  . ORN A 1 2  ? 14.424  -3.022  -2.339  1.00 84.46  ? 2   ORN A HG3  1 
HETATM 32  H HD2  . ORN A 1 2  ? 15.578  -2.050  -0.360  1.00 84.36  ? 2   ORN A HD2  1 
HETATM 33  H HD3  . ORN A 1 2  ? 14.165  -3.062  0.112   1.00 84.36  ? 2   ORN A HD3  1 
HETATM 34  H HE1  . ORN A 1 2  ? 14.328  -0.095  0.122   1.00 80.59  ? 2   ORN A HE1  1 
ATOM   35  N N    . LYS A 1 3  ? 10.088  -3.051  -0.094  1.00 66.62  ? 3   LYS A N    1 
ATOM   36  C CA   . LYS A 1 3  ? 8.726   -2.860  0.382   1.00 62.41  ? 3   LYS A CA   1 
ATOM   37  C C    . LYS A 1 3  ? 8.267   -1.429  0.120   1.00 62.14  ? 3   LYS A C    1 
ATOM   38  O O    . LYS A 1 3  ? 9.041   -0.487  0.285   1.00 61.03  ? 3   LYS A O    1 
ATOM   39  C CB   . LYS A 1 3  ? 8.646   -3.175  1.874   1.00 60.26  ? 3   LYS A CB   1 
ATOM   40  C CG   . LYS A 1 3  ? 7.243   -3.330  2.414   1.00 58.73  ? 3   LYS A CG   1 
ATOM   41  C CD   . LYS A 1 3  ? 7.280   -3.544  3.921   1.00 58.00  ? 3   LYS A CD   1 
ATOM   42  C CE   . LYS A 1 3  ? 6.037   -4.263  4.429   1.00 57.86  ? 3   LYS A CE   1 
ATOM   43  N NZ   . LYS A 1 3  ? 4.968   -3.325  4.878   1.00 55.38  1 3   LYS A NZ   1 
ATOM   44  H H    . LYS A 1 3  ? 10.688  -2.916  0.507   1.00 70.65  ? 3   LYS A H    1 
ATOM   45  H HA   . LYS A 1 3  ? 8.131   -3.463  -0.090  1.00 61.41  ? 3   LYS A HA   1 
ATOM   46  H HB2  . LYS A 1 3  ? 9.116   -4.007  2.040   1.00 69.09  ? 3   LYS A HB2  1 
ATOM   47  H HB3  . LYS A 1 3  ? 9.072   -2.457  2.366   1.00 69.09  ? 3   LYS A HB3  1 
ATOM   48  H HG2  . LYS A 1 3  ? 6.733   -2.525  2.230   1.00 71.61  ? 3   LYS A HG2  1 
ATOM   49  H HG3  . LYS A 1 3  ? 6.819   -4.101  2.004   1.00 71.61  ? 3   LYS A HG3  1 
ATOM   50  H HD2  . LYS A 1 3  ? 8.054   -4.084  4.146   1.00 79.82  ? 3   LYS A HD2  1 
ATOM   51  H HD3  . LYS A 1 3  ? 7.333   -2.682  4.364   1.00 79.82  ? 3   LYS A HD3  1 
ATOM   52  H HE2  . LYS A 1 3  ? 5.675   -4.811  3.715   1.00 81.14  ? 3   LYS A HE2  1 
ATOM   53  H HE3  . LYS A 1 3  ? 6.282   -4.820  5.184   1.00 81.14  ? 3   LYS A HE3  1 
ATOM   54  H HZ1  . LYS A 1 3  ? 4.262   -3.784  5.166   1.00 80.85  ? 3   LYS A HZ1  1 
ATOM   55  H HZ2  . LYS A 1 3  ? 5.271   -2.813  5.540   1.00 80.85  ? 3   LYS A HZ2  1 
ATOM   56  H HZ3  . LYS A 1 3  ? 4.718   -2.804  4.200   1.00 80.85  ? 3   LYS A HZ3  1 
ATOM   57  N N    . LEU A 1 4  ? 7.012   -1.270  -0.290  1.00 54.43  ? 4   LEU A N    1 
ATOM   58  C CA   . LEU A 1 4  ? 6.416   0.043   -0.503  1.00 53.88  ? 4   LEU A CA   1 
ATOM   59  C C    . LEU A 1 4  ? 5.584   0.420   0.716   1.00 50.35  ? 4   LEU A C    1 
ATOM   60  O O    . LEU A 1 4  ? 4.604   -0.259  1.039   1.00 49.50  ? 4   LEU A O    1 
ATOM   61  C CB   . LEU A 1 4  ? 5.546   0.057   -1.759  1.00 54.91  ? 4   LEU A CB   1 
ATOM   62  C CG   . LEU A 1 4  ? 6.282   0.041   -3.097  1.00 58.38  ? 4   LEU A CG   1 
ATOM   63  C CD1  . LEU A 1 4  ? 5.283   -0.160  -4.216  1.00 59.61  ? 4   LEU A CD1  1 
ATOM   64  C CD2  . LEU A 1 4  ? 7.075   1.324   -3.307  1.00 59.74  ? 4   LEU A CD2  1 
ATOM   65  H H    . LEU A 1 4  ? 6.476   -1.922  -0.455  1.00 55.11  ? 4   LEU A H    1 
ATOM   66  H HA   . LEU A 1 4  ? 7.119   0.702   -0.610  1.00 52.36  ? 4   LEU A HA   1 
ATOM   67  H HB2  . LEU A 1 4  ? 4.971   -0.723  -1.738  1.00 44.54  ? 4   LEU A HB2  1 
ATOM   68  H HB3  . LEU A 1 4  ? 5.001   0.859   -1.741  1.00 44.54  ? 4   LEU A HB3  1 
ATOM   69  H HG   . LEU A 1 4  ? 6.904   -0.704  -3.109  1.00 51.58  ? 4   LEU A HG   1 
ATOM   70  H HD11 . LEU A 1 4  ? 5.756   -0.170  -5.063  1.00 54.76  ? 4   LEU A HD11 1 
ATOM   71  H HD12 . LEU A 1 4  ? 4.826   -1.005  -4.082  1.00 54.76  ? 4   LEU A HD12 1 
ATOM   72  H HD13 . LEU A 1 4  ? 4.643   0.568   -4.202  1.00 54.76  ? 4   LEU A HD13 1 
ATOM   73  H HD21 . LEU A 1 4  ? 7.527   1.279   -4.164  1.00 46.03  ? 4   LEU A HD21 1 
ATOM   74  H HD22 . LEU A 1 4  ? 6.464   2.078   -3.295  1.00 46.03  ? 4   LEU A HD22 1 
ATOM   75  H HD23 . LEU A 1 4  ? 7.725   1.413   -2.593  1.00 46.03  ? 4   LEU A HD23 1 
ATOM   76  N N    . VAL A 1 5  ? 5.970   1.506   1.377   1.00 53.50  ? 5   VAL A N    1 
ATOM   77  C CA   . VAL A 1 5  ? 5.235   2.009   2.529   1.00 51.64  ? 5   VAL A CA   1 
ATOM   78  C C    . VAL A 1 5  ? 4.403   3.221   2.097   1.00 53.33  ? 5   VAL A C    1 
ATOM   79  O O    . VAL A 1 5  ? 4.963   4.201   1.610   1.00 55.63  ? 5   VAL A O    1 
ATOM   80  C CB   . VAL A 1 5  ? 6.195   2.372   3.679   1.00 51.49  ? 5   VAL A CB   1 
ATOM   81  C CG1  . VAL A 1 5  ? 5.421   2.807   4.916   1.00 50.84  ? 5   VAL A CG1  1 
ATOM   82  C CG2  . VAL A 1 5  ? 7.096   1.193   4.002   1.00 49.75  ? 5   VAL A CG2  1 
ATOM   83  H H    . VAL A 1 5  ? 6.662   1.974   1.174   1.00 46.41  ? 5   VAL A H    1 
ATOM   84  H HA   . VAL A 1 5  ? 4.627   1.322   2.846   1.00 37.72  ? 5   VAL A HA   1 
ATOM   85  H HB   . VAL A 1 5  ? 6.757   3.111   3.401   1.00 55.47  ? 5   VAL A HB   1 
ATOM   86  H HG11 . VAL A 1 5  ? 6.049   3.027   5.620   1.00 61.26  ? 5   VAL A HG11 1 
ATOM   87  H HG12 . VAL A 1 5  ? 4.884   3.584   4.695   1.00 61.26  ? 5   VAL A HG12 1 
ATOM   88  H HG13 . VAL A 1 5  ? 4.846   2.078   5.201   1.00 61.26  ? 5   VAL A HG13 1 
ATOM   89  H HG21 . VAL A 1 5  ? 7.693   1.440   4.726   1.00 55.47  ? 5   VAL A HG21 1 
ATOM   90  H HG22 . VAL A 1 5  ? 6.547   0.439   4.268   1.00 55.47  ? 5   VAL A HG22 1 
ATOM   91  H HG23 . VAL A 1 5  ? 7.612   0.964   3.213   1.00 55.47  ? 5   VAL A HG23 1 
HETATM 92  C C1   . MEA A 1 6  ? 2.533   2.652   3.476   1.00 53.91  ? 6   MEA A C1   1 
HETATM 93  N N    . MEA A 1 6  ? 3.080   3.174   2.275   1.00 51.53  ? 6   MEA A N    1 
HETATM 94  C CA   . MEA A 1 6  ? 2.233   4.239   1.741   1.00 54.11  ? 6   MEA A CA   1 
HETATM 95  C C    . MEA A 1 6  ? 1.755   5.268   2.807   1.00 55.30  ? 6   MEA A C    1 
HETATM 96  O O    . MEA A 1 6  ? 1.186   4.913   3.858   1.00 53.12  ? 6   MEA A O    1 
HETATM 97  C CB   . MEA A 1 6  ? 1.047   3.688   1.078   1.00 53.63  ? 6   MEA A CB   1 
HETATM 98  C CG   . MEA A 1 6  ? 1.408   3.144   -0.311  1.00 54.81  ? 6   MEA A CG   1 
HETATM 99  C CD1  . MEA A 1 6  ? 1.582   1.781   -0.499  1.00 53.23  ? 6   MEA A CD1  1 
HETATM 100 C CE1  . MEA A 1 6  ? 1.904   1.290   -1.762  1.00 55.12  ? 6   MEA A CE1  1 
HETATM 101 C CZ   . MEA A 1 6  ? 2.048   2.170   -2.833  1.00 58.16  ? 6   MEA A CZ   1 
HETATM 102 C CE2  . MEA A 1 6  ? 1.867   3.544   -2.643  1.00 59.68  ? 6   MEA A CE2  1 
HETATM 103 C CD2  . MEA A 1 6  ? 1.549   4.032   -1.394  1.00 58.29  ? 6   MEA A CD2  1 
HETATM 104 H HC1  . MEA A 1 6  ? 1.541   2.620   3.402   1.00 58.63  ? 6   MEA A HC1  1 
HETATM 105 H HC2  . MEA A 1 6  ? 2.788   3.230   4.230   1.00 58.63  ? 6   MEA A HC2  1 
HETATM 106 H HC3  . MEA A 1 6  ? 2.883   1.730   3.628   1.00 58.63  ? 6   MEA A HC3  1 
HETATM 107 H HA   . MEA A 1 6  ? 2.760   4.730   1.061   1.00 35.41  ? 6   MEA A HA   1 
HETATM 108 H HB1  . MEA A 1 6  ? 0.372   4.398   0.982   1.00 24.61  ? 6   MEA A HB1  1 
HETATM 109 H HB2  . MEA A 1 6  ? 0.674   2.958   1.629   1.00 24.61  ? 6   MEA A HB2  1 
HETATM 110 H HD1  . MEA A 1 6  ? 1.482   1.169   0.249   1.00 28.54  ? 6   MEA A HD1  1 
HETATM 111 H HE1  . MEA A 1 6  ? 2.032   0.322   -1.899  1.00 29.50  ? 6   MEA A HE1  1 
HETATM 112 H HZ   . MEA A 1 6  ? 2.278   1.820   -3.734  1.00 22.54  ? 6   MEA A HZ   1 
HETATM 113 H HE2  . MEA A 1 6  ? 1.968   4.149   -3.385  1.00 27.30  ? 6   MEA A HE2  1 
HETATM 114 H HD2  . MEA A 1 6  ? 1.469   5.005   -1.482  1.00 25.13  ? 6   MEA A HD2  1 
ATOM   115 N N    . PHE A 1 7  ? 1.973   6.543   2.511   1.00 57.16  ? 7   PHE A N    1 
ATOM   116 C CA   . PHE A 1 7  ? 1.496   7.624   3.363   1.00 60.28  ? 7   PHE A CA   1 
ATOM   117 C C    . PHE A 1 7  ? 0.575   8.553   2.586   1.00 65.41  ? 7   PHE A C    1 
ATOM   118 O O    . PHE A 1 7  ? 0.676   8.664   1.366   1.00 69.04  ? 7   PHE A O    1 
ATOM   119 C CB   . PHE A 1 7  ? 2.665   8.423   3.932   1.00 62.89  ? 7   PHE A CB   1 
ATOM   120 C CG   . PHE A 1 7  ? 3.481   7.675   4.937   1.00 59.17  ? 7   PHE A CG   1 
ATOM   121 C CD1  . PHE A 1 7  ? 4.531   6.871   4.535   1.00 56.30  ? 7   PHE A CD1  1 
ATOM   122 C CD2  . PHE A 1 7  ? 3.206   7.786   6.288   1.00 59.01  ? 7   PHE A CD2  1 
ATOM   123 C CE1  . PHE A 1 7  ? 5.289   6.190   5.460   1.00 53.61  ? 7   PHE A CE1  1 
ATOM   124 C CE2  . PHE A 1 7  ? 3.961   7.107   7.217   1.00 56.60  ? 7   PHE A CE2  1 
ATOM   125 C CZ   . PHE A 1 7  ? 5.006   6.307   6.802   1.00 54.57  ? 7   PHE A CZ   1 
ATOM   126 H H    . PHE A 1 7  ? 2.400   6.812   1.814   1.00 31.38  ? 7   PHE A H    1 
ATOM   127 H HA   . PHE A 1 7  ? 0.994   7.250   4.105   1.00 39.96  ? 7   PHE A HA   1 
ATOM   128 H HB2  . PHE A 1 7  ? 3.253   8.677   3.204   1.00 35.75  ? 7   PHE A HB2  1 
ATOM   129 H HB3  . PHE A 1 7  ? 2.318   9.218   4.367   1.00 35.75  ? 7   PHE A HB3  1 
ATOM   130 H HD1  . PHE A 1 7  ? 4.728   6.790   3.629   1.00 30.96  ? 7   PHE A HD1  1 
ATOM   131 H HD2  . PHE A 1 7  ? 2.505   8.326   6.571   1.00 38.16  ? 7   PHE A HD2  1 
ATOM   132 H HE1  . PHE A 1 7  ? 5.993   5.650   5.179   1.00 36.58  ? 7   PHE A HE1  1 
ATOM   133 H HE2  . PHE A 1 7  ? 3.766   7.187   8.124   1.00 42.19  ? 7   PHE A HE2  1 
ATOM   134 H HZ   . PHE A 1 7  ? 5.515   5.846   7.429   1.00 41.04  ? 7   PHE A HZ   1 
ATOM   135 N N    . ALA A 1 8  ? -0.321  9.223   3.303   1.00 65.88  ? 8   ALA A N    1 
ATOM   136 C CA   . ALA A 1 8  ? -1.238  10.188  2.714   1.00 74.04  ? 8   ALA A CA   1 
ATOM   137 C C    . ALA A 1 8  ? -1.158  11.490  3.494   1.00 82.38  ? 8   ALA A C    1 
ATOM   138 O O    . ALA A 1 8  ? -1.023  11.478  4.722   1.00 82.07  ? 8   ALA A O    1 
ATOM   139 C CB   . ALA A 1 8  ? -2.670  9.654   2.711   1.00 71.80  ? 8   ALA A CB   1 
ATOM   140 H H    . ALA A 1 8  ? -0.419  9.132   4.153   1.00 63.85  ? 8   ALA A H    1 
ATOM   141 H HA   . ALA A 1 8  ? -0.974  10.363  1.797   1.00 84.14  ? 8   ALA A HA   1 
ATOM   142 H HB1  . ALA A 1 8  ? -3.254  10.319  2.313   1.00 86.16  ? 8   ALA A HB1  1 
ATOM   143 H HB2  . ALA A 1 8  ? -2.701  8.834   2.194   1.00 86.16  ? 8   ALA A HB2  1 
ATOM   144 H HB3  . ALA A 1 8  ? -2.943  9.479   3.626   1.00 86.16  ? 8   ALA A HB3  1 
ATOM   145 N N    . GLN A 1 9  ? -1.240  12.608  2.781   1.00 77.99  ? 9   GLN A N    1 
ATOM   146 C CA   . GLN A 1 9  ? -1.070  13.917  3.402   1.00 88.36  ? 9   GLN A CA   1 
ATOM   147 C C    . GLN A 1 9  ? -1.895  14.999  2.706   1.00 93.95  ? 9   GLN A C    1 
ATOM   148 O O    . GLN A 1 9  ? -1.481  15.565  1.694   1.00 95.14  ? 9   GLN A O    1 
ATOM   149 C CB   . GLN A 1 9  ? 0.410   14.302  3.396   1.00 89.71  ? 9   GLN A CB   1 
ATOM   150 C CG   . GLN A 1 9  ? 0.996   14.465  1.994   1.00 89.32  ? 9   GLN A CG   1 
ATOM   151 C CD   . GLN A 1 9  ? 2.270   13.683  1.779   1.00 87.86  ? 9   GLN A CD   1 
ATOM   152 O OE1  . GLN A 1 9  ? 2.815   13.083  2.706   1.00 88.55  ? 9   GLN A OE1  1 
ATOM   153 N NE2  . GLN A 1 9  ? 2.753   13.682  0.545   1.00 85.52  ? 9   GLN A NE2  1 
ATOM   154 H H    . GLN A 1 9  ? -1.393  12.636  1.935   1.00 115.20 ? 9   GLN A H    1 
ATOM   155 H HA   . GLN A 1 9  ? -1.363  13.867  4.326   1.00 134.22 ? 9   GLN A HA   1 
ATOM   156 H HB2  . GLN A 1 9  ? 0.515   15.146  3.862   1.00 129.55 ? 9   GLN A HB2  1 
ATOM   157 H HB3  . GLN A 1 9  ? 0.915   13.610  3.850   1.00 129.55 ? 9   GLN A HB3  1 
ATOM   158 H HG2  . GLN A 1 9  ? 0.345   14.158  1.344   1.00 133.74 ? 9   GLN A HG2  1 
ATOM   159 H HG3  . GLN A 1 9  ? 1.194   15.403  1.845   1.00 133.74 ? 9   GLN A HG3  1 
ATOM   160 H HE21 . GLN A 1 9  ? 2.343   14.111  -0.078  1.00 139.09 ? 9   GLN A HE21 1 
ATOM   161 H HE22 . GLN A 1 9  ? 3.476   13.253  0.365   1.00 139.09 ? 9   GLN A HE22 1 
HETATM 162 N N    . ORN A 1 10 ? -4.685  16.353  -1.195  1.00 95.81  ? 10  ORN A N    1 
HETATM 163 C CA   . ORN A 1 10 ? -3.727  15.491  -0.438  1.00 93.12  ? 10  ORN A CA   1 
HETATM 164 C CB   . ORN A 1 10 ? -4.455  14.758  0.706   1.00 93.36  ? 10  ORN A CB   1 
HETATM 165 C CG   . ORN A 1 10 ? -5.043  15.694  1.785   1.00 99.73  ? 10  ORN A CG   1 
HETATM 166 C CD   . ORN A 1 10 ? -3.977  16.317  2.710   1.00 104.25 ? 10  ORN A CD   1 
HETATM 167 N NE   . ORN A 1 10 ? -3.108  15.301  3.280   1.00 101.74 ? 10  ORN A NE   1 
HETATM 168 C C    . ORN A 1 10 ? -3.065  14.457  -1.384  1.00 86.45  ? 10  ORN A C    1 
HETATM 169 O O    . ORN A 1 10 ? -3.730  13.779  -2.175  1.00 84.61  ? 10  ORN A O    1 
HETATM 170 H H2   . ORN A 1 10 ? -5.562  15.879  -1.426  1.00 135.79 ? 10  ORN A H2   1 
HETATM 171 H H    . ORN A 1 10 ? -4.957  17.198  -0.688  1.00 135.79 ? 10  ORN A H    1 
HETATM 172 H HA   . ORN A 1 10 ? -2.943  16.162  -0.075  1.00 136.77 ? 10  ORN A HA   1 
HETATM 173 H HB2  . ORN A 1 10 ? -3.750  14.077  1.203   1.00 145.10 ? 10  ORN A HB2  1 
HETATM 174 H HB3  . ORN A 1 10 ? -5.291  14.190  0.271   1.00 145.10 ? 10  ORN A HB3  1 
HETATM 175 H HG2  . ORN A 1 10 ? -5.591  16.500  1.286   1.00 152.78 ? 10  ORN A HG2  1 
HETATM 176 H HG3  . ORN A 1 10 ? -5.745  15.123  2.402   1.00 152.78 ? 10  ORN A HG3  1 
HETATM 177 H HD2  . ORN A 1 10 ? -3.371  17.017  2.128   1.00 157.57 ? 10  ORN A HD2  1 
HETATM 178 H HD3  . ORN A 1 10 ? -4.486  16.834  3.528   1.00 157.57 ? 10  ORN A HD3  1 
HETATM 179 H HE1  . ORN A 1 10 ? -3.453  14.837  4.118   1.00 161.05 ? 10  ORN A HE1  1 
ATOM   180 N N    . ALA A 1 11 ? -1.700  14.347  -1.287  1.00 85.36  ? 11  ALA A N    1 
ATOM   181 C CA   . ALA A 1 11 ? -0.952  13.416  -2.120  1.00 81.58  ? 11  ALA A CA   1 
ATOM   182 C C    . ALA A 1 11 ? -0.644  12.125  -1.378  1.00 73.79  ? 11  ALA A C    1 
ATOM   183 O O    . ALA A 1 11 ? -0.432  12.126  -0.166  1.00 75.05  ? 11  ALA A O    1 
ATOM   184 C CB   . ALA A 1 11 ? 0.334   14.058  -2.602  1.00 84.46  ? 11  ALA A CB   1 
ATOM   185 H H    . ALA A 1 11 ? -1.213  14.807  -0.746  1.00 118.14 ? 11  ALA A H    1 
ATOM   186 H HA   . ALA A 1 11 ? -1.485  13.192  -2.899  1.00 117.67 ? 11  ALA A HA   1 
ATOM   187 H HB1  . ALA A 1 11 ? 0.817   13.423  -3.154  1.00 125.67 ? 11  ALA A HB1  1 
ATOM   188 H HB2  . ALA A 1 11 ? 0.117   14.849  -3.119  1.00 125.67 ? 11  ALA A HB2  1 
ATOM   189 H HB3  . ALA A 1 11 ? 0.872   14.303  -1.832  1.00 125.67 ? 11  ALA A HB3  1 
ATOM   190 N N    . ILE A 1 12 ? -0.628  11.024  -2.122  1.00 74.98  ? 12  ILE A N    1 
ATOM   191 C CA   . ILE A 1 12 ? -0.195  9.728   -1.615  1.00 67.66  ? 12  ILE A CA   1 
ATOM   192 C C    . ILE A 1 12 ? 1.262   9.537   -2.011  1.00 65.17  ? 12  ILE A C    1 
ATOM   193 O O    . ILE A 1 12 ? 1.627   9.748   -3.174  1.00 65.47  ? 12  ILE A O    1 
ATOM   194 C CB   . ILE A 1 12 ? -1.068  8.590   -2.168  1.00 63.62  ? 12  ILE A CB   1 
ATOM   195 C CG1  . ILE A 1 12 ? -2.557  8.921   -2.024  1.00 65.04  ? 12  ILE A CG1  1 
ATOM   196 C CG2  . ILE A 1 12 ? -0.737  7.282   -1.471  1.00 60.21  ? 12  ILE A CG2  1 
ATOM   197 C CD1  . ILE A 1 12 ? -3.009  9.182   -0.604  1.00 65.46  ? 12  ILE A CD1  1 
ATOM   198 H H    . ILE A 1 12 ? -0.871  11.003  -2.947  1.00 87.43  ? 12  ILE A H    1 
ATOM   199 H HA   . ILE A 1 12 ? -0.254  9.721   -0.647  1.00 69.69  ? 12  ILE A HA   1 
ATOM   200 H HB   . ILE A 1 12 ? -0.870  8.488   -3.113  1.00 63.58  ? 12  ILE A HB   1 
ATOM   201 H HG12 . ILE A 1 12 ? -2.749  9.717   -2.545  1.00 51.14  ? 12  ILE A HG12 1 
ATOM   202 H HG13 . ILE A 1 12 ? -3.075  8.175   -2.364  1.00 51.14  ? 12  ILE A HG13 1 
ATOM   203 H HG21 . ILE A 1 12 ? -1.298  6.580   -1.835  1.00 55.69  ? 12  ILE A HG21 1 
ATOM   204 H HG22 . ILE A 1 12 ? 0.197   7.071   -1.622  1.00 55.69  ? 12  ILE A HG22 1 
ATOM   205 H HG23 . ILE A 1 12 ? -0.904  7.380   -0.520  1.00 55.69  ? 12  ILE A HG23 1 
ATOM   206 H HD11 . ILE A 1 12 ? -3.957  9.382   -0.607  1.00 51.51  ? 12  ILE A HD11 1 
ATOM   207 H HD12 . ILE A 1 12 ? -2.838  8.392   -0.069  1.00 51.51  ? 12  ILE A HD12 1 
ATOM   208 H HD13 . ILE A 1 12 ? -2.512  9.936   -0.249  1.00 51.51  ? 12  ILE A HD13 1 
ATOM   209 N N    . ILE A 1 13 ? 2.096   9.145   -1.054  1.00 62.12  ? 13  ILE A N    1 
ATOM   210 C CA   . ILE A 1 13 ? 3.510   8.890   -1.304  1.00 60.82  ? 13  ILE A CA   1 
ATOM   211 C C    . ILE A 1 13 ? 3.808   7.452   -0.910  1.00 57.61  ? 13  ILE A C    1 
ATOM   212 O O    . ILE A 1 13 ? 3.536   7.043   0.225   1.00 56.21  ? 13  ILE A O    1 
ATOM   213 C CB   . ILE A 1 13 ? 4.417   9.874   -0.546  1.00 63.11  ? 13  ILE A CB   1 
ATOM   214 C CG1  . ILE A 1 13 ? 4.447   11.215  -1.285  1.00 67.44  ? 13  ILE A CG1  1 
ATOM   215 C CG2  . ILE A 1 13 ? 5.830   9.300   -0.388  1.00 62.98  ? 13  ILE A CG2  1 
ATOM   216 C CD1  . ILE A 1 13 ? 5.454   12.222  -0.744  1.00 71.95  ? 13  ILE A CD1  1 
ATOM   217 H H    . ILE A 1 13 ? 1.862   9.017   -0.237  1.00 48.42  ? 13  ILE A H    1 
ATOM   218 H HA   . ILE A 1 13 ? 3.688   8.986   -2.253  1.00 44.33  ? 13  ILE A HA   1 
ATOM   219 H HB   . ILE A 1 13 ? 4.044   10.017  0.338   1.00 59.16  ? 13  ILE A HB   1 
ATOM   220 H HG12 . ILE A 1 13 ? 4.667   11.050  -2.215  1.00 68.41  ? 13  ILE A HG12 1 
ATOM   221 H HG13 . ILE A 1 13 ? 3.567   11.619  -1.226  1.00 68.41  ? 13  ILE A HG13 1 
ATOM   222 H HG21 . ILE A 1 13 ? 6.378   9.940   0.092   1.00 65.54  ? 13  ILE A HG21 1 
ATOM   223 H HG22 . ILE A 1 13 ? 5.780   8.468   0.108   1.00 65.54  ? 13  ILE A HG22 1 
ATOM   224 H HG23 . ILE A 1 13 ? 6.205   9.137   -1.269  1.00 65.54  ? 13  ILE A HG23 1 
ATOM   225 H HD11 . ILE A 1 13 ? 5.400   13.035  -1.271  1.00 76.03  ? 13  ILE A HD11 1 
ATOM   226 H HD12 . ILE A 1 13 ? 5.242   12.413  0.183   1.00 76.03  ? 13  ILE A HD12 1 
ATOM   227 H HD13 . ILE A 1 13 ? 6.344   11.843  -0.809  1.00 76.03  ? 13  ILE A HD13 1 
ATOM   228 N N    . GLY A 1 14 ? 4.361   6.690   -1.849  1.00 56.09  ? 14  GLY A N    1 
ATOM   229 C CA   . GLY A 1 14 ? 4.846   5.355   -1.572  1.00 54.14  ? 14  GLY A CA   1 
ATOM   230 C C    . GLY A 1 14 ? 6.358   5.320   -1.591  1.00 54.42  ? 14  GLY A C    1 
ATOM   231 O O    . GLY A 1 14 ? 6.972   5.482   -2.649  1.00 55.98  ? 14  GLY A O    1 
ATOM   232 H H    . GLY A 1 14 ? 4.466   6.934   -2.667  1.00 31.85  ? 14  GLY A H    1 
ATOM   233 H HA2  . GLY A 1 14 ? 4.537   5.068   -0.698  1.00 21.42  ? 14  GLY A HA2  1 
ATOM   234 H HA3  . GLY A 1 14 ? 4.510   4.737   -2.241  1.00 21.42  ? 14  GLY A HA3  1 
ATOM   235 N N    . LEU A 1 15 ? 6.973   5.127   -0.429  1.00 53.89  ? 15  LEU A N    1 
ATOM   236 C CA   . LEU A 1 15 ? 8.423   5.145   -0.306  1.00 54.20  ? 15  LEU A CA   1 
ATOM   237 C C    . LEU A 1 15 ? 8.967   3.728   -0.219  1.00 53.26  ? 15  LEU A C    1 
ATOM   238 O O    . LEU A 1 15 ? 8.397   2.867   0.458   1.00 51.74  ? 15  LEU A O    1 
ATOM   239 C CB   . LEU A 1 15 ? 8.859   5.945   0.924   1.00 54.71  ? 15  LEU A CB   1 
ATOM   240 C CG   . LEU A 1 15 ? 8.476   7.427   0.915   1.00 56.72  ? 15  LEU A CG   1 
ATOM   241 C CD1  . LEU A 1 15 ? 8.942   8.096   2.181   1.00 57.93  ? 15  LEU A CD1  1 
ATOM   242 C CD2  . LEU A 1 15 ? 9.054   8.144   -0.296  1.00 59.09  ? 15  LEU A CD2  1 
ATOM   243 H H    . LEU A 1 15 ? 6.564   4.981   0.313   1.00 23.91  ? 15  LEU A H    1 
ATOM   244 H HA   . LEU A 1 15 ? 8.803   5.568   -1.091  1.00 27.31  ? 15  LEU A HA   1 
ATOM   245 H HB2  . LEU A 1 15 ? 8.455   5.545   1.710   1.00 35.35  ? 15  LEU A HB2  1 
ATOM   246 H HB3  . LEU A 1 15 ? 9.825   5.894   0.997   1.00 35.35  ? 15  LEU A HB3  1 
ATOM   247 H HG   . LEU A 1 15 ? 7.509   7.501   0.874   1.00 49.23  ? 15  LEU A HG   1 
ATOM   248 H HD11 . LEU A 1 15 ? 8.689   9.033   2.153   1.00 57.79  ? 15  LEU A HD11 1 
ATOM   249 H HD12 . LEU A 1 15 ? 8.524   7.662   2.940   1.00 57.79  ? 15  LEU A HD12 1 
ATOM   250 H HD13 . LEU A 1 15 ? 9.907   8.016   2.243   1.00 57.79  ? 15  LEU A HD13 1 
ATOM   251 H HD21 . LEU A 1 15 ? 8.789   9.077   -0.266  1.00 53.88  ? 15  LEU A HD21 1 
ATOM   252 H HD22 . LEU A 1 15 ? 10.020  8.074   -0.273  1.00 53.88  ? 15  LEU A HD22 1 
ATOM   253 H HD23 . LEU A 1 15 ? 8.711   7.729   -1.103  1.00 53.88  ? 15  LEU A HD23 1 
ATOM   254 N N    . MET A 1 16 ? 10.076  3.495   -0.912  1.00 58.84  ? 16  MET A N    1 
ATOM   255 C CA   . MET A 1 16 ? 10.755  2.211   -0.866  1.00 59.10  ? 16  MET A CA   1 
ATOM   256 C C    . MET A 1 16 ? 11.681  2.148   0.346   1.00 56.90  ? 16  MET A C    1 
ATOM   257 O O    . MET A 1 16 ? 12.246  3.164   0.754   1.00 56.15  ? 16  MET A O    1 
ATOM   258 C CB   . MET A 1 16 ? 11.552  1.977   -2.149  1.00 63.67  ? 16  MET A CB   1 
ATOM   259 C CG   . MET A 1 16 ? 10.723  2.057   -3.412  1.00 67.84  ? 16  MET A CG   1 
ATOM   260 S SD   . MET A 1 16 ? 11.697  1.730   -4.888  1.00 72.07  ? 16  MET A SD   1 
ATOM   261 C CE   . MET A 1 16 ? 10.424  1.870   -6.146  1.00 72.34  ? 16  MET A CE   1 
ATOM   262 H H    . MET A 1 16 ? 10.459  4.074   -1.420  1.00 44.87  ? 16  MET A H    1 
ATOM   263 H HA   . MET A 1 16 ? 10.092  1.506   -0.792  1.00 52.55  ? 16  MET A HA   1 
ATOM   264 H HB2  . MET A 1 16 ? 12.249  2.647   -2.210  1.00 67.51  ? 16  MET A HB2  1 
ATOM   265 H HB3  . MET A 1 16 ? 11.950  1.093   -2.112  1.00 67.51  ? 16  MET A HB3  1 
ATOM   266 H HG2  . MET A 1 16 ? 10.011  1.399   -3.367  1.00 72.47  ? 16  MET A HG2  1 
ATOM   267 H HG3  . MET A 1 16 ? 10.348  2.949   -3.489  1.00 72.47  ? 16  MET A HG3  1 
ATOM   268 H HE1  . MET A 1 16 ? 10.822  1.713   -7.016  1.00 75.77  ? 16  MET A HE1  1 
ATOM   269 H HE2  . MET A 1 16 ? 9.735   1.211   -5.973  1.00 75.77  ? 16  MET A HE2  1 
ATOM   270 H HE3  . MET A 1 16 ? 10.045  2.763   -6.112  1.00 75.77  ? 16  MET A HE3  1 
ATOM   271 N N    . VAL B 1 1  ? -2.623  -11.123 2.442   1.00 64.14  ? 1   VAL B N    1 
ATOM   272 C CA   . VAL B 1 1  ? -2.704  -11.534 3.837   1.00 67.45  ? 1   VAL B CA   1 
ATOM   273 C C    . VAL B 1 1  ? -4.167  -11.602 4.281   1.00 70.45  ? 1   VAL B C    1 
ATOM   274 O O    . VAL B 1 1  ? -4.548  -11.008 5.288   1.00 70.53  ? 1   VAL B O    1 
ATOM   275 C CB   . VAL B 1 1  ? -1.901  -10.579 4.745   1.00 63.93  ? 1   VAL B CB   1 
ATOM   276 C CG1  . VAL B 1 1  ? -1.740  -11.176 6.140   1.00 69.54  ? 1   VAL B CG1  1 
ATOM   277 C CG2  . VAL B 1 1  ? -0.535  -10.270 4.127   1.00 60.10  ? 1   VAL B CG2  1 
ATOM   278 H H1   . VAL B 1 1  ? -3.272  -10.618 2.188   1.00 52.66  ? 1   VAL B H1   1 
ATOM   279 H HA   . VAL B 1 1  ? -2.323  -12.421 3.926   1.00 79.47  ? 1   VAL B HA   1 
ATOM   280 H HB   . VAL B 1 1  ? -2.387  -9.744  4.831   1.00 77.26  ? 1   VAL B HB   1 
ATOM   281 H HG11 . VAL B 1 1  ? -1.233  -10.560 6.690   1.00 80.76  ? 1   VAL B HG11 1 
ATOM   282 H HG12 . VAL B 1 1  ? -2.619  -11.318 6.525   1.00 80.76  ? 1   VAL B HG12 1 
ATOM   283 H HG13 . VAL B 1 1  ? -1.269  -12.021 6.069   1.00 80.76  ? 1   VAL B HG13 1 
ATOM   284 H HG21 . VAL B 1 1  ? -0.052  -9.669  4.717   1.00 68.70  ? 1   VAL B HG21 1 
ATOM   285 H HG22 . VAL B 1 1  ? -0.041  -11.097 4.022   1.00 68.70  ? 1   VAL B HG22 1 
ATOM   286 H HG23 . VAL B 1 1  ? -0.668  -9.850  3.263   1.00 68.70  ? 1   VAL B HG23 1 
HETATM 287 N N    . ORN B 1 2  ? -8.373  -9.108  4.051   1.00 71.15  ? 2   ORN B N    1 
HETATM 288 C CA   . ORN B 1 2  ? -6.952  -9.430  3.759   1.00 69.16  ? 2   ORN B CA   1 
HETATM 289 C CB   . ORN B 1 2  ? -6.852  -10.337 2.528   1.00 70.08  ? 2   ORN B CB   1 
HETATM 290 C CG   . ORN B 1 2  ? -7.314  -11.773 2.780   1.00 75.18  ? 2   ORN B CG   1 
HETATM 291 C CD   . ORN B 1 2  ? -6.424  -12.514 3.804   1.00 79.02  ? 2   ORN B CD   1 
HETATM 292 N NE   . ORN B 1 2  ? -5.006  -12.357 3.490   1.00 75.47  ? 2   ORN B NE   1 
HETATM 293 C C    . ORN B 1 2  ? -6.127  -8.163  3.508   1.00 64.47  ? 2   ORN B C    1 
HETATM 294 O O    . ORN B 1 2  ? -6.306  -7.457  2.512   1.00 62.65  ? 2   ORN B O    1 
HETATM 295 H H2   . ORN B 1 2  ? -8.487  -8.335  4.712   1.00 84.15  ? 2   ORN B H2   1 
HETATM 296 H H    . ORN B 1 2  ? -8.906  -8.838  3.220   1.00 84.15  ? 2   ORN B H    1 
HETATM 297 H HA   . ORN B 1 2  ? -6.558  -9.907  4.661   1.00 84.12  ? 2   ORN B HA   1 
HETATM 298 H HB2  . ORN B 1 2  ? -5.803  -10.379 2.201   1.00 83.81  ? 2   ORN B HB2  1 
HETATM 299 H HB3  . ORN B 1 2  ? -7.484  -9.914  1.735   1.00 83.81  ? 2   ORN B HB3  1 
HETATM 300 H HG2  . ORN B 1 2  ? -7.297  -12.325 1.834   1.00 92.50  ? 2   ORN B HG2  1 
HETATM 301 H HG3  . ORN B 1 2  ? -8.343  -11.749 3.157   1.00 92.50  ? 2   ORN B HG3  1 
HETATM 302 H HD2  . ORN B 1 2  ? -6.671  -13.579 3.772   1.00 93.00  ? 2   ORN B HD2  1 
HETATM 303 H HD3  . ORN B 1 2  ? -6.615  -12.103 4.799   1.00 93.00  ? 2   ORN B HD3  1 
HETATM 304 H HE1  . ORN B 1 2  ? -4.681  -12.848 2.660   1.00 88.22  ? 2   ORN B HE1  1 
ATOM   305 N N    . LYS B 1 3  ? -5.174  -7.884  4.453   1.00 67.20  ? 3   LYS B N    1 
ATOM   306 C CA   . LYS B 1 3  ? -4.303  -6.729  4.330   1.00 62.74  ? 3   LYS B CA   1 
ATOM   307 C C    . LYS B 1 3  ? -3.405  -6.935  3.116   1.00 60.67  ? 3   LYS B C    1 
ATOM   308 O O    . LYS B 1 3  ? -3.031  -8.066  2.797   1.00 62.41  ? 3   LYS B O    1 
ATOM   309 C CB   . LYS B 1 3  ? -3.474  -6.535  5.601   1.00 61.25  ? 3   LYS B CB   1 
ATOM   310 C CG   . LYS B 1 3  ? -2.587  -5.294  5.593   1.00 56.28  ? 3   LYS B CG   1 
ATOM   311 C CD   . LYS B 1 3  ? -1.961  -5.046  6.964   1.00 54.92  ? 3   LYS B CD   1 
ATOM   312 C CE   . LYS B 1 3  ? -2.987  -4.517  7.969   1.00 58.29  ? 3   LYS B CE   1 
ATOM   313 N NZ   . LYS B 1 3  ? -2.457  -4.465  9.362   1.00 61.50  1 3   LYS B NZ   1 
ATOM   314 H H    . LYS B 1 3  ? -5.022  -8.367  5.148   1.00 80.95  ? 3   LYS B H    1 
ATOM   315 H HA   . LYS B 1 3  ? -4.838  -5.932  4.186   1.00 76.41  ? 3   LYS B HA   1 
ATOM   316 H HB2  . LYS B 1 3  ? -4.078  -6.461  6.356   1.00 84.04  ? 3   LYS B HB2  1 
ATOM   317 H HB3  . LYS B 1 3  ? -2.898  -7.308  5.717   1.00 84.04  ? 3   LYS B HB3  1 
ATOM   318 H HG2  . LYS B 1 3  ? -1.872  -5.416  4.950   1.00 84.33  ? 3   LYS B HG2  1 
ATOM   319 H HG3  . LYS B 1 3  ? -3.122  -4.520  5.359   1.00 84.33  ? 3   LYS B HG3  1 
ATOM   320 H HD2  . LYS B 1 3  ? -1.603  -5.879  7.307   1.00 88.37  ? 3   LYS B HD2  1 
ATOM   321 H HD3  . LYS B 1 3  ? -1.254  -4.388  6.877   1.00 88.37  ? 3   LYS B HD3  1 
ATOM   322 H HE2  . LYS B 1 3  ? -3.246  -3.617  7.713   1.00 93.48  ? 3   LYS B HE2  1 
ATOM   323 H HE3  . LYS B 1 3  ? -3.763  -5.099  7.964   1.00 93.48  ? 3   LYS B HE3  1 
ATOM   324 H HZ1  . LYS B 1 3  ? -3.080  -4.153  9.914   1.00 96.80  ? 3   LYS B HZ1  1 
ATOM   325 H HZ2  . LYS B 1 3  ? -2.218  -5.281  9.626   1.00 96.80  ? 3   LYS B HZ2  1 
ATOM   326 H HZ3  . LYS B 1 3  ? -1.746  -3.931  9.397   1.00 96.80  ? 3   LYS B HZ3  1 
ATOM   327 N N    . LEU B 1 4  ? -3.073  -5.845  2.432   1.00 54.49  ? 4   LEU B N    1 
ATOM   328 C CA   . LEU B 1 4  ? -2.237  -5.891  1.244   1.00 53.12  ? 4   LEU B CA   1 
ATOM   329 C C    . LEU B 1 4  ? -0.844  -5.377  1.570   1.00 48.93  ? 4   LEU B C    1 
ATOM   330 O O    . LEU B 1 4  ? -0.686  -4.412  2.322   1.00 45.92  ? 4   LEU B O    1 
ATOM   331 C CB   . LEU B 1 4  ? -2.844  -5.059  0.111   1.00 53.41  ? 4   LEU B CB   1 
ATOM   332 C CG   . LEU B 1 4  ? -3.982  -5.719  -0.667  1.00 55.48  ? 4   LEU B CG   1 
ATOM   333 C CD1  . LEU B 1 4  ? -4.705  -4.689  -1.514  1.00 52.24  ? 4   LEU B CD1  1 
ATOM   334 C CD2  . LEU B 1 4  ? -3.451  -6.843  -1.539  1.00 56.07  ? 4   LEU B CD2  1 
ATOM   335 H H    . LEU B 1 4  ? -3.328  -5.052  2.643   1.00 55.38  ? 4   LEU B H    1 
ATOM   336 H HA   . LEU B 1 4  ? -2.160  -6.809  0.939   1.00 47.03  ? 4   LEU B HA   1 
ATOM   337 H HB2  . LEU B 1 4  ? -3.191  -4.236  0.490   1.00 42.42  ? 4   LEU B HB2  1 
ATOM   338 H HB3  . LEU B 1 4  ? -2.142  -4.851  -0.524  1.00 42.42  ? 4   LEU B HB3  1 
ATOM   339 H HG   . LEU B 1 4  ? -4.619  -6.096  -0.041  1.00 43.61  ? 4   LEU B HG   1 
ATOM   340 H HD11 . LEU B 1 4  ? -5.422  -5.126  -1.998  1.00 47.24  ? 4   LEU B HD11 1 
ATOM   341 H HD12 . LEU B 1 4  ? -5.067  -4.002  -0.933  1.00 47.24  ? 4   LEU B HD12 1 
ATOM   342 H HD13 . LEU B 1 4  ? -4.074  -4.295  -2.138  1.00 47.24  ? 4   LEU B HD13 1 
ATOM   343 H HD21 . LEU B 1 4  ? -4.191  -7.243  -2.022  1.00 41.59  ? 4   LEU B HD21 1 
ATOM   344 H HD22 . LEU B 1 4  ? -2.807  -6.478  -2.166  1.00 41.59  ? 4   LEU B HD22 1 
ATOM   345 H HD23 . LEU B 1 4  ? -3.026  -7.506  -0.975  1.00 41.59  ? 4   LEU B HD23 1 
ATOM   346 N N    . VAL B 1 5  ? 0.161   -6.026  0.998   1.00 51.82  ? 5   VAL B N    1 
ATOM   347 C CA   . VAL B 1 5  ? 1.546   -5.635  1.212   1.00 48.39  ? 5   VAL B CA   1 
ATOM   348 C C    . VAL B 1 5  ? 2.181   -5.348  -0.148  1.00 49.06  ? 5   VAL B C    1 
ATOM   349 O O    . VAL B 1 5  ? 2.209   -6.234  -1.001  1.00 53.66  ? 5   VAL B O    1 
ATOM   350 C CB   . VAL B 1 5  ? 2.320   -6.727  1.975   1.00 51.61  ? 5   VAL B CB   1 
ATOM   351 C CG1  . VAL B 1 5  ? 3.755   -6.296  2.218   1.00 49.26  ? 5   VAL B CG1  1 
ATOM   352 C CG2  . VAL B 1 5  ? 1.633   -7.043  3.299   1.00 50.76  ? 5   VAL B CG2  1 
ATOM   353 H H    . VAL B 1 5  ? 0.066   -6.703  0.475   1.00 42.34  ? 5   VAL B H    1 
ATOM   354 H HA   . VAL B 1 5  ? 1.571   -4.821  1.738   1.00 30.91  ? 5   VAL B HA   1 
ATOM   355 H HB   . VAL B 1 5  ? 2.335   -7.538  1.442   1.00 56.42  ? 5   VAL B HB   1 
ATOM   356 H HG11 . VAL B 1 5  ? 4.217   -7.001  2.697   1.00 59.13  ? 5   VAL B HG11 1 
ATOM   357 H HG12 . VAL B 1 5  ? 4.186   -6.140  1.363   1.00 59.13  ? 5   VAL B HG12 1 
ATOM   358 H HG13 . VAL B 1 5  ? 3.754   -5.482  2.743   1.00 59.13  ? 5   VAL B HG13 1 
ATOM   359 H HG21 . VAL B 1 5  ? 2.138   -7.730  3.760   1.00 53.97  ? 5   VAL B HG21 1 
ATOM   360 H HG22 . VAL B 1 5  ? 1.604   -6.237  3.838   1.00 53.97  ? 5   VAL B HG22 1 
ATOM   361 H HG23 . VAL B 1 5  ? 0.733   -7.356  3.121   1.00 53.97  ? 5   VAL B HG23 1 
HETATM 362 C C1   . MEA B 1 6  ? 3.414   -3.459  0.645   1.00 43.51  ? 6   MEA B C1   1 
HETATM 363 N N    . MEA B 1 6  ? 2.691   -4.135  -0.368  1.00 48.87  ? 6   MEA B N    1 
HETATM 364 C CA   . MEA B 1 6  ? 3.200   -3.798  -1.694  1.00 50.77  ? 6   MEA B CA   1 
HETATM 365 C C    . MEA B 1 6  ? 4.750   -3.889  -1.818  1.00 53.07  ? 6   MEA B C    1 
HETATM 366 O O    . MEA B 1 6  ? 5.517   -3.438  -0.939  1.00 48.43  ? 6   MEA B O    1 
HETATM 367 C CB   . MEA B 1 6  ? 2.781   -2.452  -2.101  1.00 45.31  ? 6   MEA B CB   1 
HETATM 368 C CG   . MEA B 1 6  ? 1.310   -2.478  -2.547  1.00 47.91  ? 6   MEA B CG   1 
HETATM 369 C CD1  . MEA B 1 6  ? 0.297   -2.144  -1.653  1.00 47.80  ? 6   MEA B CD1  1 
HETATM 370 C CE1  . MEA B 1 6  ? -1.034  -2.170  -2.061  1.00 50.13  ? 6   MEA B CE1  1 
HETATM 371 C CZ   . MEA B 1 6  ? -1.350  -2.530  -3.371  1.00 50.51  ? 6   MEA B CZ   1 
HETATM 372 C CE2  . MEA B 1 6  ? -0.330  -2.863  -4.271  1.00 50.61  ? 6   MEA B CE2  1 
HETATM 373 C CD2  . MEA B 1 6  ? 0.987   -2.839  -3.869  1.00 50.75  ? 6   MEA B CD2  1 
HETATM 374 H HC1  . MEA B 1 6  ? 4.250   -3.960  0.845   1.00 22.23  ? 6   MEA B HC1  1 
HETATM 375 H HC2  . MEA B 1 6  ? 3.641   -2.553  0.336   1.00 22.23  ? 6   MEA B HC2  1 
HETATM 376 H HC3  . MEA B 1 6  ? 2.856   -3.400  1.470   1.00 22.23  ? 6   MEA B HC3  1 
HETATM 377 H HA   . MEA B 1 6  ? 2.810   -4.443  -2.336  1.00 27.29  ? 6   MEA B HA   1 
HETATM 378 H HB1  . MEA B 1 6  ? 3.344   -2.145  -2.848  1.00 24.42  ? 6   MEA B HB1  1 
HETATM 379 H HB2  . MEA B 1 6  ? 2.883   -1.835  -1.337  1.00 24.42  ? 6   MEA B HB2  1 
HETATM 380 H HD1  . MEA B 1 6  ? 0.520   -1.894  -0.740  1.00 29.31  ? 6   MEA B HD1  1 
HETATM 381 H HE1  . MEA B 1 6  ? -1.752  -1.934  -1.429  1.00 30.99  ? 6   MEA B HE1  1 
HETATM 382 H HZ   . MEA B 1 6  ? -2.298  -2.548  -3.666  1.00 29.07  ? 6   MEA B HZ   1 
HETATM 383 H HE2  . MEA B 1 6  ? -0.551  -3.112  -5.175  1.00 25.22  ? 6   MEA B HE2  1 
HETATM 384 H HD2  . MEA B 1 6  ? 1.525   -3.105  -4.644  1.00 26.27  ? 6   MEA B HD2  1 
ATOM   385 N N    . PHE B 1 7  ? 5.197   -4.473  -2.925  1.00 51.80  ? 7   PHE B N    1 
ATOM   386 C CA   . PHE B 1 7  ? 6.621   -4.559  -3.230  1.00 55.94  ? 7   PHE B CA   1 
ATOM   387 C C    . PHE B 1 7  ? 6.894   -4.040  -4.636  1.00 60.23  ? 7   PHE B C    1 
ATOM   388 O O    . PHE B 1 7  ? 6.053   -4.168  -5.526  1.00 59.75  ? 7   PHE B O    1 
ATOM   389 C CB   . PHE B 1 7  ? 7.119   -5.999  -3.104  1.00 62.78  ? 7   PHE B CB   1 
ATOM   390 C CG   . PHE B 1 7  ? 6.958   -6.581  -1.732  1.00 61.14  ? 7   PHE B CG   1 
ATOM   391 C CD1  . PHE B 1 7  ? 7.928   -6.383  -0.763  1.00 56.56  ? 7   PHE B CD1  1 
ATOM   392 C CD2  . PHE B 1 7  ? 5.842   -7.333  -1.413  1.00 60.02  ? 7   PHE B CD2  1 
ATOM   393 C CE1  . PHE B 1 7  ? 7.785   -6.924  0.499   1.00 54.06  ? 7   PHE B CE1  1 
ATOM   394 C CE2  . PHE B 1 7  ? 5.691   -7.876  -0.151  1.00 57.83  ? 7   PHE B CE2  1 
ATOM   395 C CZ   . PHE B 1 7  ? 6.662   -7.670  0.807   1.00 54.26  ? 7   PHE B CZ   1 
ATOM   396 H H    . PHE B 1 7  ? 4.690   -4.829  -3.522  1.00 48.70  ? 7   PHE B H    1 
ATOM   397 H HA   . PHE B 1 7  ? 7.116   -4.010  -2.602  1.00 57.85  ? 7   PHE B HA   1 
ATOM   398 H HB2  . PHE B 1 7  ? 6.621   -6.557  -3.721  1.00 58.00  ? 7   PHE B HB2  1 
ATOM   399 H HB3  . PHE B 1 7  ? 8.063   -6.024  -3.328  1.00 58.00  ? 7   PHE B HB3  1 
ATOM   400 H HD1  . PHE B 1 7  ? 8.684   -5.881  -0.965  1.00 51.97  ? 7   PHE B HD1  1 
ATOM   401 H HD2  . PHE B 1 7  ? 5.184   -7.473  -2.055  1.00 51.90  ? 7   PHE B HD2  1 
ATOM   402 H HE1  . PHE B 1 7  ? 8.441   -6.784  1.144   1.00 55.58  ? 7   PHE B HE1  1 
ATOM   403 H HE2  . PHE B 1 7  ? 4.935   -8.378  0.052   1.00 53.80  ? 7   PHE B HE2  1 
ATOM   404 H HZ   . PHE B 1 7  ? 6.563   -8.034  1.657   1.00 53.34  ? 7   PHE B HZ   1 
ATOM   405 N N    . ALA B 1 8  ? 8.073   -3.451  -4.831  1.00 62.09  ? 8   ALA B N    1 
ATOM   406 C CA   . ALA B 1 8  ? 8.512   -2.990  -6.140  1.00 69.34  ? 8   ALA B CA   1 
ATOM   407 C C    . ALA B 1 8  ? 9.929   -3.484  -6.396  1.00 75.08  ? 8   ALA B C    1 
ATOM   408 O O    . ALA B 1 8  ? 10.727  -3.641  -5.467  1.00 71.75  ? 8   ALA B O    1 
ATOM   409 C CB   . ALA B 1 8  ? 8.453   -1.455  -6.261  1.00 63.39  ? 8   ALA B CB   1 
ATOM   410 H H    . ALA B 1 8  ? 8.646   -3.307  -4.206  1.00 86.79  ? 8   ALA B H    1 
ATOM   411 H HA   . ALA B 1 8  ? 7.932   -3.369  -6.820  1.00 113.90 ? 8   ALA B HA   1 
ATOM   412 H HB1  . ALA B 1 8  ? 8.753   -1.197  -7.147  1.00 109.39 ? 8   ALA B HB1  1 
ATOM   413 H HB2  . ALA B 1 8  ? 7.539   -1.163  -6.124  1.00 109.39 ? 8   ALA B HB2  1 
ATOM   414 H HB3  . ALA B 1 8  ? 9.032   -1.062  -5.588  1.00 109.39 ? 8   ALA B HB3  1 
ATOM   415 N N    . GLN B 1 9  ? 10.227  -3.734  -7.668  1.00 72.94  ? 9   GLN B N    1 
ATOM   416 C CA   . GLN B 1 9  ? 11.524  -4.270  -8.065  1.00 79.68  ? 9   GLN B CA   1 
ATOM   417 C C    . GLN B 1 9  ? 11.708  -4.181  -9.577  1.00 84.69  ? 9   GLN B C    1 
ATOM   418 O O    . GLN B 1 9  ? 10.916  -4.731  -10.340 1.00 89.02  ? 9   GLN B O    1 
ATOM   419 C CB   . GLN B 1 9  ? 11.661  -5.725  -7.605  1.00 86.47  ? 9   GLN B CB   1 
ATOM   420 C CG   . GLN B 1 9  ? 12.604  -5.926  -6.422  1.00 85.34  ? 9   GLN B CG   1 
ATOM   421 C CD   . GLN B 1 9  ? 12.400  -7.264  -5.726  1.00 89.36  ? 9   GLN B CD   1 
ATOM   422 O OE1  . GLN B 1 9  ? 11.367  -7.912  -5.889  1.00 89.92  ? 9   GLN B OE1  1 
ATOM   423 N NE2  . GLN B 1 9  ? 13.391  -7.680  -4.944  1.00 84.77  ? 9   GLN B NE2  1 
ATOM   424 H H    . GLN B 1 9  ? 9.690   -3.599  -8.325  1.00 137.88 ? 9   GLN B H    1 
ATOM   425 H HA   . GLN B 1 9  ? 12.227  -3.752  -7.644  1.00 150.38 ? 9   GLN B HA   1 
ATOM   426 H HB2  . GLN B 1 9  ? 10.785  -6.051  -7.342  1.00 159.16 ? 9   GLN B HB2  1 
ATOM   427 H HB3  . GLN B 1 9  ? 11.998  -6.255  -8.344  1.00 159.16 ? 9   GLN B HB3  1 
ATOM   428 H HG2  . GLN B 1 9  ? 13.520  -5.890  -6.739  1.00 155.53 ? 9   GLN B HG2  1 
ATOM   429 H HG3  . GLN B 1 9  ? 12.450  -5.224  -5.773  1.00 155.53 ? 9   GLN B HG3  1 
ATOM   430 H HE21 . GLN B 1 9  ? 14.099  -7.201  -4.853  1.00 137.20 ? 9   GLN B HE21 1 
ATOM   431 H HE22 . GLN B 1 9  ? 13.324  -8.430  -4.528  1.00 137.20 ? 9   GLN B HE22 1 
HETATM 432 N N    . ORN B 1 10 ? 10.813  -2.992  -14.395 1.00 98.00  ? 10  ORN B N    1 
HETATM 433 C CA   . ORN B 1 10 ? 10.322  -3.208  -13.005 1.00 89.47  ? 10  ORN B CA   1 
HETATM 434 C CB   . ORN B 1 10 ? 10.885  -2.131  -12.057 1.00 86.16  ? 10  ORN B CB   1 
HETATM 435 C CG   . ORN B 1 10 ? 12.421  -2.048  -12.021 1.00 89.99  ? 10  ORN B CG   1 
HETATM 436 C CD   . ORN B 1 10 ? 13.082  -3.312  -11.441 1.00 91.85  ? 10  ORN B CD   1 
HETATM 437 N NE   . ORN B 1 10 ? 12.796  -3.461  -10.020 1.00 85.14  ? 10  ORN B NE   1 
HETATM 438 C C    . ORN B 1 10 ? 8.778   -3.179  -12.964 1.00 85.83  ? 10  ORN B C    1 
HETATM 439 O O    . ORN B 1 10 ? 8.105   -2.911  -13.961 1.00 87.92  ? 10  ORN B O    1 
HETATM 440 H H2   . ORN B 1 10 ? 11.794  -3.246  -14.522 1.00 139.24 ? 10  ORN B H2   1 
HETATM 441 H H    . ORN B 1 10 ? 10.298  -3.533  -15.094 1.00 139.24 ? 10  ORN B H    1 
HETATM 442 H HA   . ORN B 1 10 ? 10.644  -4.217  -12.731 1.00 132.11 ? 10  ORN B HA   1 
HETATM 443 H HB2  . ORN B 1 10 ? 10.534  -2.335  -11.036 1.00 134.19 ? 10  ORN B HB2  1 
HETATM 444 H HB3  . ORN B 1 10 ? 10.513  -1.153  -12.398 1.00 134.19 ? 10  ORN B HB3  1 
HETATM 445 H HG2  . ORN B 1 10 ? 12.790  -1.888  -13.040 1.00 136.85 ? 10  ORN B HG2  1 
HETATM 446 H HG3  . ORN B 1 10 ? 12.710  -1.190  -11.403 1.00 136.85 ? 10  ORN B HG3  1 
HETATM 447 H HD2  . ORN B 1 10 ? 12.698  -4.187  -11.975 1.00 138.95 ? 10  ORN B HD2  1 
HETATM 448 H HD3  . ORN B 1 10 ? 14.165  -3.227  -11.568 1.00 138.95 ? 10  ORN B HD3  1 
HETATM 449 H HE1  . ORN B 1 10 ? 13.451  -3.011  -9.386  1.00 133.33 ? 10  ORN B HE1  1 
ATOM   450 N N    . ALA B 1 11 ? 8.217   -3.468  -11.746 1.00 79.72  ? 11  ALA B N    1 
ATOM   451 C CA   . ALA B 1 11 ? 6.774   -3.476  -11.547 1.00 78.42  ? 11  ALA B CA   1 
ATOM   452 C C    . ALA B 1 11 ? 6.464   -3.592  -10.065 1.00 66.46  ? 11  ALA B C    1 
ATOM   453 O O    . ALA B 1 11 ? 7.318   -3.992  -9.276  1.00 65.07  ? 11  ALA B O    1 
ATOM   454 C CB   . ALA B 1 11 ? 6.128   -4.616  -12.320 1.00 86.60  ? 11  ALA B CB   1 
ATOM   455 H H    . ALA B 1 11 ? 8.667   -3.656  -11.037 1.00 118.79 ? 11  ALA B H    1 
ATOM   456 H HA   . ALA B 1 11 ? 6.403   -2.640  -11.871 1.00 125.40 ? 11  ALA B HA   1 
ATOM   457 H HB1  . ALA B 1 11 ? 5.170   -4.596  -12.169 1.00 143.83 ? 11  ALA B HB1  1 
ATOM   458 H HB2  . ALA B 1 11 ? 6.317   -4.505  -13.265 1.00 143.83 ? 11  ALA B HB2  1 
ATOM   459 H HB3  . ALA B 1 11 ? 6.495   -5.457  -12.006 1.00 143.83 ? 11  ALA B HB3  1 
ATOM   460 N N    . ILE B 1 12 ? 5.243   -3.236  -9.687  1.00 67.79  ? 12  ILE B N    1 
ATOM   461 C CA   . ILE B 1 12 ? 4.806   -3.295  -8.300  1.00 65.68  ? 12  ILE B CA   1 
ATOM   462 C C    . ILE B 1 12 ? 3.968   -4.549  -8.112  1.00 66.49  ? 12  ILE B C    1 
ATOM   463 O O    . ILE B 1 12 ? 3.182   -4.926  -8.991  1.00 67.53  ? 12  ILE B O    1 
ATOM   464 C CB   . ILE B 1 12 ? 4.014   -2.034  -7.906  1.00 57.09  ? 12  ILE B CB   1 
ATOM   465 C CG1  . ILE B 1 12 ? 4.858   -0.779  -8.158  1.00 54.74  ? 12  ILE B CG1  1 
ATOM   466 C CG2  . ILE B 1 12 ? 3.603   -2.101  -6.438  1.00 53.65  ? 12  ILE B CG2  1 
ATOM   467 C CD1  . ILE B 1 12 ? 4.056   0.503   -8.135  1.00 54.54  ? 12  ILE B CD1  1 
ATOM   468 H H    . ILE B 1 12 ? 4.639   -2.950  -10.229 1.00 79.52  ? 12  ILE B H    1 
ATOM   469 H HA   . ILE B 1 12 ? 5.583   -3.359  -7.721  1.00 75.69  ? 12  ILE B HA   1 
ATOM   470 H HB   . ILE B 1 12 ? 3.215   -1.986  -8.452  1.00 63.30  ? 12  ILE B HB   1 
ATOM   471 H HG12 . ILE B 1 12 ? 5.539   -0.716  -7.470  1.00 58.33  ? 12  ILE B HG12 1 
ATOM   472 H HG13 . ILE B 1 12 ? 5.277   -0.853  -9.030  1.00 58.33  ? 12  ILE B HG13 1 
ATOM   473 H HG21 . ILE B 1 12 ? 3.106   -1.298  -6.212  1.00 57.90  ? 12  ILE B HG21 1 
ATOM   474 H HG22 . ILE B 1 12 ? 3.045   -2.884  -6.302  1.00 57.90  ? 12  ILE B HG22 1 
ATOM   475 H HG23 . ILE B 1 12 ? 4.400   -2.163  -5.888  1.00 57.90  ? 12  ILE B HG23 1 
ATOM   476 H HD11 . ILE B 1 12 ? 4.653   1.250   -8.301  1.00 63.05  ? 12  ILE B HD11 1 
ATOM   477 H HD12 . ILE B 1 12 ? 3.378   0.461   -8.826  1.00 63.05  ? 12  ILE B HD12 1 
ATOM   478 H HD13 . ILE B 1 12 ? 3.639   0.598   -7.265  1.00 63.05  ? 12  ILE B HD13 1 
ATOM   479 N N    . ILE B 1 13 ? 4.136   -5.198  -6.963  1.00 59.82  ? 13  ILE B N    1 
ATOM   480 C CA   . ILE B 1 13 ? 3.440   -6.439  -6.644  1.00 64.37  ? 13  ILE B CA   1 
ATOM   481 C C    . ILE B 1 13 ? 2.796   -6.272  -5.276  1.00 59.01  ? 13  ILE B C    1 
ATOM   482 O O    . ILE B 1 13 ? 3.493   -6.029  -4.283  1.00 57.84  ? 13  ILE B O    1 
ATOM   483 C CB   . ILE B 1 13 ? 4.391   -7.650  -6.657  1.00 72.32  ? 13  ILE B CB   1 
ATOM   484 C CG1  . ILE B 1 13 ? 4.974   -7.849  -8.056  1.00 77.66  ? 13  ILE B CG1  1 
ATOM   485 C CG2  . ILE B 1 13 ? 3.663   -8.918  -6.229  1.00 75.08  ? 13  ILE B CG2  1 
ATOM   486 C CD1  . ILE B 1 13 ? 6.363   -8.458  -8.056  1.00 82.81  ? 13  ILE B CD1  1 
ATOM   487 H H    . ILE B 1 13 ? 4.660   -4.930  -6.336  1.00 73.83  ? 13  ILE B H    1 
ATOM   488 H HA   . ILE B 1 13 ? 2.740   -6.593  -7.296  1.00 78.07  ? 13  ILE B HA   1 
ATOM   489 H HB   . ILE B 1 13 ? 5.117   -7.483  -6.036  1.00 90.91  ? 13  ILE B HB   1 
ATOM   490 H HG12 . ILE B 1 13 ? 4.391   -8.440  -8.557  1.00 104.81 ? 13  ILE B HG12 1 
ATOM   491 H HG13 . ILE B 1 13 ? 5.028   -6.986  -8.498  1.00 104.81 ? 13  ILE B HG13 1 
ATOM   492 H HG21 . ILE B 1 13 ? 4.287   -9.661  -6.247  1.00 91.26  ? 13  ILE B HG21 1 
ATOM   493 H HG22 . ILE B 1 13 ? 3.319   -8.797  -5.330  1.00 91.26  ? 13  ILE B HG22 1 
ATOM   494 H HG23 . ILE B 1 13 ? 2.932   -9.085  -6.845  1.00 91.26  ? 13  ILE B HG23 1 
ATOM   495 H HD11 . ILE B 1 13 ? 6.665   -8.554  -8.973  1.00 113.78 ? 13  ILE B HD11 1 
ATOM   496 H HD12 . ILE B 1 13 ? 6.963   -7.874  -7.568  1.00 113.78 ? 13  ILE B HD12 1 
ATOM   497 H HD13 . ILE B 1 13 ? 6.325   -9.328  -7.628  1.00 113.78 ? 13  ILE B HD13 1 
ATOM   498 N N    . GLY B 1 14 ? 1.471   -6.391  -5.224  1.00 57.27  ? 14  GLY B N    1 
ATOM   499 C CA   . GLY B 1 14 ? 0.741   -6.363  -3.977  1.00 55.53  ? 14  GLY B CA   1 
ATOM   500 C C    . GLY B 1 14 ? 0.278   -7.754  -3.605  1.00 58.96  ? 14  GLY B C    1 
ATOM   501 O O    . GLY B 1 14 ? -0.530  -8.363  -4.313  1.00 62.17  ? 14  GLY B O    1 
ATOM   502 H H    . GLY B 1 14 ? 0.970   -6.492  -5.916  1.00 61.61  ? 14  GLY B H    1 
ATOM   503 H HA2  . GLY B 1 14 ? 1.309   -6.021  -3.270  1.00 56.74  ? 14  GLY B HA2  1 
ATOM   504 H HA3  . GLY B 1 14 ? -0.035  -5.786  -4.064  1.00 56.74  ? 14  GLY B HA3  1 
ATOM   505 N N    . LEU B 1 15 ? 0.798   -8.262  -2.490  1.00 56.03  ? 15  LEU B N    1 
ATOM   506 C CA   . LEU B 1 15 ? 0.518   -9.620  -2.043  1.00 59.38  ? 15  LEU B CA   1 
ATOM   507 C C    . LEU B 1 15 ? -0.421  -9.589  -0.847  1.00 58.87  ? 15  LEU B C    1 
ATOM   508 O O    . LEU B 1 15 ? -0.154  -8.900  0.144   1.00 56.38  ? 15  LEU B O    1 
ATOM   509 C CB   . LEU B 1 15 ? 1.811   -10.354 -1.678  1.00 61.45  ? 15  LEU B CB   1 
ATOM   510 C CG   . LEU B 1 15 ? 2.774   -10.614 -2.842  1.00 63.73  ? 15  LEU B CG   1 
ATOM   511 C CD1  . LEU B 1 15 ? 4.052   -11.245 -2.331  1.00 66.01  ? 15  LEU B CD1  1 
ATOM   512 C CD2  . LEU B 1 15 ? 2.133   -11.500 -3.907  1.00 67.08  ? 15  LEU B CD2  1 
ATOM   513 H H    . LEU B 1 15 ? 1.326   -7.829  -1.967  1.00 51.36  ? 15  LEU B H    1 
ATOM   514 H HA   . LEU B 1 15 ? 0.082   -10.109 -2.758  1.00 53.16  ? 15  LEU B HA   1 
ATOM   515 H HB2  . LEU B 1 15 ? 2.288   -9.826  -1.019  1.00 60.24  ? 15  LEU B HB2  1 
ATOM   516 H HB3  . LEU B 1 15 ? 1.577   -11.215 -1.297  1.00 60.24  ? 15  LEU B HB3  1 
ATOM   517 H HG   . LEU B 1 15 ? 3.003   -9.767  -3.256  1.00 59.60  ? 15  LEU B HG   1 
ATOM   518 H HD11 . LEU B 1 15 ? 4.648   -11.401 -3.082  1.00 57.57  ? 15  LEU B HD11 1 
ATOM   519 H HD12 . LEU B 1 15 ? 4.470   -10.642 -1.697  1.00 57.57  ? 15  LEU B HD12 1 
ATOM   520 H HD13 . LEU B 1 15 ? 3.838   -12.086 -1.898  1.00 57.57  ? 15  LEU B HD13 1 
ATOM   521 H HD21 . LEU B 1 15 ? 2.771   -11.642 -4.624  1.00 65.21  ? 15  LEU B HD21 1 
ATOM   522 H HD22 . LEU B 1 15 ? 1.891   -12.350 -3.507  1.00 65.21  ? 15  LEU B HD22 1 
ATOM   523 H HD23 . LEU B 1 15 ? 1.341   -11.058 -4.250  1.00 65.21  ? 15  LEU B HD23 1 
ATOM   524 N N    . MET B 1 16 ? -1.510  -10.342 -0.943  1.00 63.86  ? 16  MET B N    1 
ATOM   525 C CA   . MET B 1 16 ? -2.489  -10.438 0.132   1.00 64.85  ? 16  MET B CA   1 
ATOM   526 C C    . MET B 1 16 ? -1.923  -11.200 1.320   1.00 66.84  ? 16  MET B C    1 
ATOM   527 O O    . MET B 1 16 ? -0.880  -11.841 1.222   1.00 68.13  ? 16  MET B O    1 
ATOM   528 C CB   . MET B 1 16 ? -3.763  -11.121 -0.366  1.00 67.70  ? 16  MET B CB   1 
ATOM   529 C CG   . MET B 1 16 ? -4.843  -10.156 -0.822  1.00 65.58  ? 16  MET B CG   1 
ATOM   530 S SD   . MET B 1 16 ? -6.324  -11.018 -1.374  1.00 68.53  ? 16  MET B SD   1 
ATOM   531 C CE   . MET B 1 16 ? -5.751  -11.699 -2.929  1.00 68.59  ? 16  MET B CE   1 
ATOM   532 H H    . MET B 1 16 ? -1.708  -10.817 -1.632  1.00 59.50  ? 16  MET B H    1 
ATOM   533 H HA   . MET B 1 16 ? -2.725  -9.542  0.419   1.00 65.09  ? 16  MET B HA   1 
ATOM   534 H HB2  . MET B 1 16 ? -3.539  -11.690 -1.118  1.00 69.17  ? 16  MET B HB2  1 
ATOM   535 H HB3  . MET B 1 16 ? -4.130  -11.657 0.354   1.00 69.17  ? 16  MET B HB3  1 
ATOM   536 H HG2  . MET B 1 16 ? -5.089  -9.578  -0.081  1.00 74.09  ? 16  MET B HG2  1 
ATOM   537 H HG3  . MET B 1 16 ? -4.507  -9.626  -1.562  1.00 74.09  ? 16  MET B HG3  1 
ATOM   538 H HE1  . MET B 1 16 ? -6.473  -12.201 -3.339  1.00 74.88  ? 16  MET B HE1  1 
ATOM   539 H HE2  . MET B 1 16 ? -5.480  -10.973 -3.511  1.00 74.88  ? 16  MET B HE2  1 
ATOM   540 H HE3  . MET B 1 16 ? -4.997  -12.285 -2.758  1.00 74.88  ? 16  MET B HE3  1 
ATOM   541 N N    . VAL C 1 1  ? -4.544  6.121   9.267   1.00 73.01  ? 1   VAL C N    1 
ATOM   542 C CA   . VAL C 1 1  ? -3.781  6.398   10.479  1.00 77.06  ? 1   VAL C CA   1 
ATOM   543 C C    . VAL C 1 1  ? -3.123  7.768   10.350  1.00 81.72  ? 1   VAL C C    1 
ATOM   544 O O    . VAL C 1 1  ? -1.898  7.887   10.379  1.00 84.69  ? 1   VAL C O    1 
ATOM   545 C CB   . VAL C 1 1  ? -2.734  5.304   10.749  1.00 76.84  ? 1   VAL C CB   1 
ATOM   546 C CG1  . VAL C 1 1  ? -2.080  5.514   12.114  1.00 81.99  ? 1   VAL C CG1  1 
ATOM   547 C CG2  . VAL C 1 1  ? -3.374  3.919   10.666  1.00 72.62  ? 1   VAL C CG2  1 
ATOM   548 H H1   . VAL C 1 1  ? -4.304  6.590   8.587   1.00 67.69  ? 1   VAL C H1   1 
ATOM   549 H HA   . VAL C 1 1  ? -4.387  6.426   11.236  1.00 85.10  ? 1   VAL C HA   1 
ATOM   550 H HB   . VAL C 1 1  ? -2.041  5.356   10.073  1.00 76.76  ? 1   VAL C HB   1 
ATOM   551 H HG11 . VAL C 1 1  ? -1.426  4.814   12.261  1.00 78.80  ? 1   VAL C HG11 1 
ATOM   552 H HG12 . VAL C 1 1  ? -1.645  6.382   12.124  1.00 78.80  ? 1   VAL C HG12 1 
ATOM   553 H HG13 . VAL C 1 1  ? -2.765  5.478   12.800  1.00 78.80  ? 1   VAL C HG13 1 
ATOM   554 H HG21 . VAL C 1 1  ? -2.696  3.247   10.839  1.00 68.49  ? 1   VAL C HG21 1 
ATOM   555 H HG22 . VAL C 1 1  ? -4.079  3.857   11.329  1.00 68.49  ? 1   VAL C HG22 1 
ATOM   556 H HG23 . VAL C 1 1  ? -3.743  3.795   9.777   1.00 68.49  ? 1   VAL C HG23 1 
HETATM 557 N N    . ORN C 1 2  ? -0.672  10.806  7.340   1.00 85.50  ? 2   ORN C N    1 
HETATM 558 C CA   . ORN C 1 2  ? -1.324  9.556   7.820   1.00 80.48  ? 2   ORN C CA   1 
HETATM 559 C CB   . ORN C 1 2  ? -2.848  9.649   7.646   1.00 76.86  ? 2   ORN C CB   1 
HETATM 560 C CG   . ORN C 1 2  ? -3.523  10.655  8.593   1.00 80.86  ? 2   ORN C CG   1 
HETATM 561 C CD   . ORN C 1 2  ? -3.490  10.198  10.061  1.00 84.30  ? 2   ORN C CD   1 
HETATM 562 N NE   . ORN C 1 2  ? -3.981  8.835   10.197  1.00 79.26  ? 2   ORN C NE   1 
HETATM 563 C C    . ORN C 1 2  ? -0.801  8.324   7.054   1.00 76.19  ? 2   ORN C C    1 
HETATM 564 O O    . ORN C 1 2  ? -0.722  8.310   5.823   1.00 74.80  ? 2   ORN C O    1 
HETATM 565 H H2   . ORN C 1 2  ? -1.024  11.124  6.434   1.00 87.18  ? 2   ORN C H2   1 
HETATM 566 H H    . ORN C 1 2  ? -0.799  11.598  7.975   1.00 87.18  ? 2   ORN C H    1 
HETATM 567 H HA   . ORN C 1 2  ? -1.027  9.446   8.867   1.00 81.14  ? 2   ORN C HA   1 
HETATM 568 H HB2  . ORN C 1 2  ? -3.290  8.662   7.839   1.00 86.27  ? 2   ORN C HB2  1 
HETATM 569 H HB3  . ORN C 1 2  ? -3.058  9.967   6.614   1.00 86.27  ? 2   ORN C HB3  1 
HETATM 570 H HG2  . ORN C 1 2  ? -4.568  10.785  8.289   1.00 94.56  ? 2   ORN C HG2  1 
HETATM 571 H HG3  . ORN C 1 2  ? -3.008  11.619  8.509   1.00 94.56  ? 2   ORN C HG3  1 
HETATM 572 H HD2  . ORN C 1 2  ? -4.136  10.860  10.646  1.00 98.43  ? 2   ORN C HD2  1 
HETATM 573 H HD3  . ORN C 1 2  ? -2.459  10.244  10.423  1.00 98.43  ? 2   ORN C HD3  1 
HETATM 574 H HE1  . ORN C 1 2  ? -4.993  8.725   10.173  1.00 93.23  ? 2   ORN C HE1  1 
ATOM   575 N N    . LYS C 1 3  ? -0.437  7.251   7.829   1.00 77.87  ? 3   LYS C N    1 
ATOM   576 C CA   . LYS C 1 3  ? 0.059   6.027   7.222   1.00 74.28  ? 3   LYS C CA   1 
ATOM   577 C C    . LYS C 1 3  ? -1.108  5.301   6.566   1.00 68.88  ? 3   LYS C C    1 
ATOM   578 O O    . LYS C 1 3  ? -2.164  5.123   7.175   1.00 67.50  ? 3   LYS C O    1 
ATOM   579 C CB   . LYS C 1 3  ? 0.742   5.132   8.253   1.00 75.76  ? 3   LYS C CB   1 
ATOM   580 C CG   . LYS C 1 3  ? 1.296   3.849   7.661   1.00 73.11  ? 3   LYS C CG   1 
ATOM   581 C CD   . LYS C 1 3  ? 2.427   3.284   8.502   1.00 78.43  ? 3   LYS C CD   1 
ATOM   582 C CE   . LYS C 1 3  ? 3.007   2.032   7.866   1.00 76.50  ? 3   LYS C CE   1 
ATOM   583 N NZ   . LYS C 1 3  ? 4.326   1.660   8.460   1.00 82.74  1 3   LYS C NZ   1 
ATOM   584 H H    . LYS C 1 3  ? -0.486  7.228   8.687   1.00 65.56  ? 3   LYS C H    1 
ATOM   585 H HA   . LYS C 1 3  ? 0.705   6.248   6.533   1.00 61.07  ? 3   LYS C HA   1 
ATOM   586 H HB2  . LYS C 1 3  ? 1.479   5.620   8.653   1.00 71.54  ? 3   LYS C HB2  1 
ATOM   587 H HB3  . LYS C 1 3  ? 0.097   4.891   8.937   1.00 71.54  ? 3   LYS C HB3  1 
ATOM   588 H HG2  . LYS C 1 3  ? 0.590   3.186   7.617   1.00 76.85  ? 3   LYS C HG2  1 
ATOM   589 H HG3  . LYS C 1 3  ? 1.641   4.031   6.773   1.00 76.85  ? 3   LYS C HG3  1 
ATOM   590 H HD2  . LYS C 1 3  ? 3.134   3.944   8.576   1.00 87.10  ? 3   LYS C HD2  1 
ATOM   591 H HD3  . LYS C 1 3  ? 2.088   3.053   9.381   1.00 87.10  ? 3   LYS C HD3  1 
ATOM   592 H HE2  . LYS C 1 3  ? 2.395   1.292   8.004   1.00 84.22  ? 3   LYS C HE2  1 
ATOM   593 H HE3  . LYS C 1 3  ? 3.136   2.186   6.918   1.00 84.22  ? 3   LYS C HE3  1 
ATOM   594 H HZ1  . LYS C 1 3  ? 4.639   0.925   8.068   1.00 87.83  ? 3   LYS C HZ1  1 
ATOM   595 H HZ2  . LYS C 1 3  ? 4.910   2.322   8.341   1.00 87.83  ? 3   LYS C HZ2  1 
ATOM   596 H HZ3  . LYS C 1 3  ? 4.235   1.507   9.332   1.00 87.83  ? 3   LYS C HZ3  1 
ATOM   597 N N    . LEU C 1 4  ? -0.916  4.893   5.317   1.00 68.57  ? 4   LEU C N    1 
ATOM   598 C CA   . LEU C 1 4  ? -1.983  4.316   4.513   1.00 64.03  ? 4   LEU C CA   1 
ATOM   599 C C    . LEU C 1 4  ? -1.892  2.798   4.555   1.00 60.50  ? 4   LEU C C    1 
ATOM   600 O O    . LEU C 1 4  ? -0.827  2.226   4.294   1.00 60.21  ? 4   LEU C O    1 
ATOM   601 C CB   . LEU C 1 4  ? -1.895  4.826   3.075   1.00 63.24  ? 4   LEU C CB   1 
ATOM   602 C CG   . LEU C 1 4  ? -3.075  4.582   2.135   1.00 59.42  ? 4   LEU C CG   1 
ATOM   603 C CD1  . LEU C 1 4  ? -4.392  5.007   2.749   1.00 60.17  ? 4   LEU C CD1  1 
ATOM   604 C CD2  . LEU C 1 4  ? -2.834  5.339   0.839   1.00 59.58  ? 4   LEU C CD2  1 
ATOM   605 H H    . LEU C 1 4  ? -0.162  4.940   4.907   1.00 60.78  ? 4   LEU C H    1 
ATOM   606 H HA   . LEU C 1 4  ? -2.841  4.583   4.879   1.00 50.53  ? 4   LEU C HA   1 
ATOM   607 H HB2  . LEU C 1 4  ? -1.760  5.786   3.109   1.00 50.32  ? 4   LEU C HB2  1 
ATOM   608 H HB3  . LEU C 1 4  ? -1.120  4.414   2.663   1.00 50.32  ? 4   LEU C HB3  1 
ATOM   609 H HG   . LEU C 1 4  ? -3.128  3.637   1.928   1.00 46.89  ? 4   LEU C HG   1 
ATOM   610 H HD11 . LEU C 1 4  ? -5.107  4.833   2.116   1.00 42.76  ? 4   LEU C HD11 1 
ATOM   611 H HD12 . LEU C 1 4  ? -4.540  4.500   3.563   1.00 42.76  ? 4   LEU C HD12 1 
ATOM   612 H HD13 . LEU C 1 4  ? -4.354  5.956   2.952   1.00 42.76  ? 4   LEU C HD13 1 
ATOM   613 H HD21 . LEU C 1 4  ? -3.581  5.186   0.241   1.00 53.55  ? 4   LEU C HD21 1 
ATOM   614 H HD22 . LEU C 1 4  ? -2.756  6.286   1.037   1.00 53.55  ? 4   LEU C HD22 1 
ATOM   615 H HD23 . LEU C 1 4  ? -2.013  5.018   0.434   1.00 53.55  ? 4   LEU C HD23 1 
ATOM   616 N N    . VAL C 1 5  ? -3.009  2.153   4.883   1.00 62.23  ? 5   VAL C N    1 
ATOM   617 C CA   . VAL C 1 5  ? -3.050  0.705   5.069   1.00 60.10  ? 5   VAL C CA   1 
ATOM   618 C C    . VAL C 1 5  ? -4.032  0.075   4.072   1.00 56.69  ? 5   VAL C C    1 
ATOM   619 O O    . VAL C 1 5  ? -5.200  0.458   4.047   1.00 56.36  ? 5   VAL C O    1 
ATOM   620 C CB   . VAL C 1 5  ? -3.443  0.360   6.521   1.00 61.85  ? 5   VAL C CB   1 
ATOM   621 C CG1  . VAL C 1 5  ? -3.414  -1.140  6.750   1.00 60.76  ? 5   VAL C CG1  1 
ATOM   622 C CG2  . VAL C 1 5  ? -2.529  1.076   7.512   1.00 65.67  ? 5   VAL C CG2  1 
ATOM   623 H H    . VAL C 1 5  ? -3.768  2.538   5.005   1.00 47.36  ? 5   VAL C H    1 
ATOM   624 H HA   . VAL C 1 5  ? -2.169  0.337   4.899   1.00 47.36  ? 5   VAL C HA   1 
ATOM   625 H HB   . VAL C 1 5  ? -4.350  0.666   6.679   1.00 44.77  ? 5   VAL C HB   1 
ATOM   626 H HG11 . VAL C 1 5  ? -3.665  -1.324  7.669   1.00 47.05  ? 5   VAL C HG11 1 
ATOM   627 H HG12 . VAL C 1 5  ? -4.041  -1.563  6.144   1.00 47.05  ? 5   VAL C HG12 1 
ATOM   628 H HG13 . VAL C 1 5  ? -2.516  -1.468  6.579   1.00 47.05  ? 5   VAL C HG13 1 
ATOM   629 H HG21 . VAL C 1 5  ? -2.797  0.842   8.414   1.00 52.49  ? 5   VAL C HG21 1 
ATOM   630 H HG22 . VAL C 1 5  ? -1.614  0.797   7.355   1.00 52.49  ? 5   VAL C HG22 1 
ATOM   631 H HG23 . VAL C 1 5  ? -2.610  2.034   7.381   1.00 52.49  ? 5   VAL C HG23 1 
HETATM 632 C C1   . MEA C 1 6  ? -2.681  -1.880  3.719   1.00 57.96  ? 6   MEA C C1   1 
HETATM 633 N N    . MEA C 1 6  ? -3.588  -0.891  3.264   1.00 57.42  ? 6   MEA C N    1 
HETATM 634 C CA   . MEA C 1 6  ? -4.468  -1.414  2.216   1.00 54.77  ? 6   MEA C CA   1 
HETATM 635 C C    . MEA C 1 6  ? -5.132  -2.784  2.552   1.00 54.92  ? 6   MEA C C    1 
HETATM 636 O O    . MEA C 1 6  ? -4.482  -3.740  3.021   1.00 55.71  ? 6   MEA C O    1 
HETATM 637 C CB   . MEA C 1 6  ? -3.756  -1.556  0.940   1.00 52.36  ? 6   MEA C CB   1 
HETATM 638 C CG   . MEA C 1 6  ? -3.633  -0.189  0.251   1.00 52.03  ? 6   MEA C CG   1 
HETATM 639 C CD1  . MEA C 1 6  ? -2.404  0.460   0.190   1.00 53.52  ? 6   MEA C CD1  1 
HETATM 640 C CE1  . MEA C 1 6  ? -2.305  1.701   -0.438  1.00 54.28  ? 6   MEA C CE1  1 
HETATM 641 C CZ   . MEA C 1 6  ? -3.441  2.286   -1.004  1.00 52.90  ? 6   MEA C CZ   1 
HETATM 642 C CE2  . MEA C 1 6  ? -4.676  1.631   -0.944  1.00 50.94  ? 6   MEA C CE2  1 
HETATM 643 C CD2  . MEA C 1 6  ? -4.774  0.404   -0.327  1.00 50.87  ? 6   MEA C CD2  1 
HETATM 644 H HC1  . MEA C 1 6  ? -3.129  -2.455  4.396   1.00 34.18  ? 6   MEA C HC1  1 
HETATM 645 H HC2  . MEA C 1 6  ? -2.389  -2.433  2.959   1.00 34.18  ? 6   MEA C HC2  1 
HETATM 646 H HC3  . MEA C 1 6  ? -1.887  -1.438  4.134   1.00 34.18  ? 6   MEA C HC3  1 
HETATM 647 H HA   . MEA C 1 6  ? -5.195  -0.755  2.082   1.00 30.65  ? 6   MEA C HA   1 
HETATM 648 H HB1  . MEA C 1 6  ? -4.262  -2.168  0.356   1.00 36.14  ? 6   MEA C HB1  1 
HETATM 649 H HB2  . MEA C 1 6  ? -2.856  -1.928  1.101   1.00 36.14  ? 6   MEA C HB2  1 
HETATM 650 H HD1  . MEA C 1 6  ? -1.617  0.051   0.587   1.00 49.37  ? 6   MEA C HD1  1 
HETATM 651 H HE1  . MEA C 1 6  ? -1.437  2.166   -0.482  1.00 53.85  ? 6   MEA C HE1  1 
HETATM 652 H HZ   . MEA C 1 6  ? -3.370  3.170   -1.453  1.00 54.56  ? 6   MEA C HZ   1 
HETATM 653 H HE2  . MEA C 1 6  ? -5.456  2.037   -1.338  1.00 50.23  ? 6   MEA C HE2  1 
HETATM 654 H HD2  . MEA C 1 6  ? -5.712  0.128   -0.394  1.00 46.30  ? 6   MEA C HD2  1 
ATOM   655 N N    . PHE C 1 7  ? -6.433  -2.864  2.294   1.00 53.10  ? 7   PHE C N    1 
ATOM   656 C CA   . PHE C 1 7  ? -7.194  -4.092  2.508   1.00 54.16  ? 7   PHE C CA   1 
ATOM   657 C C    . PHE C 1 7  ? -7.903  -4.511  1.232   1.00 53.41  ? 7   PHE C C    1 
ATOM   658 O O    . PHE C 1 7  ? -8.509  -3.685  0.553   1.00 52.21  ? 7   PHE C O    1 
ATOM   659 C CB   . PHE C 1 7  ? -8.230  -3.912  3.622   1.00 55.61  ? 7   PHE C CB   1 
ATOM   660 C CG   . PHE C 1 7  ? -7.636  -3.717  4.988   1.00 60.86  ? 7   PHE C CG   1 
ATOM   661 C CD1  . PHE C 1 7  ? -7.329  -2.447  5.450   1.00 63.15  ? 7   PHE C CD1  1 
ATOM   662 C CD2  . PHE C 1 7  ? -7.399  -4.803  5.814   1.00 62.87  ? 7   PHE C CD2  1 
ATOM   663 C CE1  . PHE C 1 7  ? -6.787  -2.265  6.710   1.00 65.86  ? 7   PHE C CE1  1 
ATOM   664 C CE2  . PHE C 1 7  ? -6.858  -4.628  7.077   1.00 65.71  ? 7   PHE C CE2  1 
ATOM   665 C CZ   . PHE C 1 7  ? -6.551  -3.359  7.525   1.00 66.65  ? 7   PHE C CZ   1 
ATOM   666 H H    . PHE C 1 7  ? -6.905  -2.213  1.989   1.00 35.23  ? 7   PHE C H    1 
ATOM   667 H HA   . PHE C 1 7  ? -6.588  -4.803  2.768   1.00 42.15  ? 7   PHE C HA   1 
ATOM   668 H HB2  . PHE C 1 7  ? -8.771  -3.132  3.421   1.00 52.12  ? 7   PHE C HB2  1 
ATOM   669 H HB3  . PHE C 1 7  ? -8.792  -4.702  3.654   1.00 52.12  ? 7   PHE C HB3  1 
ATOM   670 H HD1  . PHE C 1 7  ? -7.484  -1.708  4.906   1.00 76.73  ? 7   PHE C HD1  1 
ATOM   671 H HD2  . PHE C 1 7  ? -7.603  -5.660  5.517   1.00 67.96  ? 7   PHE C HD2  1 
ATOM   672 H HE1  . PHE C 1 7  ? -6.581  -1.408  7.010   1.00 80.80  ? 7   PHE C HE1  1 
ATOM   673 H HE2  . PHE C 1 7  ? -6.700  -5.365  7.622   1.00 73.47  ? 7   PHE C HE2  1 
ATOM   674 H HZ   . PHE C 1 7  ? -6.187  -3.239  8.372   1.00 77.95  ? 7   PHE C HZ   1 
ATOM   675 N N    . ALA C 1 8  ? -7.830  -5.801  0.914   1.00 55.14  ? 8   ALA C N    1 
ATOM   676 C CA   . ALA C 1 8  ? -8.531  -6.370  -0.237  1.00 56.54  ? 8   ALA C CA   1 
ATOM   677 C C    . ALA C 1 8  ? -9.831  -6.976  0.282   1.00 60.61  ? 8   ALA C C    1 
ATOM   678 O O    . ALA C 1 8  ? -9.874  -8.130  0.707   1.00 63.67  ? 8   ALA C O    1 
ATOM   679 C CB   . ALA C 1 8  ? -7.665  -7.401  -0.950  1.00 58.71  ? 8   ALA C CB   1 
ATOM   680 H H    . ALA C 1 8  ? -7.372  -6.378  1.358   1.00 45.02  ? 8   ALA C H    1 
ATOM   681 H HA   . ALA C 1 8  ? -8.750  -5.664  -0.865  1.00 47.44  ? 8   ALA C HA   1 
ATOM   682 H HB1  . ALA C 1 8  ? -8.158  -7.758  -1.705  1.00 52.50  ? 8   ALA C HB1  1 
ATOM   683 H HB2  . ALA C 1 8  ? -6.853  -6.971  -1.258  1.00 52.50  ? 8   ALA C HB2  1 
ATOM   684 H HB3  . ALA C 1 8  ? -7.449  -8.114  -0.329  1.00 52.50  ? 8   ALA C HB3  1 
ATOM   685 N N    . GLN C 1 9  ? -10.896 -6.183  0.253   1.00 59.17  ? 9   GLN C N    1 
ATOM   686 C CA   . GLN C 1 9  ? -12.190 -6.613  0.777   1.00 65.24  ? 9   GLN C CA   1 
ATOM   687 C C    . GLN C 1 9  ? -13.091 -7.163  -0.327  1.00 69.27  ? 9   GLN C C    1 
ATOM   688 O O    . GLN C 1 9  ? -13.726 -6.408  -1.064  1.00 66.21  ? 9   GLN C O    1 
ATOM   689 C CB   . GLN C 1 9  ? -12.886 -5.450  1.492   1.00 64.26  ? 9   GLN C CB   1 
ATOM   690 C CG   . GLN C 1 9  ? -14.347 -5.703  1.857   1.00 66.53  ? 9   GLN C CG   1 
ATOM   691 C CD   . GLN C 1 9  ? -14.541 -6.963  2.675   1.00 69.67  ? 9   GLN C CD   1 
ATOM   692 O OE1  . GLN C 1 9  ? -13.789 -7.231  3.612   1.00 70.62  ? 9   GLN C OE1  1 
ATOM   693 N NE2  . GLN C 1 9  ? -15.555 -7.747  2.322   1.00 72.60  ? 9   GLN C NE2  1 
ATOM   694 H H    . GLN C 1 9  ? -10.898 -5.385  -0.068  1.00 57.52  ? 9   GLN C H    1 
ATOM   695 H HA   . GLN C 1 9  ? -12.047 -7.320  1.425   1.00 72.88  ? 9   GLN C HA   1 
ATOM   696 H HB2  . GLN C 1 9  ? -12.407 -5.261  2.315   1.00 76.80  ? 9   GLN C HB2  1 
ATOM   697 H HB3  . GLN C 1 9  ? -12.858 -4.671  0.915   1.00 76.80  ? 9   GLN C HB3  1 
ATOM   698 H HG2  . GLN C 1 9  ? -14.676 -4.954  2.379   1.00 77.08  ? 9   GLN C HG2  1 
ATOM   699 H HG3  . GLN C 1 9  ? -14.865 -5.792  1.042   1.00 77.08  ? 9   GLN C HG3  1 
ATOM   700 H HE21 . GLN C 1 9  ? -16.060 -7.527  1.661   1.00 68.85  ? 9   GLN C HE21 1 
ATOM   701 H HE22 . GLN C 1 9  ? -15.708 -8.474  2.756   1.00 68.85  ? 9   GLN C HE22 1 
HETATM 702 N N    . ORN C 1 10 ? -13.945 -8.251  -5.503  1.00 70.15  ? 10  ORN C N    1 
HETATM 703 C CA   . ORN C 1 10 ? -13.596 -7.482  -4.275  1.00 67.94  ? 10  ORN C CA   1 
HETATM 704 C CB   . ORN C 1 10 ? -12.595 -8.266  -3.411  1.00 70.74  ? 10  ORN C CB   1 
HETATM 705 C CG   . ORN C 1 10 ? -13.190 -9.508  -2.733  1.00 77.98  ? 10  ORN C CG   1 
HETATM 706 C CD   . ORN C 1 10 ? -13.976 -9.181  -1.445  1.00 78.70  ? 10  ORN C CD   1 
HETATM 707 N NE   . ORN C 1 10 ? -13.144 -8.535  -0.441  1.00 74.93  ? 10  ORN C NE   1 
HETATM 708 C C    . ORN C 1 10 ? -12.996 -6.095  -4.615  1.00 61.22  ? 10  ORN C C    1 
HETATM 709 O O    . ORN C 1 10 ? -12.430 -5.870  -5.687  1.00 58.43  ? 10  ORN C O    1 
HETATM 710 H H2   . ORN C 1 10 ? -14.562 -9.046  -5.321  1.00 81.37  ? 10  ORN C H2   1 
HETATM 711 H H    . ORN C 1 10 ? -14.424 -7.689  -6.210  1.00 81.37  ? 10  ORN C H    1 
HETATM 712 H HA   . ORN C 1 10 ? -14.545 -7.308  -3.758  1.00 81.81  ? 10  ORN C HA   1 
HETATM 713 H HB2  . ORN C 1 10 ? -11.737 -8.579  -4.023  1.00 82.57  ? 10  ORN C HB2  1 
HETATM 714 H HB3  . ORN C 1 10 ? -12.260 -7.597  -2.605  1.00 82.57  ? 10  ORN C HB3  1 
HETATM 715 H HG2  . ORN C 1 10 ? -13.859 -10.009 -3.441  1.00 87.83  ? 10  ORN C HG2  1 
HETATM 716 H HG3  . ORN C 1 10 ? -12.374 -10.194 -2.475  1.00 87.83  ? 10  ORN C HG3  1 
HETATM 717 H HD2  . ORN C 1 10 ? -14.805 -8.514  -1.700  1.00 89.95  ? 10  ORN C HD2  1 
HETATM 718 H HD3  . ORN C 1 10 ? -14.354 -10.118 -1.024  1.00 89.95  ? 10  ORN C HD3  1 
HETATM 719 H HE1  . ORN C 1 10 ? -12.622 -9.159  0.173   1.00 86.34  ? 10  ORN C HE1  1 
ATOM   720 N N    . ALA C 1 11 ? -13.141 -5.145  -3.636  1.00 64.98  ? 11  ALA C N    1 
ATOM   721 C CA   . ALA C 1 11 ? -12.618 -3.797  -3.791  1.00 60.31  ? 11  ALA C CA   1 
ATOM   722 C C    . ALA C 1 11 ? -11.447 -3.605  -2.836  1.00 56.20  ? 11  ALA C C    1 
ATOM   723 O O    . ALA C 1 11 ? -11.417 -4.189  -1.752  1.00 57.75  ? 11  ALA C O    1 
ATOM   724 C CB   . ALA C 1 11 ? -13.698 -2.762  -3.529  1.00 60.61  ? 11  ALA C CB   1 
ATOM   725 H H    . ALA C 1 11 ? -13.526 -5.285  -2.879  1.00 71.96  ? 11  ALA C H    1 
ATOM   726 H HA   . ALA C 1 11 ? -12.295 -3.680  -4.698  1.00 66.72  ? 11  ALA C HA   1 
ATOM   727 H HB1  . ALA C 1 11 ? -13.321 -1.876  -3.641  1.00 71.89  ? 11  ALA C HB1  1 
ATOM   728 H HB2  . ALA C 1 11 ? -14.422 -2.895  -4.162  1.00 71.89  ? 11  ALA C HB2  1 
ATOM   729 H HB3  . ALA C 1 11 ? -14.027 -2.872  -2.624  1.00 71.89  ? 11  ALA C HB3  1 
ATOM   730 N N    . ILE C 1 12 ? -10.474 -2.804  -3.249  1.00 55.94  ? 12  ILE C N    1 
ATOM   731 C CA   . ILE C 1 12 ? -9.342  -2.461  -2.400  1.00 55.75  ? 12  ILE C CA   1 
ATOM   732 C C    . ILE C 1 12 ? -9.685  -1.189  -1.641  1.00 55.50  ? 12  ILE C C    1 
ATOM   733 O O    . ILE C 1 12 ? -10.090 -0.184  -2.238  1.00 53.41  ? 12  ILE C O    1 
ATOM   734 C CB   . ILE C 1 12 ? -8.059  -2.291  -3.231  1.00 52.86  ? 12  ILE C CB   1 
ATOM   735 C CG1  . ILE C 1 12 ? -7.735  -3.599  -3.952  1.00 55.92  ? 12  ILE C CG1  1 
ATOM   736 C CG2  . ILE C 1 12 ? -6.883  -1.893  -2.342  1.00 53.03  ? 12  ILE C CG2  1 
ATOM   737 C CD1  . ILE C 1 12 ? -6.620  -3.477  -4.959  1.00 55.88  ? 12  ILE C CD1  1 
ATOM   738 H H    . ILE C 1 12 ? -10.447 -2.439  -4.027  1.00 41.68  ? 12  ILE C H    1 
ATOM   739 H HA   . ILE C 1 12 ? -9.197  -3.172  -1.756  1.00 36.04  ? 12  ILE C HA   1 
ATOM   740 H HB   . ILE C 1 12 ? -8.203  -1.595  -3.892  1.00 42.79  ? 12  ILE C HB   1 
ATOM   741 H HG12 . ILE C 1 12 ? -7.471  -4.260  -3.295  1.00 56.10  ? 12  ILE C HG12 1 
ATOM   742 H HG13 . ILE C 1 12 ? -8.528  -3.901  -4.422  1.00 56.10  ? 12  ILE C HG13 1 
ATOM   743 H HG21 . ILE C 1 12 ? -6.091  -1.794  -2.892  1.00 42.62  ? 12  ILE C HG21 1 
ATOM   744 H HG22 . ILE C 1 12 ? -7.090  -1.053  -1.903  1.00 42.62  ? 12  ILE C HG22 1 
ATOM   745 H HG23 . ILE C 1 12 ? -6.740  -2.586  -1.678  1.00 42.62  ? 12  ILE C HG23 1 
ATOM   746 H HD11 . ILE C 1 12 ? -6.473  -4.342  -5.372  1.00 68.23  ? 12  ILE C HD11 1 
ATOM   747 H HD12 . ILE C 1 12 ? -6.873  -2.827  -5.633  1.00 68.23  ? 12  ILE C HD12 1 
ATOM   748 H HD13 . ILE C 1 12 ? -5.814  -3.187  -4.504  1.00 68.23  ? 12  ILE C HD13 1 
ATOM   749 N N    . ILE C 1 13 ? -9.542  -1.236  -0.321  1.00 52.55  ? 13  ILE C N    1 
ATOM   750 C CA   . ILE C 1 13 ? -9.852  -0.107  0.547   1.00 53.82  ? 13  ILE C CA   1 
ATOM   751 C C    . ILE C 1 13 ? -8.567  0.306   1.245   1.00 54.59  ? 13  ILE C C    1 
ATOM   752 O O    . ILE C 1 13 ? -8.002  -0.467  2.029   1.00 55.28  ? 13  ILE C O    1 
ATOM   753 C CB   . ILE C 1 13 ? -10.947 -0.451  1.568   1.00 54.47  ? 13  ILE C CB   1 
ATOM   754 C CG1  . ILE C 1 13 ? -12.174 -1.024  0.860   1.00 53.41  ? 13  ILE C CG1  1 
ATOM   755 C CG2  . ILE C 1 13 ? -11.337 0.791   2.360   1.00 55.68  ? 13  ILE C CG2  1 
ATOM   756 C CD1  . ILE C 1 13 ? -13.207 -1.604  1.801   1.00 54.58  ? 13  ILE C CD1  1 
ATOM   757 H H    . ILE C 1 13 ? -9.261  -1.928  0.105   1.00 25.57  ? 13  ILE C H    1 
ATOM   758 H HA   . ILE C 1 13 ? -10.160 0.639   0.008   1.00 41.06  ? 13  ILE C HA   1 
ATOM   759 H HB   . ILE C 1 13 ? -10.602 -1.118  2.183   1.00 53.76  ? 13  ILE C HB   1 
ATOM   760 H HG12 . ILE C 1 13 ? -12.601 -0.316  0.351   1.00 57.48  ? 13  ILE C HG12 1 
ATOM   761 H HG13 . ILE C 1 13 ? -11.888 -1.732  0.261   1.00 57.48  ? 13  ILE C HG13 1 
ATOM   762 H HG21 . ILE C 1 13 ? -12.029 0.553   2.999   1.00 61.36  ? 13  ILE C HG21 1 
ATOM   763 H HG22 . ILE C 1 13 ? -10.556 1.125   2.827   1.00 61.36  ? 13  ILE C HG22 1 
ATOM   764 H HG23 . ILE C 1 13 ? -11.671 1.464   1.746   1.00 61.36  ? 13  ILE C HG23 1 
ATOM   765 H HD11 . ILE C 1 13 ? -13.952 -1.945  1.281   1.00 59.06  ? 13  ILE C HD11 1 
ATOM   766 H HD12 . ILE C 1 13 ? -12.801 -2.323  2.310   1.00 59.06  ? 13  ILE C HD12 1 
ATOM   767 H HD13 . ILE C 1 13 ? -13.514 -0.907  2.401   1.00 59.06  ? 13  ILE C HD13 1 
ATOM   768 N N    . GLY C 1 14 ? -8.098  1.513   0.950   1.00 54.43  ? 14  GLY C N    1 
ATOM   769 C CA   . GLY C 1 14 ? -6.968  2.079   1.654   1.00 56.71  ? 14  GLY C CA   1 
ATOM   770 C C    . GLY C 1 14 ? -7.431  2.914   2.826   1.00 59.95  ? 14  GLY C C    1 
ATOM   771 O O    . GLY C 1 14 ? -8.100  3.938   2.646   1.00 61.49  ? 14  GLY C O    1 
ATOM   772 H H    . GLY C 1 14 ? -8.424  2.024   0.340   1.00 40.75  ? 14  GLY C H    1 
ATOM   773 H HA2  . GLY C 1 14 ? -6.396  1.368   1.983   1.00 45.73  ? 14  GLY C HA2  1 
ATOM   774 H HA3  . GLY C 1 14 ? -6.454  2.640   1.053   1.00 45.73  ? 14  GLY C HA3  1 
ATOM   775 N N    . LEU C 1 15 ? -7.089  2.484   4.035   1.00 61.67  ? 15  LEU C N    1 
ATOM   776 C CA   . LEU C 1 15 ? -7.547  3.128   5.255   1.00 63.92  ? 15  LEU C CA   1 
ATOM   777 C C    . LEU C 1 15 ? -6.390  3.841   5.940   1.00 67.11  ? 15  LEU C C    1 
ATOM   778 O O    . LEU C 1 15 ? -5.259  3.345   5.953   1.00 67.40  ? 15  LEU C O    1 
ATOM   779 C CB   . LEU C 1 15 ? -8.181  2.102   6.200   1.00 63.96  ? 15  LEU C CB   1 
ATOM   780 C CG   . LEU C 1 15 ? -9.384  1.367   5.595   1.00 63.51  ? 15  LEU C CG   1 
ATOM   781 C CD1  . LEU C 1 15 ? -9.865  0.259   6.506   1.00 62.29  ? 15  LEU C CD1  1 
ATOM   782 C CD2  . LEU C 1 15 ? -10.522 2.342   5.315   1.00 67.22  ? 15  LEU C CD2  1 
ATOM   783 H H    . LEU C 1 15 ? -6.581  1.804   4.175   1.00 64.37  ? 15  LEU C H    1 
ATOM   784 H HA   . LEU C 1 15 ? -8.221  3.790   5.032   1.00 75.22  ? 15  LEU C HA   1 
ATOM   785 H HB2  . LEU C 1 15 ? -7.514  1.438   6.433   1.00 80.99  ? 15  LEU C HB2  1 
ATOM   786 H HB3  . LEU C 1 15 ? -8.485  2.559   7.000   1.00 80.99  ? 15  LEU C HB3  1 
ATOM   787 H HG   . LEU C 1 15 ? -9.117  0.967   4.753   1.00 84.63  ? 15  LEU C HG   1 
ATOM   788 H HD11 . LEU C 1 15 ? -10.623 -0.183  6.093   1.00 78.82  ? 15  LEU C HD11 1 
ATOM   789 H HD12 . LEU C 1 15 ? -9.144  -0.377  6.637   1.00 78.82  ? 15  LEU C HD12 1 
ATOM   790 H HD13 . LEU C 1 15 ? -10.128 0.641   7.358   1.00 78.82  ? 15  LEU C HD13 1 
ATOM   791 H HD21 . LEU C 1 15 ? -11.269 1.854   4.934   1.00 99.04  ? 15  LEU C HD21 1 
ATOM   792 H HD22 . LEU C 1 15 ? -10.791 2.762   6.146   1.00 99.04  ? 15  LEU C HD22 1 
ATOM   793 H HD23 . LEU C 1 15 ? -10.214 3.016   4.688   1.00 99.04  ? 15  LEU C HD23 1 
ATOM   794 N N    . MET C 1 16 ? -6.685  5.008   6.501   1.00 68.84  ? 16  MET C N    1 
ATOM   795 C CA   . MET C 1 16 ? -5.681  5.845   7.139   1.00 72.80  ? 16  MET C CA   1 
ATOM   796 C C    . MET C 1 16 ? -5.503  5.480   8.611   1.00 74.23  ? 16  MET C C    1 
ATOM   797 O O    . MET C 1 16 ? -6.222  4.631   9.140   1.00 72.32  ? 16  MET C O    1 
ATOM   798 C CB   . MET C 1 16 ? -6.077  7.316   7.007   1.00 75.87  ? 16  MET C CB   1 
ATOM   799 C CG   . MET C 1 16 ? -6.106  7.825   5.577   1.00 76.67  ? 16  MET C CG   1 
ATOM   800 S SD   . MET C 1 16 ? -6.696  9.523   5.491   1.00 82.56  ? 16  MET C SD   1 
ATOM   801 C CE   . MET C 1 16 ? -5.899  10.097  3.996   1.00 86.78  ? 16  MET C CE   1 
ATOM   802 H H    . MET C 1 16 ? -7.478  5.342   6.525   1.00 78.25  ? 16  MET C H    1 
ATOM   803 H HA   . MET C 1 16 ? -4.834  5.723   6.681   1.00 81.81  ? 16  MET C HA   1 
ATOM   804 H HB2  . MET C 1 16 ? -6.965  7.434   7.381   1.00 86.31  ? 16  MET C HB2  1 
ATOM   805 H HB3  . MET C 1 16 ? -5.441  7.856   7.500   1.00 86.31  ? 16  MET C HB3  1 
ATOM   806 H HG2  . MET C 1 16 ? -5.209  7.795   5.210   1.00 89.67  ? 16  MET C HG2  1 
ATOM   807 H HG3  . MET C 1 16 ? -6.703  7.269   5.052   1.00 89.67  ? 16  MET C HG3  1 
ATOM   808 H HE1  . MET C 1 16 ? -6.148  11.021  3.842   1.00 104.06 ? 16  MET C HE1  1 
ATOM   809 H HE2  . MET C 1 16 ? -4.938  10.026  4.103   1.00 104.06 ? 16  MET C HE2  1 
ATOM   810 H HE3  . MET C 1 16 ? -6.192  9.547   3.252   1.00 104.06 ? 16  MET C HE3  1 
HETATM 811 O O    . HOH D 2 .  ? 9.920   -2.082  -3.791  1.00 72.21  ? 101 HOH A O    1 
HETATM 812 O O    . HOH D 2 .  ? -3.035  13.759  6.396   1.00 76.28  ? 102 HOH A O    1 
HETATM 813 O O    . HOH D 2 .  ? 6.398   -6.457  6.875   1.00 56.06  ? 103 HOH A O    1 
HETATM 814 O O    . HOH D 2 .  ? 4.404   -7.343  5.337   1.00 55.65  ? 104 HOH A O    1 
HETATM 815 O O    . HOH D 2 .  ? -5.294  11.915  1.304   1.00 81.38  ? 105 HOH A O    1 
HETATM 816 O O    . HOH D 2 .  ? 18.534  -0.636  1.730   0.50 56.72  ? 106 HOH A O    1 
HETATM 817 O O    . HOH E 2 .  ? 6.629   -1.881  -14.742 1.00 73.83  ? 101 HOH B O    1 
HETATM 818 O O    . HOH E 2 .  ? -2.878  -9.035  -3.445  1.00 68.16  ? 102 HOH B O    1 
HETATM 819 O O    . HOH F 2 .  ? -15.851 -6.186  -2.137  1.00 64.49  ? 101 HOH C O    1 
HETATM 820 O O    . HOH F 2 .  ? -14.520 -7.409  5.924   1.00 60.02  ? 102 HOH C O    1 
HETATM 821 O O    . HOH F 2 .  ? -16.502 -9.983  0.876   1.00 70.90  ? 103 HOH C O    1 
HETATM 822 O O    . HOH F 2 .  ? -4.999  12.503  12.294  0.25 48.17  ? 104 HOH C O    1 
HETATM 823 O O    . HOH F 2 .  ? -17.201 -1.154  0.536   0.33 43.98  ? 105 HOH C O    1 
# 
loop_
_atom_site_anisotrop.id 
_atom_site_anisotrop.type_symbol 
_atom_site_anisotrop.pdbx_label_atom_id 
_atom_site_anisotrop.pdbx_label_alt_id 
_atom_site_anisotrop.pdbx_label_comp_id 
_atom_site_anisotrop.pdbx_label_asym_id 
_atom_site_anisotrop.pdbx_label_seq_id 
_atom_site_anisotrop.pdbx_PDB_ins_code 
_atom_site_anisotrop.U[1][1] 
_atom_site_anisotrop.U[2][2] 
_atom_site_anisotrop.U[3][3] 
_atom_site_anisotrop.U[1][2] 
_atom_site_anisotrop.U[1][3] 
_atom_site_anisotrop.U[2][3] 
_atom_site_anisotrop.pdbx_auth_seq_id 
_atom_site_anisotrop.pdbx_auth_comp_id 
_atom_site_anisotrop.pdbx_auth_asym_id 
_atom_site_anisotrop.pdbx_auth_atom_id 
1   N N   . VAL A 1  ? 0.6169 1.1360 0.6810 -0.1575 -0.0226 0.0756  1  VAL A N   
2   C CA  . VAL A 1  ? 0.5783 1.1435 0.6782 -0.1417 -0.0129 0.0821  1  VAL A CA  
3   C C   . VAL A 1  ? 0.6166 1.2200 0.7405 -0.1021 -0.0046 0.0716  1  VAL A C   
4   O O   . VAL A 1  ? 0.6283 1.2054 0.7879 -0.0704 -0.0057 0.0630  1  VAL A O   
5   C CB  . VAL A 1  ? 0.5197 1.0390 0.6470 -0.1322 -0.0163 0.0825  1  VAL A CB  
6   C CG1 . VAL A 1  ? 0.4696 1.0452 0.6278 -0.1241 -0.0081 0.0982  1  VAL A CG1 
7   C CG2 . VAL A 1  ? 0.5305 0.9969 0.6272 -0.1606 -0.0222 0.0837  1  VAL A CG2 
17  N N   . ORN A 2  ? 0.7296 1.2503 0.8197 0.0161  -0.0120 -0.0396 2  ORN A N   
18  C CA  . ORN A 2  ? 0.6524 1.1763 0.7645 -0.0170 -0.0145 -0.0053 2  ORN A CA  
19  C CB  . ORN A 2  ? 0.6496 1.2240 0.7243 -0.0543 -0.0087 0.0159  2  ORN A CB  
20  C CG  . ORN A 2  ? 0.5996 1.2736 0.6769 -0.0512 0.0125  0.0323  2  ORN A CG  
21  C CD  . ORN A 2  ? 0.5403 1.2446 0.6561 -0.0602 0.0168  0.0578  2  ORN A CD  
22  N NE  . ORN A 2  ? 0.5163 1.1819 0.6185 -0.1036 0.0044  0.0729  2  ORN A NE  
23  C C   . ORN A 2  ? 0.6546 1.0996 0.7805 -0.0317 -0.0356 -0.0048 2  ORN A C   
24  O O   . ORN A 2  ? 0.7052 1.1034 0.8164 -0.0303 -0.0522 -0.0236 2  ORN A O   
35  N N   . LYS A 3  ? 0.6456 1.0855 0.8002 -0.0462 -0.0346 0.0191  3  LYS A N   
36  C CA  . LYS A 3  ? 0.6047 0.9878 0.7787 -0.0561 -0.0487 0.0256  3  LYS A CA  
37  C C   . LYS A 3  ? 0.6187 0.9850 0.7574 -0.0851 -0.0539 0.0340  3  LYS A C   
38  O O   . LYS A 3  ? 0.6043 0.9997 0.7148 -0.1059 -0.0451 0.0447  3  LYS A O   
39  C CB  . LYS A 3  ? 0.5606 0.9527 0.7764 -0.0532 -0.0420 0.0465  3  LYS A CB  
40  C CG  . LYS A 3  ? 0.5450 0.8927 0.7937 -0.0543 -0.0530 0.0556  3  LYS A CG  
41  C CD  . LYS A 3  ? 0.5167 0.8892 0.7979 -0.0529 -0.0426 0.0798  3  LYS A CD  
42  C CE  . LYS A 3  ? 0.5074 0.8523 0.8387 -0.0455 -0.0519 0.0940  3  LYS A CE  
43  N NZ  . LYS A 3  ? 0.4813 0.8139 0.8091 -0.0571 -0.0505 0.1042  3  LYS A NZ  
57  N N   . LEU A 4  ? 0.5352 0.8543 0.6787 -0.0872 -0.0701 0.0319  4  LEU A N   
58  C CA  . LEU A 4  ? 0.5447 0.8389 0.6635 -0.1072 -0.0761 0.0435  4  LEU A CA  
59  C C   . LEU A 4  ? 0.4985 0.7689 0.6456 -0.1065 -0.0721 0.0581  4  LEU A C   
60  O O   . LEU A 4  ? 0.4784 0.7347 0.6678 -0.0930 -0.0788 0.0617  4  LEU A O   
61  C CB  . LEU A 4  ? 0.5701 0.8391 0.6772 -0.1072 -0.0969 0.0372  4  LEU A CB  
62  C CG  . LEU A 4  ? 0.6209 0.9159 0.6817 -0.1112 -0.1000 0.0239  4  LEU A CG  
63  C CD1 . LEU A 4  ? 0.6473 0.9191 0.6987 -0.1108 -0.1247 0.0160  4  LEU A CD1 
64  C CD2 . LEU A 4  ? 0.6444 0.9611 0.6644 -0.1354 -0.0911 0.0415  4  LEU A CD2 
76  N N   . VAL A 5  ? 0.5477 0.8150 0.6699 -0.1222 -0.0615 0.0663  5  VAL A N   
77  C CA  . VAL A 5  ? 0.5275 0.7717 0.6627 -0.1184 -0.0538 0.0744  5  VAL A CA  
78  C C   . VAL A 5  ? 0.5718 0.7666 0.6878 -0.1221 -0.0605 0.0801  5  VAL A C   
79  O O   . VAL A 5  ? 0.6210 0.7977 0.6949 -0.1422 -0.0632 0.0813  5  VAL A O   
80  C CB  . VAL A 5  ? 0.5251 0.7914 0.6398 -0.1321 -0.0391 0.0745  5  VAL A CB  
81  C CG1 . VAL A 5  ? 0.5219 0.7676 0.6421 -0.1238 -0.0285 0.0772  5  VAL A CG1 
82  C CG2 . VAL A 5  ? 0.4766 0.7993 0.6145 -0.1257 -0.0338 0.0757  5  VAL A CG2 
92  C C1  . MEA A 6  ? 0.5560 0.7489 0.7436 -0.0861 -0.0509 0.0933  6  MEA A C1  
93  N N   . MEA A 6  ? 0.5437 0.7199 0.6942 -0.1026 -0.0634 0.0884  6  MEA A N   
94  C CA  . MEA A 6  ? 0.5934 0.7277 0.7347 -0.0986 -0.0710 0.0982  6  MEA A CA  
95  C C   . MEA A 6  ? 0.6241 0.7210 0.7560 -0.0865 -0.0544 0.0993  6  MEA A C   
96  O O   . MEA A 6  ? 0.5813 0.6950 0.7418 -0.0672 -0.0399 0.1002  6  MEA A O   
97  C CB  . MEA A 6  ? 0.5703 0.7127 0.7549 -0.0840 -0.0872 0.1102  6  MEA A CB  
98  C CG  . MEA A 6  ? 0.5852 0.7419 0.7556 -0.0975 -0.1082 0.1045  6  MEA A CG  
99  C CD1 . MEA A 6  ? 0.5489 0.7326 0.7410 -0.0961 -0.1154 0.0922  6  MEA A CD1 
100 C CE1 . MEA A 6  ? 0.5775 0.7701 0.7467 -0.1044 -0.1328 0.0795  6  MEA A CE1 
101 C CZ  . MEA A 6  ? 0.6322 0.8190 0.7584 -0.1168 -0.1427 0.0853  6  MEA A CZ  
102 C CE2 . MEA A 6  ? 0.6651 0.8262 0.7764 -0.1211 -0.1373 0.1054  6  MEA A CE2 
103 C CD2 . MEA A 6  ? 0.6477 0.7873 0.7799 -0.1103 -0.1203 0.1121  6  MEA A CD2 
115 N N   . PHE A 7  ? 0.6792 0.7238 0.7688 -0.0970 -0.0565 0.0996  7  PHE A N   
116 C CA  . PHE A 7  ? 0.7429 0.7329 0.8147 -0.0817 -0.0425 0.0947  7  PHE A CA  
117 C C   . PHE A 7  ? 0.8224 0.7628 0.8999 -0.0649 -0.0524 0.1122  7  PHE A C   
118 O O   . PHE A 7  ? 0.8697 0.8100 0.9435 -0.0793 -0.0724 0.1279  7  PHE A O   
119 C CB  . PHE A 7  ? 0.8081 0.7621 0.8193 -0.1114 -0.0373 0.0771  7  PHE A CB  
120 C CG  . PHE A 7  ? 0.7458 0.7505 0.7517 -0.1235 -0.0260 0.0632  7  PHE A CG  
121 C CD1 . PHE A 7  ? 0.6896 0.7513 0.6984 -0.1471 -0.0332 0.0662  7  PHE A CD1 
122 C CD2 . PHE A 7  ? 0.7484 0.7488 0.7450 -0.1083 -0.0073 0.0487  7  PHE A CD2 
123 C CE1 . PHE A 7  ? 0.6383 0.7511 0.6476 -0.1554 -0.0241 0.0597  7  PHE A CE1 
124 C CE2 . PHE A 7  ? 0.7016 0.7559 0.6930 -0.1209 0.0006  0.0416  7  PHE A CE2 
125 C CZ  . PHE A 7  ? 0.6541 0.7643 0.6550 -0.1446 -0.0088 0.0494  7  PHE A CZ  
135 N N   . ALA A 8  ? 0.8383 0.7413 0.9238 -0.0314 -0.0372 0.1110  8  ALA A N   
136 C CA  . ALA A 8  ? 0.9550 0.8078 1.0506 -0.0065 -0.0435 0.1304  8  ALA A CA  
137 C C   . ALA A 8  ? 1.1067 0.8680 1.1555 0.0062  -0.0281 0.1115  8  ALA A C   
138 O O   . ALA A 8  ? 1.1111 0.8674 1.1396 0.0159  -0.0059 0.0844  8  ALA A O   
139 C CB  . ALA A 8  ? 0.8860 0.7898 1.0525 0.0342  -0.0402 0.1521  8  ALA A CB  
145 N N   . GLN A 9  ? 1.0830 0.7689 1.1115 0.0057  -0.0411 0.1259  9  GLN A N   
146 C CA  . GLN A 9  ? 1.2683 0.8439 1.2448 0.0129  -0.0318 0.1055  9  GLN A CA  
147 C C   . GLN A 9  ? 1.3598 0.8610 1.3491 0.0441  -0.0404 0.1327  9  GLN A C   
148 O O   . GLN A 9  ? 1.3930 0.8557 1.3663 0.0148  -0.0648 0.1581  9  GLN A O   
149 C CB  . GLN A 9  ? 1.3203 0.8560 1.2322 -0.0478 -0.0445 0.0901  9  GLN A CB  
150 C CG  . GLN A 9  ? 1.3144 0.8563 1.2229 -0.0884 -0.0730 0.1241  9  GLN A CG  
151 C CD  . GLN A 9  ? 1.2771 0.8921 1.1691 -0.1397 -0.0809 0.1204  9  GLN A CD  
152 O OE1 . GLN A 9  ? 1.2765 0.9298 1.1582 -0.1492 -0.0680 0.0937  9  GLN A OE1 
153 N NE2 . GLN A 9  ? 1.2391 0.8810 1.1291 -0.1703 -0.1012 0.1498  9  GLN A NE2 
162 N N   . ORN A 10 ? 1.3356 0.8411 1.4635 0.1130  -0.1091 0.3007  10 ORN A N   
163 C CA  . ORN A 10 ? 1.3007 0.8420 1.3954 0.0768  -0.0958 0.2548  10 ORN A CA  
164 C CB  . ORN A 10 ? 1.2728 0.8692 1.4054 0.1181  -0.0663 0.2300  10 ORN A CB  
165 C CG  . ORN A 10 ? 1.3833 0.8989 1.5068 0.1735  -0.0364 0.2090  10 ORN A CG  
166 C CD  . ORN A 10 ? 1.4997 0.9194 1.5418 0.1489  -0.0238 0.1601  10 ORN A CD  
167 N NE  . ORN A 10 ? 1.4526 0.9391 1.4740 0.1081  -0.0184 0.1315  10 ORN A NE  
168 C C   . ORN A 10 ? 1.1865 0.8183 1.2800 0.0262  -0.1184 0.2653  10 ORN A C   
169 O O   . ORN A 10 ? 1.1226 0.8320 1.2605 0.0323  -0.1345 0.2917  10 ORN A O   
180 N N   . ALA A 11 ? 1.1941 0.8159 1.2332 -0.0246 -0.1197 0.2422  11 ALA A N   
181 C CA  . ALA A 11 ? 1.1220 0.8250 1.1528 -0.0665 -0.1354 0.2463  11 ALA A CA  
182 C C   . ALA A 11 ? 0.9957 0.7687 1.0391 -0.0694 -0.1201 0.2123  11 ALA A C   
183 O O   . ALA A 11 ? 1.0224 0.7737 1.0554 -0.0612 -0.0983 0.1829  11 ALA A O   
184 C CB  . ALA A 11 ? 1.1891 0.8573 1.1626 -0.1179 -0.1466 0.2528  11 ALA A CB  
190 N N   . ILE A 12 ? 0.9773 0.8313 1.0402 -0.0810 -0.1328 0.2169  12 ILE A N   
191 C CA  . ILE A 12 ? 0.8602 0.7764 0.9343 -0.0879 -0.1230 0.1892  12 ILE A CA  
192 C C   . ILE A 12 ? 0.8375 0.7738 0.8649 -0.1295 -0.1259 0.1784  12 ILE A C   
193 O O   . ILE A 12 ? 0.8444 0.7945 0.8486 -0.1511 -0.1429 0.1966  12 ILE A O   
194 C CB  . ILE A 12 ? 0.7706 0.7528 0.8939 -0.0747 -0.1369 0.1972  12 ILE A CB  
195 C CG1 . ILE A 12 ? 0.7726 0.7502 0.9485 -0.0367 -0.1388 0.2212  12 ILE A CG1 
196 C CG2 . ILE A 12 ? 0.7055 0.7348 0.8472 -0.0765 -0.1259 0.1711  12 ILE A CG2 
197 C CD1 . ILE A 12 ? 0.7785 0.7337 0.9750 -0.0043 -0.1100 0.2096  12 ILE A CD1 
209 N N   . ILE A 13 ? 0.7991 0.7473 0.8138 -0.1398 -0.1088 0.1528  13 ILE A N   
210 C CA  . ILE A 13 ? 0.7824 0.7660 0.7624 -0.1754 -0.1084 0.1449  13 ILE A CA  
211 C C   . ILE A 13 ? 0.7116 0.7606 0.7167 -0.1667 -0.0995 0.1244  13 ILE A C   
212 O O   . ILE A 13 ? 0.6857 0.7362 0.7137 -0.1500 -0.0855 0.1111  13 ILE A O   
213 C CB  . ILE A 13 ? 0.8404 0.7781 0.7793 -0.2027 -0.1007 0.1392  13 ILE A CB  
214 C CG1 . ILE A 13 ? 0.9266 0.8010 0.8348 -0.2231 -0.1157 0.1655  13 ILE A CG1 
215 C CG2 . ILE A 13 ? 0.8238 0.8242 0.7448 -0.2328 -0.0949 0.1293  13 ILE A CG2 
216 C CD1 . ILE A 13 ? 1.0159 0.8392 0.8788 -0.2630 -0.1158 0.1633  13 ILE A CD1 
228 N N   . GLY A 14 ? 0.6766 0.7788 0.6757 -0.1762 -0.1070 0.1226  14 GLY A N   
229 C CA  . GLY A 14 ? 0.6279 0.7832 0.6462 -0.1677 -0.0990 0.1030  14 GLY A CA  
230 C C   . GLY A 14 ? 0.6271 0.8252 0.6154 -0.1908 -0.0896 0.0991  14 GLY A C   
231 O O   . GLY A 14 ? 0.6466 0.8740 0.6064 -0.2063 -0.0950 0.1066  14 GLY A O   
235 N N   . LEU A 15 ? 0.6133 0.8256 0.6087 -0.1936 -0.0754 0.0911  15 LEU A N   
236 C CA  . LEU A 15 ? 0.6069 0.8708 0.5814 -0.2170 -0.0672 0.0930  15 LEU A CA  
237 C C   . LEU A 15 ? 0.5649 0.8918 0.5669 -0.1954 -0.0578 0.0808  15 LEU A C   
238 O O   . LEU A 15 ? 0.5357 0.8564 0.5739 -0.1705 -0.0545 0.0716  15 LEU A O   
239 C CB  . LEU A 15 ? 0.6259 0.8683 0.5846 -0.2397 -0.0615 0.0946  15 LEU A CB  
240 C CG  . LEU A 15 ? 0.6885 0.8528 0.6139 -0.2617 -0.0706 0.1032  15 LEU A CG  
241 C CD1 . LEU A 15 ? 0.7206 0.8581 0.6223 -0.2845 -0.0664 0.0952  15 LEU A CD1 
242 C CD2 . LEU A 15 ? 0.7261 0.8970 0.6221 -0.2923 -0.0820 0.1251  15 LEU A CD2 
254 N N   . MET A 16 ? 0.6199 1.0089 0.6067 -0.2035 -0.0529 0.0837  16 MET A N   
255 C CA  . MET A 16 ? 0.5953 1.0439 0.6064 -0.1779 -0.0415 0.0725  16 MET A CA  
256 C C   . MET A 16 ? 0.5477 1.0403 0.5738 -0.1875 -0.0305 0.0821  16 MET A C   
257 O O   . MET A 16 ? 0.5433 1.0438 0.5462 -0.2238 -0.0319 0.0969  16 MET A O   
258 C CB  . MET A 16 ? 0.6416 1.1484 0.6291 -0.1749 -0.0367 0.0706  16 MET A CB  
259 C CG  . MET A 16 ? 0.7132 1.1878 0.6766 -0.1695 -0.0499 0.0622  16 MET A CG  
260 S SD  . MET A 16 ? 0.7527 1.3073 0.6783 -0.1621 -0.0402 0.0567  16 MET A SD  
261 C CE  . MET A 16 ? 0.7833 1.2869 0.6783 -0.1604 -0.0632 0.0472  16 MET A CE  
271 N N   . VAL B 1  ? 0.9487 0.5243 0.9642 -0.1820 0.1682  0.1552  1  VAL B N   
272 C CA  . VAL B 1  ? 0.9898 0.5748 0.9982 -0.2141 0.1709  0.2414  1  VAL B CA  
273 C C   . VAL B 1  ? 1.0042 0.6611 1.0115 -0.2714 0.1879  0.2430  1  VAL B C   
274 O O   . VAL B 1  ? 0.9883 0.7441 0.9476 -0.2882 0.1944  0.2724  1  VAL B O   
275 C CB  . VAL B 1  ? 0.9483 0.5896 0.8910 -0.1838 0.1623  0.2805  1  VAL B CB  
276 C CG1 . VAL B 1  ? 1.0204 0.6657 0.9562 -0.2137 0.1615  0.3774  1  VAL B CG1 
277 C CG2 . VAL B 1  ? 0.9161 0.5099 0.8575 -0.1271 0.1472  0.2623  1  VAL B CG2 
287 N N   . ORN B 2  ? 0.9082 0.9312 0.8639 -0.3306 0.2118  0.0443  2  ORN B N   
288 C CA  . ORN B 2  ? 0.9223 0.8311 0.8743 -0.2941 0.2011  0.0838  2  ORN B CA  
289 C CB  . ORN B 2  ? 0.9521 0.7510 0.9595 -0.2939 0.2019  0.0539  2  ORN B CB  
290 C CG  . ORN B 2  ? 1.0134 0.7567 1.0866 -0.3486 0.2155  0.0965  2  ORN B CG  
291 C CD  . ORN B 2  ? 1.0783 0.7667 1.1575 -0.3600 0.2117  0.1981  2  ORN B CD  
292 N NE  . ORN B 2  ? 1.0606 0.6786 1.1283 -0.3014 0.1945  0.2026  2  ORN B NE  
293 C C   . ORN B 2  ? 0.8736 0.7980 0.7781 -0.2348 0.1756  0.0565  2  ORN B C   
294 O O   . ORN B 2  ? 0.8513 0.7780 0.7510 -0.2105 0.1584  -0.0083 2  ORN B O   
305 N N   . LYS B 3  ? 0.9158 0.8507 0.7869 -0.2144 0.1689  0.1136  3  LYS B N   
306 C CA  . LYS B 3  ? 0.8675 0.8138 0.7025 -0.1627 0.1413  0.0978  3  LYS B CA  
307 C C   . LYS B 3  ? 0.8689 0.7188 0.7175 -0.1351 0.1341  0.0834  3  LYS B C   
308 O O   . LYS B 3  ? 0.9056 0.6757 0.7900 -0.1443 0.1487  0.1045  3  LYS B O   
309 C CB  . LYS B 3  ? 0.8485 0.8260 0.6526 -0.1491 0.1367  0.1608  3  LYS B CB  
310 C CG  . LYS B 3  ? 0.7892 0.7845 0.5645 -0.0981 0.1038  0.1454  3  LYS B CG  
311 C CD  . LYS B 3  ? 0.7634 0.8131 0.5100 -0.0858 0.0979  0.1965  3  LYS B CD  
312 C CE  . LYS B 3  ? 0.7636 0.9553 0.4959 -0.1028 0.0976  0.1728  3  LYS B CE  
313 N NZ  . LYS B 3  ? 0.7910 1.0536 0.4922 -0.0982 0.0970  0.2255  3  LYS B NZ  
327 N N   . LEU B 4  ? 0.7929 0.6584 0.6192 -0.1030 0.1074  0.0452  4  LEU B N   
328 C CA  . LEU B 4  ? 0.7927 0.6017 0.6237 -0.0814 0.1009  0.0287  4  LEU B CA  
329 C C   . LEU B 4  ? 0.7501 0.5496 0.5595 -0.0474 0.0855  0.0678  4  LEU B C   
330 O O   . LEU B 4  ? 0.7046 0.5518 0.4883 -0.0326 0.0628  0.0818  4  LEU B O   
331 C CB  . LEU B 4  ? 0.7902 0.6284 0.6109 -0.0796 0.0783  -0.0321 4  LEU B CB  
332 C CG  . LEU B 4  ? 0.8086 0.6413 0.6582 -0.1073 0.0936  -0.0821 4  LEU B CG  
333 C CD1 . LEU B 4  ? 0.7587 0.6347 0.5916 -0.1051 0.0609  -0.1355 4  LEU B CD1 
334 C CD2 . LEU B 4  ? 0.8262 0.5961 0.7081 -0.1074 0.1148  -0.0920 4  LEU B CD2 
346 N N   . VAL B 5  ? 0.7986 0.5440 0.6263 -0.0332 0.0953  0.0772  5  VAL B N   
347 C CA  . VAL B 5  ? 0.7612 0.5012 0.5763 -0.0021 0.0831  0.1102  5  VAL B CA  
348 C C   . VAL B 5  ? 0.7677 0.5142 0.5821 0.0093  0.0768  0.0764  5  VAL B C   
349 O O   . VAL B 5  ? 0.8236 0.5460 0.6692 0.0057  0.0951  0.0438  5  VAL B O   
350 C CB  . VAL B 5  ? 0.8107 0.4960 0.6544 0.0062  0.0981  0.1582  5  VAL B CB  
351 C CG1 . VAL B 5  ? 0.7833 0.4705 0.6178 0.0407  0.0842  0.1871  5  VAL B CG1 
352 C CG2 . VAL B 5  ? 0.7988 0.4942 0.6355 -0.0164 0.1044  0.2021  5  VAL B CG2 
362 C C1  . MEA B 6  ? 0.6946 0.4939 0.4647 0.0400  0.0288  0.1260  6  MEA B C1  
363 N N   . MEA B 6  ? 0.7620 0.5492 0.5459 0.0204  0.0483  0.0829  6  MEA B N   
364 C CA  . MEA B 6  ? 0.7795 0.5946 0.5552 0.0192  0.0413  0.0590  6  MEA B CA  
365 C C   . MEA B 6  ? 0.8026 0.6268 0.5872 0.0406  0.0460  0.0816  6  MEA B C   
366 O O   . MEA B 6  ? 0.7458 0.5685 0.5259 0.0581  0.0324  0.1234  6  MEA B O   
367 C CB  . MEA B 6  ? 0.7072 0.5631 0.4514 0.0080  0.0008  0.0555  6  MEA B CB  
368 C CG  . MEA B 6  ? 0.7391 0.5995 0.4817 -0.0133 -0.0030 0.0118  6  MEA B CG  
369 C CD1 . MEA B 6  ? 0.7356 0.5994 0.4813 -0.0160 -0.0163 0.0054  6  MEA B CD1 
370 C CE1 . MEA B 6  ? 0.7591 0.6353 0.5102 -0.0346 -0.0202 -0.0397 6  MEA B CE1 
371 C CZ  . MEA B 6  ? 0.7638 0.6419 0.5136 -0.0498 -0.0127 -0.0757 6  MEA B CZ  
372 C CE2 . MEA B 6  ? 0.7664 0.6478 0.5088 -0.0471 0.0009  -0.0702 6  MEA B CE2 
373 C CD2 . MEA B 6  ? 0.7704 0.6468 0.5111 -0.0294 0.0066  -0.0285 6  MEA B CD2 
385 N N   . PHE B 7  ? 0.7735 0.6200 0.5745 0.0401  0.0645  0.0462  7  PHE B N   
386 C CA  . PHE B 7  ? 0.8096 0.6910 0.6247 0.0583  0.0706  0.0524  7  PHE B CA  
387 C C   . PHE B 7  ? 0.8426 0.8117 0.6343 0.0389  0.0668  0.0268  7  PHE B C   
388 O O   . PHE B 7  ? 0.8330 0.8240 0.6135 0.0192  0.0705  -0.0129 7  PHE B O   
389 C CB  . PHE B 7  ? 0.8895 0.7308 0.7651 0.0827  0.0974  0.0268  7  PHE B CB  
390 C CG  . PHE B 7  ? 0.8890 0.6478 0.7863 0.0949  0.0971  0.0668  7  PHE B CG  
391 C CD1 . PHE B 7  ? 0.8345 0.5807 0.7338 0.1180  0.0867  0.1151  7  PHE B CD1 
392 C CD2 . PHE B 7  ? 0.8874 0.5898 0.8031 0.0792  0.1057  0.0595  7  PHE B CD2 
393 C CE1 . PHE B 7  ? 0.8199 0.5022 0.7321 0.1249  0.0840  0.1587  7  PHE B CE1 
394 C CE2 . PHE B 7  ? 0.8752 0.5159 0.8061 0.0807  0.1044  0.1076  7  PHE B CE2 
395 C CZ  . PHE B 7  ? 0.8345 0.4671 0.7601 0.1035  0.0930  0.1588  7  PHE B CZ  
405 N N   . ALA B 8  ? 0.8490 0.8775 0.6326 0.0411  0.0584  0.0524  8  ALA B N   
406 C CA  . ALA B 8  ? 0.9134 1.0484 0.6730 0.0156  0.0567  0.0391  8  ALA B CA  
407 C C   . ALA B 8  ? 0.9520 1.1551 0.7457 0.0346  0.0801  0.0225  8  ALA B C   
408 O O   . ALA B 8  ? 0.9122 1.0788 0.7353 0.0630  0.0805  0.0468  8  ALA B O   
409 C CB  . ALA B 8  ? 0.8438 1.0082 0.5565 -0.0170 0.0103  0.0972  8  ALA B CB  
415 N N   . GLN B 9  ? 0.8885 1.2031 0.6798 0.0196  0.0983  -0.0241 9  GLN B N   
416 C CA  . GLN B 9  ? 0.9286 1.3384 0.7605 0.0385  0.1230  -0.0606 9  GLN B CA  
417 C C   . GLN B 9  ? 0.9461 1.5182 0.7537 0.0068  0.1374  -0.1037 9  GLN B C   
418 O O   . GLN B 9  ? 0.9944 1.5877 0.8003 0.0020  0.1492  -0.1629 9  GLN B O   
419 C CB  . GLN B 9  ? 1.0109 1.3529 0.9217 0.0891  0.1446  -0.1217 9  GLN B CB  
420 C CG  . GLN B 9  ? 1.0032 1.2830 0.9564 0.1261  0.1388  -0.0882 9  GLN B CG  
421 C CD  . GLN B 9  ? 1.0679 1.2342 1.0931 0.1678  0.1430  -0.1211 9  GLN B CD  
422 O OE1 . GLN B 9  ? 1.0905 1.1973 1.1288 0.1640  0.1469  -0.1526 9  GLN B OE1 
423 N NE2 . GLN B 9  ? 1.0035 1.1375 1.0798 0.2053  0.1373  -0.1101 9  GLN B NE2 
432 N N   . ORN B 10 ? 1.0122 1.9788 0.7326 -0.1401 0.1077  -0.1399 10 ORN B N   
433 C CA  . ORN B 10 ? 0.9584 1.7703 0.6708 -0.1056 0.1117  -0.1302 10 ORN B CA  
434 C CB  . ORN B 10 ? 0.9404 1.6964 0.6368 -0.1169 0.0843  -0.0370 10 ORN B CB  
435 C CG  . ORN B 10 ? 0.9472 1.7981 0.6739 -0.1146 0.0958  -0.0261 10 ORN B CG  
436 C CD  . ORN B 10 ? 0.9520 1.8122 0.7257 -0.0563 0.1411  -0.0997 10 ORN B CD  
437 N NE  . ORN B 10 ? 0.9148 1.6169 0.7033 -0.0189 0.1359  -0.0722 10 ORN B NE  
438 C C   . ORN B 10 ? 0.9545 1.6685 0.6380 -0.1111 0.0964  -0.1347 10 ORN B C   
439 O O   . ORN B 10 ? 0.9718 1.7271 0.6419 -0.1391 0.0809  -0.1384 10 ORN B O   
450 N N   . ALA B 11 ? 0.9206 1.5097 0.5986 -0.0837 0.1015  -0.1353 11 ALA B N   
451 C CA  . ALA B 11 ? 0.9417 1.4320 0.6059 -0.0872 0.0851  -0.1428 11 ALA B CA  
452 C C   . ALA B 11 ? 0.8301 1.1679 0.5271 -0.0580 0.0783  -0.1123 11 ALA B C   
453 O O   . ALA B 11 ? 0.8103 1.1150 0.5469 -0.0283 0.0929  -0.1028 11 ALA B O   
454 C CB  . ALA B 11 ? 1.0261 1.5426 0.7217 -0.0742 0.1123  -0.2390 11 ALA B CB  
460 N N   . ILE B 12 ? 0.8790 1.1368 0.5599 -0.0673 0.0547  -0.0988 12 ILE B N   
461 C CA  . ILE B 12 ? 0.8836 1.0232 0.5888 -0.0462 0.0484  -0.0726 12 ILE B CA  
462 C C   . ILE B 12 ? 0.8993 0.9769 0.6500 -0.0306 0.0768  -0.1300 12 ILE B C   
463 O O   . ILE B 12 ? 0.9038 1.0081 0.6541 -0.0433 0.0828  -0.1831 12 ILE B O   
464 C CB  . ILE B 12 ? 0.7980 0.9043 0.4670 -0.0654 -0.0007 -0.0261 12 ILE B CB  
465 C CG1 . ILE B 12 ? 0.7612 0.9214 0.3972 -0.0863 -0.0397 0.0357  12 ILE B CG1 
466 C CG2 . ILE B 12 ? 0.7765 0.7918 0.4702 -0.0432 -0.0036 -0.0075 12 ILE B CG2 
467 C CD1 . ILE B 12 ? 0.7686 0.8944 0.4094 -0.0976 -0.0950 0.0646  12 ILE B CD1 
479 N N   . ILE B 13 ? 0.8281 0.8247 0.6202 -0.0063 0.0906  -0.1155 13 ILE B N   
480 C CA  . ILE B 13 ? 0.8907 0.8183 0.7368 0.0026  0.1121  -0.1540 13 ILE B CA  
481 C C   . ILE B 13 ? 0.8490 0.6998 0.6933 0.0000  0.1036  -0.1058 13 ILE B C   
482 O O   . ILE B 13 ? 0.8430 0.6695 0.6849 0.0150  0.0983  -0.0544 13 ILE B O   
483 C CB  . ILE B 13 ? 0.9735 0.8873 0.8870 0.0324  0.1342  -0.1857 13 ILE B CB  
484 C CG1 . ILE B 13 ? 1.0033 1.0240 0.9236 0.0363  0.1450  -0.2512 13 ILE B CG1 
485 C CG2 . ILE B 13 ? 1.0159 0.8403 0.9965 0.0364  0.1444  -0.2119 13 ILE B CG2 
486 C CD1 . ILE B 13 ? 1.0409 1.0921 1.0134 0.0701  0.1564  -0.2723 13 ILE B CD1 
498 N N   . GLY B 14 ? 0.8342 0.6618 0.6802 -0.0197 0.1025  -0.1257 14 GLY B N   
499 C CA  . GLY B 14 ? 0.8266 0.6079 0.6755 -0.0273 0.1000  -0.0912 14 GLY B CA  
500 C C   . GLY B 14 ? 0.8707 0.5904 0.7792 -0.0342 0.1238  -0.1038 14 GLY B C   
501 O O   . GLY B 14 ? 0.9031 0.6181 0.8408 -0.0490 0.1325  -0.1553 14 GLY B O   
505 N N   . LEU B 15 ? 0.8425 0.5138 0.7726 -0.0254 0.1294  -0.0532 15 LEU B N   
506 C CA  . LEU B 15 ? 0.8868 0.4878 0.8814 -0.0360 0.1422  -0.0464 15 LEU B CA  
507 C C   . LEU B 15 ? 0.8871 0.4806 0.8692 -0.0666 0.1449  0.0014  15 LEU B C   
508 O O   . LEU B 15 ? 0.8611 0.4797 0.8015 -0.0617 0.1378  0.0519  15 LEU B O   
509 C CB  . LEU B 15 ? 0.9154 0.4671 0.9524 -0.0071 0.1398  -0.0194 15 LEU B CB  
510 C CG  . LEU B 15 ? 0.9260 0.5015 0.9938 0.0239  0.1402  -0.0792 15 LEU B CG  
511 C CD1 . LEU B 15 ? 0.9536 0.4862 1.0682 0.0568  0.1322  -0.0539 15 LEU B CD1 
512 C CD2 . LEU B 15 ? 0.9516 0.5192 1.0782 0.0165  0.1461  -0.1580 15 LEU B CD2 
524 N N   . MET B 16 ? 0.9444 0.5159 0.9662 -0.0994 0.1547  -0.0185 16 MET B N   
525 C CA  . MET B 16 ? 0.9542 0.5393 0.9706 -0.1379 0.1617  0.0233  16 MET B CA  
526 C C   . MET B 16 ? 0.9891 0.5238 1.0267 -0.1461 0.1612  0.1047  16 MET B C   
527 O O   . MET B 16 ? 1.0149 0.4844 1.0895 -0.1211 0.1522  0.1197  16 MET B O   
528 C CB  . MET B 16 ? 0.9774 0.5544 1.0405 -0.1757 0.1718  -0.0192 16 MET B CB  
529 C CG  . MET B 16 ? 0.9366 0.5930 0.9621 -0.1860 0.1706  -0.0722 16 MET B CG  
530 S SD  . MET B 16 ? 0.9552 0.6055 1.0431 -0.2309 0.1825  -0.1242 16 MET B SD  
531 C CE  . MET B 16 ? 0.9583 0.5535 1.0943 -0.2023 0.1765  -0.1947 16 MET B CE  
541 N N   . VAL C 1  ? 0.9301 1.0101 0.8339 -0.1040 -0.1111 -0.2188 1  VAL C N   
542 C CA  . VAL C 1  ? 1.0015 1.0751 0.8513 -0.1271 -0.1651 -0.2500 1  VAL C CA  
543 C C   . VAL C 1  ? 1.0498 1.0949 0.9605 -0.1668 -0.1971 -0.2789 1  VAL C C   
544 O O   . VAL C 1  ? 1.0507 1.1446 1.0226 -0.1977 -0.2457 -0.2697 1  VAL C O   
545 C CB  . VAL C 1  ? 0.9729 1.1204 0.8261 -0.1235 -0.2022 -0.2142 1  VAL C CB  
546 C CG1 . VAL C 1  ? 1.0630 1.2104 0.8421 -0.1401 -0.2607 -0.2498 1  VAL C CG1 
547 C CG2 . VAL C 1  ? 0.9329 1.0909 0.7355 -0.0865 -0.1645 -0.1784 1  VAL C CG2 
557 N N   . ORN C 2  ? 0.9589 1.0190 1.2708 -0.2819 -0.2165 -0.2209 2  ORN C N   
558 C CA  . ORN C 2  ? 0.9171 1.0055 1.1352 -0.2351 -0.2047 -0.2194 2  ORN C CA  
559 C CB  . ORN C 2  ? 0.9193 0.9356 1.0656 -0.1936 -0.1486 -0.2369 2  ORN C CB  
560 C CG  . ORN C 2  ? 1.0353 0.9456 1.0916 -0.2022 -0.1534 -0.3029 2  ORN C CG  
561 C CD  . ORN C 2  ? 1.1172 1.0246 1.0610 -0.2039 -0.1907 -0.3421 2  ORN C CD  
562 N NE  . ORN C 2  ? 1.0508 1.0142 0.9467 -0.1656 -0.1673 -0.3132 2  ORN C NE  
563 C C   . ORN C 2  ? 0.8089 1.0021 1.0841 -0.2071 -0.1944 -0.1561 2  ORN C C   
564 O O   . ORN C 2  ? 0.7553 0.9766 1.1102 -0.1917 -0.1609 -0.1125 2  ORN C O   
575 N N   . LYS C 3  ? 0.8307 1.0761 1.0519 -0.1938 -0.2236 -0.1510 3  LYS C N   
576 C CA  . LYS C 3  ? 0.7460 1.0746 1.0016 -0.1603 -0.2156 -0.0951 3  LYS C CA  
577 C C   . LYS C 3  ? 0.7031 0.9984 0.9155 -0.1150 -0.1592 -0.0800 3  LYS C C   
578 O O   . LYS C 3  ? 0.7354 0.9737 0.8556 -0.1040 -0.1411 -0.1096 3  LYS C O   
579 C CB  . LYS C 3  ? 0.7654 1.1462 0.9667 -0.1536 -0.2614 -0.0927 3  LYS C CB  
580 C CG  . LYS C 3  ? 0.6985 1.1538 0.9257 -0.1113 -0.2529 -0.0347 3  LYS C CG  
581 C CD  . LYS C 3  ? 0.7427 1.2768 0.9608 -0.1091 -0.3089 -0.0229 3  LYS C CD  
582 C CE  . LYS C 3  ? 0.6883 1.2893 0.9291 -0.0577 -0.2971 0.0368  3  LYS C CE  
583 N NZ  . LYS C 3  ? 0.7233 1.4291 0.9915 -0.0524 -0.3532 0.0574  3  LYS C NZ  
597 N N   . LEU C 4  ? 0.6632 0.9988 0.9432 -0.0891 -0.1317 -0.0343 4  LEU C N   
598 C CA  . LEU C 4  ? 0.6239 0.9314 0.8775 -0.0510 -0.0836 -0.0233 4  LEU C CA  
599 C C   . LEU C 4  ? 0.5869 0.9189 0.7929 -0.0173 -0.0830 0.0034  4  LEU C C   
600 O O   . LEU C 4  ? 0.5506 0.9431 0.7940 -0.0024 -0.1012 0.0398  4  LEU C O   
601 C CB  . LEU C 4  ? 0.5792 0.9038 0.9201 -0.0370 -0.0539 0.0067  4  LEU C CB  
602 C CG  . LEU C 4  ? 0.5467 0.8419 0.8690 -0.0010 -0.0087 0.0091  4  LEU C CG  
603 C CD1 . LEU C 4  ? 0.5988 0.8306 0.8567 -0.0079 0.0076  -0.0365 4  LEU C CD1 
604 C CD2 . LEU C 4  ? 0.5162 0.8271 0.9203 0.0121  0.0154  0.0381  4  LEU C CD2 
616 N N   . VAL C 5  ? 0.6517 0.9356 0.7771 -0.0048 -0.0601 -0.0127 5  VAL C N   
617 C CA  . VAL C 5  ? 0.6460 0.9266 0.7111 0.0210  -0.0574 0.0090  5  VAL C CA  
618 C C   . VAL C 5  ? 0.6132 0.8673 0.6733 0.0442  -0.0181 0.0166  5  VAL C C   
619 O O   . VAL C 5  ? 0.6240 0.8476 0.6698 0.0346  0.0074  -0.0098 5  VAL C O   
620 C CB  . VAL C 5  ? 0.7132 0.9582 0.6788 0.0086  -0.0679 -0.0135 5  VAL C CB  
621 C CG1 . VAL C 5  ? 0.7266 0.9557 0.6262 0.0344  -0.0634 0.0156  5  VAL C CG1 
622 C CG2 . VAL C 5  ? 0.7538 1.0244 0.7170 -0.0147 -0.1141 -0.0307 5  VAL C CG2 
632 C C1  . MEA C 6  ? 0.6302 0.9084 0.6636 0.0963  -0.0366 0.0774  6  MEA C C1  
633 N N   . MEA C 6  ? 0.6150 0.8823 0.6842 0.0770  -0.0147 0.0500  6  MEA C N   
634 C CA  . MEA C 6  ? 0.5908 0.8327 0.6577 0.0971  0.0150  0.0508  6  MEA C CA  
635 C C   . MEA C 6  ? 0.6376 0.8247 0.6244 0.1012  0.0250  0.0514  6  MEA C C   
636 O O   . MEA C 6  ? 0.6692 0.8395 0.6082 0.1160  0.0113  0.0738  6  MEA C O   
637 C CB  . MEA C 6  ? 0.5315 0.8073 0.6504 0.1340  0.0177  0.0808  6  MEA C CB  
638 C CG  . MEA C 6  ? 0.4883 0.8006 0.6880 0.1286  0.0262  0.0800  6  MEA C CG  
639 C CD1 . MEA C 6  ? 0.4669 0.8337 0.7330 0.1252  0.0105  0.1045  6  MEA C CD1 
640 C CE1 . MEA C 6  ? 0.4458 0.8325 0.7842 0.1163  0.0228  0.1087  6  MEA C CE1 
641 C CZ  . MEA C 6  ? 0.4408 0.7925 0.7764 0.1203  0.0497  0.0880  6  MEA C CZ  
642 C CE2 . MEA C 6  ? 0.4500 0.7625 0.7228 0.1279  0.0618  0.0613  6  MEA C CE2 
643 C CD2 . MEA C 6  ? 0.4768 0.7697 0.6862 0.1273  0.0507  0.0573  6  MEA C CD2 
655 N N   . PHE C 7  ? 0.6270 0.7875 0.6032 0.0882  0.0495  0.0287  7  PHE C N   
656 C CA  . PHE C 7  ? 0.6785 0.7856 0.5936 0.0806  0.0626  0.0285  7  PHE C CA  
657 C C   . PHE C 7  ? 0.6649 0.7624 0.6020 0.0925  0.0750  0.0207  7  PHE C C   
658 O O   . PHE C 7  ? 0.6207 0.7540 0.6090 0.0929  0.0846  0.0024  7  PHE C O   
659 C CB  . PHE C 7  ? 0.7137 0.8062 0.5928 0.0436  0.0802  0.0071  7  PHE C CB  
660 C CG  . PHE C 7  ? 0.7978 0.8867 0.6278 0.0351  0.0661  0.0115  7  PHE C CG  
661 C CD1 . PHE C 7  ? 0.8077 0.9301 0.6616 0.0270  0.0536  -0.0076 7  PHE C CD1 
662 C CD2 . PHE C 7  ? 0.8640 0.9084 0.6163 0.0364  0.0642  0.0335  7  PHE C CD2 
663 C CE1 . PHE C 7  ? 0.8607 0.9797 0.6618 0.0197  0.0338  -0.0103 7  PHE C CE1 
664 C CE2 . PHE C 7  ? 0.9178 0.9637 0.6152 0.0348  0.0479  0.0370  7  PHE C CE2 
665 C CZ  . PHE C 7  ? 0.9080 0.9947 0.6296 0.0259  0.0301  0.0123  7  PHE C CZ  
675 N N   . ALA C 8  ? 0.7202 0.7635 0.6115 0.1051  0.0731  0.0332  8  ALA C N   
676 C CA  . ALA C 8  ? 0.7434 0.7646 0.6401 0.1131  0.0779  0.0193  8  ALA C CA  
677 C C   . ALA C 8  ? 0.8153 0.8005 0.6872 0.0655  0.0936  0.0006  8  ALA C C   
678 O O   . ALA C 8  ? 0.8983 0.8104 0.7107 0.0523  0.0957  0.0119  8  ALA C O   
679 C CB  . ALA C 8  ? 0.8006 0.7728 0.6572 0.1570  0.0655  0.0398  8  ALA C CB  
685 N N   . GLN C 9  ? 0.7631 0.8016 0.6834 0.0407  0.1073  -0.0246 9  GLN C N   
686 C CA  . GLN C 9  ? 0.8435 0.8753 0.7598 -0.0074 0.1268  -0.0395 9  GLN C CA  
687 C C   . GLN C 9  ? 0.8852 0.9182 0.8287 -0.0177 0.1216  -0.0622 9  GLN C C   
688 O O   . GLN C 9  ? 0.8043 0.9059 0.8054 -0.0091 0.1208  -0.0841 9  GLN C O   
689 C CB  . GLN C 9  ? 0.7973 0.8957 0.7488 -0.0244 0.1468  -0.0537 9  GLN C CB  
690 C CG  . GLN C 9  ? 0.8107 0.9357 0.7815 -0.0682 0.1725  -0.0683 9  GLN C CG  
691 C CD  . GLN C 9  ? 0.8914 0.9495 0.8062 -0.1064 0.1860  -0.0490 9  GLN C CD  
692 O OE1 . GLN C 9  ? 0.9410 0.9504 0.7920 -0.1014 0.1877  -0.0252 9  GLN C OE1 
693 N NE2 . GLN C 9  ? 0.9214 0.9768 0.8602 -0.1457 0.1945  -0.0579 9  GLN C NE2 
702 N N   . ORN C 10 ? 0.8848 0.9226 0.8579 0.0735  0.0403  -0.1457 10 ORN C N   
703 C CA  . ORN C 10 ? 0.8408 0.9075 0.8331 0.0604  0.0664  -0.1184 10 ORN C CA  
704 C CB  . ORN C 10 ? 0.9274 0.9059 0.8545 0.0580  0.0705  -0.0880 10 ORN C CB  
705 C CG  . ORN C 10 ? 1.0589 0.9583 0.9459 0.0021  0.0753  -0.0909 10 ORN C CG  
706 C CD  . ORN C 10 ? 1.0465 0.9837 0.9600 -0.0528 0.1032  -0.0852 10 ORN C CD  
707 N NE  . ORN C 10 ? 1.0009 0.9499 0.8964 -0.0355 0.1156  -0.0578 10 ORN C NE  
708 C C   . ORN C 10 ? 0.7201 0.8553 0.7505 0.1090  0.0728  -0.1046 10 ORN C C   
709 O O   . ORN C 10 ? 0.6827 0.8270 0.7102 0.1618  0.0622  -0.1001 10 ORN C O   
720 N N   . ALA C 11 ? 0.7429 0.9211 0.8052 0.0897  0.0929  -0.0972 11 ALA C N   
721 C CA  . ALA C 11 ? 0.6559 0.8819 0.7538 0.1238  0.1005  -0.0850 11 ALA C CA  
722 C C   . ALA C 11 ? 0.6206 0.8177 0.6972 0.1217  0.1030  -0.0581 11 ALA C C   
723 O O   . ALA C 11 ? 0.6645 0.8250 0.7048 0.0887  0.1060  -0.0536 11 ALA C O   
724 C CB  . ALA C 11 ? 0.6215 0.9130 0.7680 0.1110  0.1177  -0.1037 11 ALA C CB  
730 N N   . ILE C 12 ? 0.6029 0.8200 0.7028 0.1566  0.1011  -0.0379 12 ILE C N   
731 C CA  . ILE C 12 ? 0.6044 0.8135 0.7003 0.1518  0.0972  -0.0150 12 ILE C CA  
732 C C   . ILE C 12 ? 0.5832 0.8174 0.7083 0.1297  0.1084  -0.0279 12 ILE C C   
733 O O   . ILE C 12 ? 0.5329 0.7974 0.6991 0.1455  0.1191  -0.0351 12 ILE C O   
734 C CB  . ILE C 12 ? 0.5560 0.7806 0.6719 0.1955  0.0902  0.0165  12 ILE C CB  
735 C CG1 . ILE C 12 ? 0.6215 0.8107 0.6926 0.2267  0.0809  0.0259  12 ILE C CG1 
736 C CG2 . ILE C 12 ? 0.5507 0.7857 0.6784 0.1843  0.0809  0.0389  12 ILE C CG2 
737 C CD1 . ILE C 12 ? 0.6189 0.8109 0.6933 0.2519  0.0728  0.0532  12 ILE C CD1 
749 N N   . ILE C 13 ? 0.5627 0.7771 0.6568 0.0985  0.1061  -0.0312 13 ILE C N   
750 C CA  . ILE C 13 ? 0.5733 0.7962 0.6754 0.0794  0.1145  -0.0491 13 ILE C CA  
751 C C   . ILE C 13 ? 0.5870 0.8023 0.6851 0.0724  0.0940  -0.0356 13 ILE C C   
752 O O   . ILE C 13 ? 0.6164 0.8138 0.6700 0.0622  0.0794  -0.0248 13 ILE C O   
753 C CB  . ILE C 13 ? 0.5984 0.8113 0.6601 0.0499  0.1308  -0.0699 13 ILE C CB  
754 C CG1 . ILE C 13 ? 0.5722 0.8064 0.6508 0.0485  0.1460  -0.0811 13 ILE C CG1 
755 C CG2 . ILE C 13 ? 0.6121 0.8304 0.6732 0.0423  0.1428  -0.0926 13 ILE C CG2 
756 C CD1 . ILE C 13 ? 0.5976 0.8302 0.6459 0.0143  0.1659  -0.0918 13 ILE C CD1 
768 N N   . GLY C 14 ? 0.5645 0.7936 0.7099 0.0776  0.0918  -0.0349 14 GLY C N   
769 C CA  . GLY C 14 ? 0.5906 0.8193 0.7448 0.0603  0.0684  -0.0291 14 GLY C CA  
770 C C   . GLY C 14 ? 0.6523 0.8525 0.7730 0.0341  0.0680  -0.0641 14 GLY C C   
771 O O   . GLY C 14 ? 0.6709 0.8571 0.8084 0.0368  0.0858  -0.0845 14 GLY C O   
775 N N   . LEU C 15 ? 0.6971 0.8848 0.7612 0.0154  0.0486  -0.0713 15 LEU C N   
776 C CA  . LEU C 15 ? 0.7542 0.9105 0.7639 -0.0032 0.0479  -0.1072 15 LEU C CA  
777 C C   . LEU C 15 ? 0.7951 0.9465 0.8082 -0.0247 0.0083  -0.1165 15 LEU C C   
778 O O   . LEU C 15 ? 0.7820 0.9654 0.8137 -0.0279 -0.0219 -0.0915 15 LEU C O   
779 C CB  . LEU C 15 ? 0.7861 0.9300 0.7143 -0.0063 0.0587  -0.1100 15 LEU C CB  
780 C CG  . LEU C 15 ? 0.7760 0.9285 0.7088 0.0029  0.0952  -0.1036 15 LEU C CG  
781 C CD1 . LEU C 15 ? 0.7901 0.9266 0.6501 -0.0072 0.1077  -0.0962 15 LEU C CD1 
782 C CD2 . LEU C 15 ? 0.8127 0.9713 0.7700 0.0102  0.1247  -0.1304 15 LEU C CD2 
794 N N   . MET C 16 ? 0.8362 0.9483 0.8314 -0.0379 0.0071  -0.1543 16 MET C N   
795 C CA  . MET C 16 ? 0.8895 0.9868 0.8899 -0.0664 -0.0347 -0.1734 16 MET C CA  
796 C C   . MET C 16 ? 0.9433 1.0288 0.8481 -0.0761 -0.0630 -0.1971 16 MET C C   
797 O O   . MET C 16 ? 0.9441 1.0265 0.7772 -0.0594 -0.0421 -0.1947 16 MET C O   
798 C CB  . MET C 16 ? 0.9422 0.9818 0.9587 -0.0743 -0.0237 -0.2066 16 MET C CB  
799 C CG  . MET C 16 ? 0.9195 0.9667 1.0270 -0.0625 0.0016  -0.1791 16 MET C CG  
800 S SD  . MET C 16 ? 1.0236 0.9821 1.1314 -0.0628 0.0208  -0.2153 16 MET C SD  
801 C CE  . MET C 16 ? 1.0317 1.0073 1.2583 -0.0665 0.0288  -0.1678 16 MET C CE  
# 
loop_
_pdbx_poly_seq_scheme.asym_id 
_pdbx_poly_seq_scheme.entity_id 
_pdbx_poly_seq_scheme.seq_id 
_pdbx_poly_seq_scheme.mon_id 
_pdbx_poly_seq_scheme.ndb_seq_num 
_pdbx_poly_seq_scheme.pdb_seq_num 
_pdbx_poly_seq_scheme.auth_seq_num 
_pdbx_poly_seq_scheme.pdb_mon_id 
_pdbx_poly_seq_scheme.auth_mon_id 
_pdbx_poly_seq_scheme.pdb_strand_id 
_pdbx_poly_seq_scheme.pdb_ins_code 
_pdbx_poly_seq_scheme.hetero 
A 1 1  VAL 1  1  1  VAL VAL A . n 
A 1 2  ORN 2  2  2  ORN ORN A . n 
A 1 3  LYS 3  3  3  LYS LYS A . n 
A 1 4  LEU 4  4  4  LEU LEU A . n 
A 1 5  VAL 5  5  5  VAL VAL A . n 
A 1 6  MEA 6  6  6  MEA MEA A . n 
A 1 7  PHE 7  7  7  PHE PHE A . n 
A 1 8  ALA 8  8  8  ALA ALA A . n 
A 1 9  GLN 9  9  9  GLN GLN A . n 
A 1 10 ORN 10 10 10 ORN ORN A . n 
A 1 11 ALA 11 11 11 ALA ALA A . n 
A 1 12 ILE 12 12 12 ILE ILE A . n 
A 1 13 ILE 13 13 13 ILE ILE A . n 
A 1 14 GLY 14 14 14 GLY GLY A . n 
A 1 15 LEU 15 15 15 LEU LEU A . n 
A 1 16 MET 16 16 16 MET MET A . n 
B 1 1  VAL 1  1  1  VAL VAL B . n 
B 1 2  ORN 2  2  2  ORN ORN B . n 
B 1 3  LYS 3  3  3  LYS LYS B . n 
B 1 4  LEU 4  4  4  LEU LEU B . n 
B 1 5  VAL 5  5  5  VAL VAL B . n 
B 1 6  MEA 6  6  6  MEA MEA B . n 
B 1 7  PHE 7  7  7  PHE PHE B . n 
B 1 8  ALA 8  8  8  ALA ALA B . n 
B 1 9  GLN 9  9  9  GLN GLN B . n 
B 1 10 ORN 10 10 10 ORN ORN B . n 
B 1 11 ALA 11 11 11 ALA ALA B . n 
B 1 12 ILE 12 12 12 ILE ILE B . n 
B 1 13 ILE 13 13 13 ILE ILE B . n 
B 1 14 GLY 14 14 14 GLY GLY B . n 
B 1 15 LEU 15 15 15 LEU LEU B . n 
B 1 16 MET 16 16 16 MET MET B . n 
C 1 1  VAL 1  1  1  VAL VAL C . n 
C 1 2  ORN 2  2  2  ORN ORN C . n 
C 1 3  LYS 3  3  3  LYS LYS C . n 
C 1 4  LEU 4  4  4  LEU LEU C . n 
C 1 5  VAL 5  5  5  VAL VAL C . n 
C 1 6  MEA 6  6  6  MEA MEA C . n 
C 1 7  PHE 7  7  7  PHE PHE C . n 
C 1 8  ALA 8  8  8  ALA ALA C . n 
C 1 9  GLN 9  9  9  GLN GLN C . n 
C 1 10 ORN 10 10 10 ORN ORN C . n 
C 1 11 ALA 11 11 11 ALA ALA C . n 
C 1 12 ILE 12 12 12 ILE ILE C . n 
C 1 13 ILE 13 13 13 ILE ILE C . n 
C 1 14 GLY 14 14 14 GLY GLY C . n 
C 1 15 LEU 15 15 15 LEU LEU C . n 
C 1 16 MET 16 16 16 MET MET C . n 
# 
loop_
_pdbx_nonpoly_scheme.asym_id 
_pdbx_nonpoly_scheme.entity_id 
_pdbx_nonpoly_scheme.mon_id 
_pdbx_nonpoly_scheme.ndb_seq_num 
_pdbx_nonpoly_scheme.pdb_seq_num 
_pdbx_nonpoly_scheme.auth_seq_num 
_pdbx_nonpoly_scheme.pdb_mon_id 
_pdbx_nonpoly_scheme.auth_mon_id 
_pdbx_nonpoly_scheme.pdb_strand_id 
_pdbx_nonpoly_scheme.pdb_ins_code 
D 2 HOH 1 101 1  HOH HOH A . 
D 2 HOH 2 102 3  HOH HOH A . 
D 2 HOH 3 103 6  HOH HOH A . 
D 2 HOH 4 104 5  HOH HOH A . 
D 2 HOH 5 105 10 HOH HOH A . 
D 2 HOH 6 106 12 HOH HOH A . 
E 2 HOH 1 101 11 HOH HOH B . 
E 2 HOH 2 102 14 HOH HOH B . 
F 2 HOH 1 101 13 HOH HOH C . 
F 2 HOH 2 102 7  HOH HOH C . 
F 2 HOH 3 103 2  HOH HOH C . 
F 2 HOH 4 104 9  HOH HOH C . 
F 2 HOH 5 105 4  HOH HOH C . 
# 
_pdbx_struct_assembly.id                   1 
_pdbx_struct_assembly.details              author_and_software_defined_assembly 
_pdbx_struct_assembly.method_details       PISA 
_pdbx_struct_assembly.oligomeric_details   hexameric 
_pdbx_struct_assembly.oligomeric_count     6 
# 
_pdbx_struct_assembly_gen.assembly_id       1 
_pdbx_struct_assembly_gen.oper_expression   1,2 
_pdbx_struct_assembly_gen.asym_id_list      A,B,C,D,E,F 
# 
loop_
_pdbx_struct_assembly_prop.biol_id 
_pdbx_struct_assembly_prop.type 
_pdbx_struct_assembly_prop.value 
_pdbx_struct_assembly_prop.details 
1 'ABSA (A^2)' 4950 ? 
1 MORE         -32  ? 
1 'SSA (A^2)'  5390 ? 
# 
loop_
_pdbx_struct_oper_list.id 
_pdbx_struct_oper_list.type 
_pdbx_struct_oper_list.name 
_pdbx_struct_oper_list.symmetry_operation 
_pdbx_struct_oper_list.matrix[1][1] 
_pdbx_struct_oper_list.matrix[1][2] 
_pdbx_struct_oper_list.matrix[1][3] 
_pdbx_struct_oper_list.vector[1] 
_pdbx_struct_oper_list.matrix[2][1] 
_pdbx_struct_oper_list.matrix[2][2] 
_pdbx_struct_oper_list.matrix[2][3] 
_pdbx_struct_oper_list.vector[2] 
_pdbx_struct_oper_list.matrix[3][1] 
_pdbx_struct_oper_list.matrix[3][2] 
_pdbx_struct_oper_list.matrix[3][3] 
_pdbx_struct_oper_list.vector[3] 
1 'identity operation'         1_555  x,y,z    1.0000000000  0.0000000000  0.0000000000  0.0000000000  0.0000000000  1.0000000000 0.0000000000 0.0000000000 0.0000000000  0.0000000000 1.0000000000  0.0000000000  
2 'crystal symmetry operation' 13_556 y,x,-z+1 -0.6994078289 -0.6301292569 -0.3372918742 -3.3959589046 -0.6301292569 0.3209355354 0.7070625869 3.0943305062 -0.3372918742 0.7070625869 -0.6215277064 -8.8072884924 
# 
loop_
_pdbx_struct_special_symmetry.id 
_pdbx_struct_special_symmetry.PDB_model_num 
_pdbx_struct_special_symmetry.auth_asym_id 
_pdbx_struct_special_symmetry.auth_comp_id 
_pdbx_struct_special_symmetry.auth_seq_id 
_pdbx_struct_special_symmetry.PDB_ins_code 
_pdbx_struct_special_symmetry.label_asym_id 
_pdbx_struct_special_symmetry.label_comp_id 
_pdbx_struct_special_symmetry.label_seq_id 
1 1 A HOH 106 ? D HOH . 
2 1 C HOH 104 ? F HOH . 
3 1 C HOH 105 ? F HOH . 
# 
loop_
_pdbx_audit_revision_history.ordinal 
_pdbx_audit_revision_history.data_content_type 
_pdbx_audit_revision_history.major_revision 
_pdbx_audit_revision_history.minor_revision 
_pdbx_audit_revision_history.revision_date 
1 'Structure model' 1 0 2021-09-08 
2 'Structure model' 1 1 2022-03-16 
3 'Structure model' 1 2 2022-03-30 
4 'Structure model' 1 3 2023-10-18 
# 
_pdbx_audit_revision_details.ordinal             1 
_pdbx_audit_revision_details.revision_ordinal    1 
_pdbx_audit_revision_details.data_content_type   'Structure model' 
_pdbx_audit_revision_details.provider            repository 
_pdbx_audit_revision_details.type                'Initial release' 
_pdbx_audit_revision_details.description         ? 
_pdbx_audit_revision_details.details             ? 
# 
loop_
_pdbx_audit_revision_group.ordinal 
_pdbx_audit_revision_group.revision_ordinal 
_pdbx_audit_revision_group.data_content_type 
_pdbx_audit_revision_group.group 
1 2 'Structure model' 'Database references'    
2 3 'Structure model' 'Database references'    
3 4 'Structure model' 'Data collection'        
4 4 'Structure model' 'Refinement description' 
# 
loop_
_pdbx_audit_revision_category.ordinal 
_pdbx_audit_revision_category.revision_ordinal 
_pdbx_audit_revision_category.data_content_type 
_pdbx_audit_revision_category.category 
1 2 'Structure model' citation                      
2 2 'Structure model' citation_author               
3 3 'Structure model' citation                      
4 3 'Structure model' citation_author               
5 4 'Structure model' chem_comp_atom                
6 4 'Structure model' chem_comp_bond                
7 4 'Structure model' pdbx_initial_refinement_model 
# 
loop_
_pdbx_audit_revision_item.ordinal 
_pdbx_audit_revision_item.revision_ordinal 
_pdbx_audit_revision_item.data_content_type 
_pdbx_audit_revision_item.item 
1  2 'Structure model' '_citation.country'                 
2  2 'Structure model' '_citation.journal_abbrev'          
3  2 'Structure model' '_citation.journal_id_ASTM'         
4  2 'Structure model' '_citation.journal_id_CSD'          
5  2 'Structure model' '_citation.journal_id_ISSN'         
6  2 'Structure model' '_citation.pdbx_database_id_DOI'    
7  2 'Structure model' '_citation.pdbx_database_id_PubMed' 
8  2 'Structure model' '_citation.title'                   
9  2 'Structure model' '_citation.year'                    
10 3 'Structure model' '_citation.journal_volume'          
11 3 'Structure model' '_citation.page_first'              
12 3 'Structure model' '_citation.page_last'               
13 3 'Structure model' '_citation.title'                   
14 3 'Structure model' '_citation_author.identifier_ORCID' 
# 
loop_
_pdbx_refine_tls.id 
_pdbx_refine_tls.pdbx_refine_id 
_pdbx_refine_tls.details 
_pdbx_refine_tls.method 
_pdbx_refine_tls.origin_x 
_pdbx_refine_tls.origin_y 
_pdbx_refine_tls.origin_z 
_pdbx_refine_tls.T[1][1] 
_pdbx_refine_tls.T[1][1]_esd 
_pdbx_refine_tls.T[1][2] 
_pdbx_refine_tls.T[1][2]_esd 
_pdbx_refine_tls.T[1][3] 
_pdbx_refine_tls.T[1][3]_esd 
_pdbx_refine_tls.T[2][2] 
_pdbx_refine_tls.T[2][2]_esd 
_pdbx_refine_tls.T[2][3] 
_pdbx_refine_tls.T[2][3]_esd 
_pdbx_refine_tls.T[3][3] 
_pdbx_refine_tls.T[3][3]_esd 
_pdbx_refine_tls.L[1][1] 
_pdbx_refine_tls.L[1][1]_esd 
_pdbx_refine_tls.L[1][2] 
_pdbx_refine_tls.L[1][2]_esd 
_pdbx_refine_tls.L[1][3] 
_pdbx_refine_tls.L[1][3]_esd 
_pdbx_refine_tls.L[2][2] 
_pdbx_refine_tls.L[2][2]_esd 
_pdbx_refine_tls.L[2][3] 
_pdbx_refine_tls.L[2][3]_esd 
_pdbx_refine_tls.L[3][3] 
_pdbx_refine_tls.L[3][3]_esd 
_pdbx_refine_tls.S[1][1] 
_pdbx_refine_tls.S[1][1]_esd 
_pdbx_refine_tls.S[1][2] 
_pdbx_refine_tls.S[1][2]_esd 
_pdbx_refine_tls.S[1][3] 
_pdbx_refine_tls.S[1][3]_esd 
_pdbx_refine_tls.S[2][1] 
_pdbx_refine_tls.S[2][1]_esd 
_pdbx_refine_tls.S[2][2] 
_pdbx_refine_tls.S[2][2]_esd 
_pdbx_refine_tls.S[2][3] 
_pdbx_refine_tls.S[2][3]_esd 
_pdbx_refine_tls.S[3][1] 
_pdbx_refine_tls.S[3][1]_esd 
_pdbx_refine_tls.S[3][2] 
_pdbx_refine_tls.S[3][2]_esd 
_pdbx_refine_tls.S[3][3] 
_pdbx_refine_tls.S[3][3]_esd 
1 'X-RAY DIFFRACTION' ? refined 4.5858  5.5284  0.5447  0.6104 ? -0.1547 ? -0.0770 ? 0.7376 ? 0.0938  ? 0.6515 ? 7.9764  ? 0.3154  ? 1.2172  ? 3.9823 ? -3.1098 ? 8.0339  ? -0.4199 ? 0.1810  ? 0.3868  ? -0.3817 ? 0.0715  ? 0.6767  ? -0.9731 ? 0.6293 ? -0.0706 ? 
2 'X-RAY DIFFRACTION' ? refined 2.4232  -6.3469 -2.6621 0.6556 ? 0.0057  ? 0.0996  ? 0.4075 ? -0.0153 ? 0.5085 ? 13.9840 ? 1.3514  ? 6.4253  ? 3.2123 ? 2.8343  ? 5.7084  ? -0.5249 ? 0.6830  ? -2.1126 ? -0.0705 ? -0.2655 ? -0.0854 ? 1.0477  ? 0.1263 ? 0.6248  ? 
3 'X-RAY DIFFRACTION' ? refined -6.6577 0.3807  3.1857  0.4468 ? 0.0443  ? 0.0470  ? 0.6521 ? -0.0232 ? 0.4988 ? 6.6621  ? -3.7123 ? -0.6369 ? 6.7275 ? -1.4324 ? 10.4295 ? 0.0693  ? -0.9132 ? 0.6918  ? 1.0290  ? -0.7293 ? -0.4415 ? 0.2647  ? 0.4709 ? 0.3184  ? 
# 
loop_
_pdbx_refine_tls_group.id 
_pdbx_refine_tls_group.pdbx_refine_id 
_pdbx_refine_tls_group.refine_tls_id 
_pdbx_refine_tls_group.beg_label_asym_id 
_pdbx_refine_tls_group.beg_label_seq_id 
_pdbx_refine_tls_group.beg_auth_asym_id 
_pdbx_refine_tls_group.beg_auth_seq_id 
_pdbx_refine_tls_group.beg_PDB_ins_code 
_pdbx_refine_tls_group.end_label_asym_id 
_pdbx_refine_tls_group.end_label_seq_id 
_pdbx_refine_tls_group.end_auth_asym_id 
_pdbx_refine_tls_group.end_auth_seq_id 
_pdbx_refine_tls_group.end_PDB_ins_code 
_pdbx_refine_tls_group.selection 
_pdbx_refine_tls_group.selection_details 
1 'X-RAY DIFFRACTION' 1 ? ? A 1 ? ? ? A 16 ? ? 
;chain 'A' and (resid 1 through 16 )
;
2 'X-RAY DIFFRACTION' 2 ? ? B 1 ? ? ? B 16 ? ? 
;chain 'B' and (resid 1 through 16 )
;
3 'X-RAY DIFFRACTION' 3 ? ? C 1 ? ? ? C 16 ? ? 
;chain 'C' and (resid 1 through 16 )
;
# 
loop_
_software.citation_id 
_software.classification 
_software.compiler_name 
_software.compiler_version 
_software.contact_author 
_software.contact_author_email 
_software.date 
_software.description 
_software.dependencies 
_software.hardware 
_software.language 
_software.location 
_software.mods 
_software.name 
_software.os 
_software.os_version 
_software.type 
_software.version 
_software.pdbx_ordinal 
? refinement        ? ? ? ? ? ? ? ? ? ? ? PHENIX      ? ? ? 1.11.1_2575 1 
? 'data extraction' ? ? ? ? ? ? ? ? ? ? ? PDB_EXTRACT ? ? ? 3.25        2 
? 'data reduction'  ? ? ? ? ? ? ? ? ? ? ? XDS         ? ? ? .           3 
? 'data scaling'    ? ? ? ? ? ? ? ? ? ? ? Aimless     ? ? ? .           4 
? phasing           ? ? ? ? ? ? ? ? ? ? ? PHENIX      ? ? ? .           5 
# 
_pdbx_entry_details.entry_id                 7JQU 
_pdbx_entry_details.has_ligand_of_interest   N 
_pdbx_entry_details.compound_details         ? 
_pdbx_entry_details.source_details           ? 
_pdbx_entry_details.nonpolymer_details       ? 
_pdbx_entry_details.sequence_details         ? 
# 
_pdbx_validate_close_contact.id               1 
_pdbx_validate_close_contact.PDB_model_num    1 
_pdbx_validate_close_contact.auth_atom_id_1   O 
_pdbx_validate_close_contact.auth_asym_id_1   B 
_pdbx_validate_close_contact.auth_comp_id_1   ORN 
_pdbx_validate_close_contact.auth_seq_id_1    10 
_pdbx_validate_close_contact.PDB_ins_code_1   ? 
_pdbx_validate_close_contact.label_alt_id_1   ? 
_pdbx_validate_close_contact.auth_atom_id_2   O 
_pdbx_validate_close_contact.auth_asym_id_2   B 
_pdbx_validate_close_contact.auth_comp_id_2   HOH 
_pdbx_validate_close_contact.auth_seq_id_2    101 
_pdbx_validate_close_contact.PDB_ins_code_2   ? 
_pdbx_validate_close_contact.label_alt_id_2   ? 
_pdbx_validate_close_contact.dist             1.96 
# 
loop_
_pdbx_validate_symm_contact.id 
_pdbx_validate_symm_contact.PDB_model_num 
_pdbx_validate_symm_contact.auth_atom_id_1 
_pdbx_validate_symm_contact.auth_asym_id_1 
_pdbx_validate_symm_contact.auth_comp_id_1 
_pdbx_validate_symm_contact.auth_seq_id_1 
_pdbx_validate_symm_contact.PDB_ins_code_1 
_pdbx_validate_symm_contact.label_alt_id_1 
_pdbx_validate_symm_contact.site_symmetry_1 
_pdbx_validate_symm_contact.auth_atom_id_2 
_pdbx_validate_symm_contact.auth_asym_id_2 
_pdbx_validate_symm_contact.auth_comp_id_2 
_pdbx_validate_symm_contact.auth_seq_id_2 
_pdbx_validate_symm_contact.PDB_ins_code_2 
_pdbx_validate_symm_contact.label_alt_id_2 
_pdbx_validate_symm_contact.site_symmetry_2 
_pdbx_validate_symm_contact.dist 
1 1 O A HOH 104 ? ? 1_555 O A HOH 104 ? ? 3_556 1.94 
2 1 O A HOH 103 ? ? 1_555 O A HOH 104 ? ? 3_556 1.94 
# 
_pdbx_distant_solvent_atoms.id                                1 
_pdbx_distant_solvent_atoms.PDB_model_num                     1 
_pdbx_distant_solvent_atoms.auth_atom_id                      O 
_pdbx_distant_solvent_atoms.label_alt_id                      ? 
_pdbx_distant_solvent_atoms.auth_asym_id                      C 
_pdbx_distant_solvent_atoms.auth_comp_id                      HOH 
_pdbx_distant_solvent_atoms.auth_seq_id                       105 
_pdbx_distant_solvent_atoms.PDB_ins_code                      ? 
_pdbx_distant_solvent_atoms.neighbor_macromolecule_distance   6.50 
_pdbx_distant_solvent_atoms.neighbor_ligand_distance          . 
# 
loop_
_chem_comp_atom.comp_id 
_chem_comp_atom.atom_id 
_chem_comp_atom.type_symbol 
_chem_comp_atom.pdbx_aromatic_flag 
_chem_comp_atom.pdbx_stereo_config 
_chem_comp_atom.pdbx_ordinal 
ALA N    N N N 1   
ALA CA   C N S 2   
ALA C    C N N 3   
ALA O    O N N 4   
ALA CB   C N N 5   
ALA OXT  O N N 6   
ALA H    H N N 7   
ALA H2   H N N 8   
ALA HA   H N N 9   
ALA HB1  H N N 10  
ALA HB2  H N N 11  
ALA HB3  H N N 12  
ALA HXT  H N N 13  
GLN N    N N N 14  
GLN CA   C N S 15  
GLN C    C N N 16  
GLN O    O N N 17  
GLN CB   C N N 18  
GLN CG   C N N 19  
GLN CD   C N N 20  
GLN OE1  O N N 21  
GLN NE2  N N N 22  
GLN OXT  O N N 23  
GLN H    H N N 24  
GLN H2   H N N 25  
GLN HA   H N N 26  
GLN HB2  H N N 27  
GLN HB3  H N N 28  
GLN HG2  H N N 29  
GLN HG3  H N N 30  
GLN HE21 H N N 31  
GLN HE22 H N N 32  
GLN HXT  H N N 33  
GLY N    N N N 34  
GLY CA   C N N 35  
GLY C    C N N 36  
GLY O    O N N 37  
GLY OXT  O N N 38  
GLY H    H N N 39  
GLY H2   H N N 40  
GLY HA2  H N N 41  
GLY HA3  H N N 42  
GLY HXT  H N N 43  
HOH O    O N N 44  
HOH H1   H N N 45  
HOH H2   H N N 46  
ILE N    N N N 47  
ILE CA   C N S 48  
ILE C    C N N 49  
ILE O    O N N 50  
ILE CB   C N S 51  
ILE CG1  C N N 52  
ILE CG2  C N N 53  
ILE CD1  C N N 54  
ILE OXT  O N N 55  
ILE H    H N N 56  
ILE H2   H N N 57  
ILE HA   H N N 58  
ILE HB   H N N 59  
ILE HG12 H N N 60  
ILE HG13 H N N 61  
ILE HG21 H N N 62  
ILE HG22 H N N 63  
ILE HG23 H N N 64  
ILE HD11 H N N 65  
ILE HD12 H N N 66  
ILE HD13 H N N 67  
ILE HXT  H N N 68  
LEU N    N N N 69  
LEU CA   C N S 70  
LEU C    C N N 71  
LEU O    O N N 72  
LEU CB   C N N 73  
LEU CG   C N N 74  
LEU CD1  C N N 75  
LEU CD2  C N N 76  
LEU OXT  O N N 77  
LEU H    H N N 78  
LEU H2   H N N 79  
LEU HA   H N N 80  
LEU HB2  H N N 81  
LEU HB3  H N N 82  
LEU HG   H N N 83  
LEU HD11 H N N 84  
LEU HD12 H N N 85  
LEU HD13 H N N 86  
LEU HD21 H N N 87  
LEU HD22 H N N 88  
LEU HD23 H N N 89  
LEU HXT  H N N 90  
LYS N    N N N 91  
LYS CA   C N S 92  
LYS C    C N N 93  
LYS O    O N N 94  
LYS CB   C N N 95  
LYS CG   C N N 96  
LYS CD   C N N 97  
LYS CE   C N N 98  
LYS NZ   N N N 99  
LYS OXT  O N N 100 
LYS H    H N N 101 
LYS H2   H N N 102 
LYS HA   H N N 103 
LYS HB2  H N N 104 
LYS HB3  H N N 105 
LYS HG2  H N N 106 
LYS HG3  H N N 107 
LYS HD2  H N N 108 
LYS HD3  H N N 109 
LYS HE2  H N N 110 
LYS HE3  H N N 111 
LYS HZ1  H N N 112 
LYS HZ2  H N N 113 
LYS HZ3  H N N 114 
LYS HXT  H N N 115 
MEA C1   C N N 116 
MEA N    N N N 117 
MEA CA   C N S 118 
MEA C    C N N 119 
MEA O    O N N 120 
MEA CB   C N N 121 
MEA CG   C Y N 122 
MEA CD1  C Y N 123 
MEA CE1  C Y N 124 
MEA CZ   C Y N 125 
MEA CE2  C Y N 126 
MEA CD2  C Y N 127 
MEA OXT  O N N 128 
MEA HC1  H N N 129 
MEA HC2  H N N 130 
MEA HC3  H N N 131 
MEA H    H N N 132 
MEA HA   H N N 133 
MEA HB1  H N N 134 
MEA HB2  H N N 135 
MEA HD1  H N N 136 
MEA HE1  H N N 137 
MEA HZ   H N N 138 
MEA HE2  H N N 139 
MEA HD2  H N N 140 
MEA HXT  H N N 141 
MET N    N N N 142 
MET CA   C N S 143 
MET C    C N N 144 
MET O    O N N 145 
MET CB   C N N 146 
MET CG   C N N 147 
MET SD   S N N 148 
MET CE   C N N 149 
MET OXT  O N N 150 
MET H    H N N 151 
MET H2   H N N 152 
MET HA   H N N 153 
MET HB2  H N N 154 
MET HB3  H N N 155 
MET HG2  H N N 156 
MET HG3  H N N 157 
MET HE1  H N N 158 
MET HE2  H N N 159 
MET HE3  H N N 160 
MET HXT  H N N 161 
ORN N    N N N 162 
ORN CA   C N S 163 
ORN CB   C N N 164 
ORN CG   C N N 165 
ORN CD   C N N 166 
ORN NE   N N N 167 
ORN C    C N N 168 
ORN O    O N N 169 
ORN OXT  O N N 170 
ORN H    H N N 171 
ORN H2   H N N 172 
ORN HA   H N N 173 
ORN HB2  H N N 174 
ORN HB3  H N N 175 
ORN HG2  H N N 176 
ORN HG3  H N N 177 
ORN HD2  H N N 178 
ORN HD3  H N N 179 
ORN HE1  H N N 180 
ORN HE2  H N N 181 
ORN HXT  H N N 182 
PHE N    N N N 183 
PHE CA   C N S 184 
PHE C    C N N 185 
PHE O    O N N 186 
PHE CB   C N N 187 
PHE CG   C Y N 188 
PHE CD1  C Y N 189 
PHE CD2  C Y N 190 
PHE CE1  C Y N 191 
PHE CE2  C Y N 192 
PHE CZ   C Y N 193 
PHE OXT  O N N 194 
PHE H    H N N 195 
PHE H2   H N N 196 
PHE HA   H N N 197 
PHE HB2  H N N 198 
PHE HB3  H N N 199 
PHE HD1  H N N 200 
PHE HD2  H N N 201 
PHE HE1  H N N 202 
PHE HE2  H N N 203 
PHE HZ   H N N 204 
PHE HXT  H N N 205 
VAL N    N N N 206 
VAL CA   C N S 207 
VAL C    C N N 208 
VAL O    O N N 209 
VAL CB   C N N 210 
VAL CG1  C N N 211 
VAL CG2  C N N 212 
VAL OXT  O N N 213 
VAL H    H N N 214 
VAL H2   H N N 215 
VAL HA   H N N 216 
VAL HB   H N N 217 
VAL HG11 H N N 218 
VAL HG12 H N N 219 
VAL HG13 H N N 220 
VAL HG21 H N N 221 
VAL HG22 H N N 222 
VAL HG23 H N N 223 
VAL HXT  H N N 224 
# 
loop_
_chem_comp_bond.comp_id 
_chem_comp_bond.atom_id_1 
_chem_comp_bond.atom_id_2 
_chem_comp_bond.value_order 
_chem_comp_bond.pdbx_aromatic_flag 
_chem_comp_bond.pdbx_stereo_config 
_chem_comp_bond.pdbx_ordinal 
ALA N   CA   sing N N 1   
ALA N   H    sing N N 2   
ALA N   H2   sing N N 3   
ALA CA  C    sing N N 4   
ALA CA  CB   sing N N 5   
ALA CA  HA   sing N N 6   
ALA C   O    doub N N 7   
ALA C   OXT  sing N N 8   
ALA CB  HB1  sing N N 9   
ALA CB  HB2  sing N N 10  
ALA CB  HB3  sing N N 11  
ALA OXT HXT  sing N N 12  
GLN N   CA   sing N N 13  
GLN N   H    sing N N 14  
GLN N   H2   sing N N 15  
GLN CA  C    sing N N 16  
GLN CA  CB   sing N N 17  
GLN CA  HA   sing N N 18  
GLN C   O    doub N N 19  
GLN C   OXT  sing N N 20  
GLN CB  CG   sing N N 21  
GLN CB  HB2  sing N N 22  
GLN CB  HB3  sing N N 23  
GLN CG  CD   sing N N 24  
GLN CG  HG2  sing N N 25  
GLN CG  HG3  sing N N 26  
GLN CD  OE1  doub N N 27  
GLN CD  NE2  sing N N 28  
GLN NE2 HE21 sing N N 29  
GLN NE2 HE22 sing N N 30  
GLN OXT HXT  sing N N 31  
GLY N   CA   sing N N 32  
GLY N   H    sing N N 33  
GLY N   H2   sing N N 34  
GLY CA  C    sing N N 35  
GLY CA  HA2  sing N N 36  
GLY CA  HA3  sing N N 37  
GLY C   O    doub N N 38  
GLY C   OXT  sing N N 39  
GLY OXT HXT  sing N N 40  
HOH O   H1   sing N N 41  
HOH O   H2   sing N N 42  
ILE N   CA   sing N N 43  
ILE N   H    sing N N 44  
ILE N   H2   sing N N 45  
ILE CA  C    sing N N 46  
ILE CA  CB   sing N N 47  
ILE CA  HA   sing N N 48  
ILE C   O    doub N N 49  
ILE C   OXT  sing N N 50  
ILE CB  CG1  sing N N 51  
ILE CB  CG2  sing N N 52  
ILE CB  HB   sing N N 53  
ILE CG1 CD1  sing N N 54  
ILE CG1 HG12 sing N N 55  
ILE CG1 HG13 sing N N 56  
ILE CG2 HG21 sing N N 57  
ILE CG2 HG22 sing N N 58  
ILE CG2 HG23 sing N N 59  
ILE CD1 HD11 sing N N 60  
ILE CD1 HD12 sing N N 61  
ILE CD1 HD13 sing N N 62  
ILE OXT HXT  sing N N 63  
LEU N   CA   sing N N 64  
LEU N   H    sing N N 65  
LEU N   H2   sing N N 66  
LEU CA  C    sing N N 67  
LEU CA  CB   sing N N 68  
LEU CA  HA   sing N N 69  
LEU C   O    doub N N 70  
LEU C   OXT  sing N N 71  
LEU CB  CG   sing N N 72  
LEU CB  HB2  sing N N 73  
LEU CB  HB3  sing N N 74  
LEU CG  CD1  sing N N 75  
LEU CG  CD2  sing N N 76  
LEU CG  HG   sing N N 77  
LEU CD1 HD11 sing N N 78  
LEU CD1 HD12 sing N N 79  
LEU CD1 HD13 sing N N 80  
LEU CD2 HD21 sing N N 81  
LEU CD2 HD22 sing N N 82  
LEU CD2 HD23 sing N N 83  
LEU OXT HXT  sing N N 84  
LYS N   CA   sing N N 85  
LYS N   H    sing N N 86  
LYS N   H2   sing N N 87  
LYS CA  C    sing N N 88  
LYS CA  CB   sing N N 89  
LYS CA  HA   sing N N 90  
LYS C   O    doub N N 91  
LYS C   OXT  sing N N 92  
LYS CB  CG   sing N N 93  
LYS CB  HB2  sing N N 94  
LYS CB  HB3  sing N N 95  
LYS CG  CD   sing N N 96  
LYS CG  HG2  sing N N 97  
LYS CG  HG3  sing N N 98  
LYS CD  CE   sing N N 99  
LYS CD  HD2  sing N N 100 
LYS CD  HD3  sing N N 101 
LYS CE  NZ   sing N N 102 
LYS CE  HE2  sing N N 103 
LYS CE  HE3  sing N N 104 
LYS NZ  HZ1  sing N N 105 
LYS NZ  HZ2  sing N N 106 
LYS NZ  HZ3  sing N N 107 
LYS OXT HXT  sing N N 108 
MEA C1  N    sing N N 109 
MEA C1  HC1  sing N N 110 
MEA C1  HC2  sing N N 111 
MEA C1  HC3  sing N N 112 
MEA N   CA   sing N N 113 
MEA N   H    sing N N 114 
MEA CA  C    sing N N 115 
MEA CA  CB   sing N N 116 
MEA CA  HA   sing N N 117 
MEA C   O    doub N N 118 
MEA C   OXT  sing N N 119 
MEA CB  CG   sing N N 120 
MEA CB  HB1  sing N N 121 
MEA CB  HB2  sing N N 122 
MEA CG  CD1  doub Y N 123 
MEA CG  CD2  sing Y N 124 
MEA CD1 CE1  sing Y N 125 
MEA CD1 HD1  sing N N 126 
MEA CE1 CZ   doub Y N 127 
MEA CE1 HE1  sing N N 128 
MEA CZ  CE2  sing Y N 129 
MEA CZ  HZ   sing N N 130 
MEA CE2 CD2  doub Y N 131 
MEA CE2 HE2  sing N N 132 
MEA CD2 HD2  sing N N 133 
MEA OXT HXT  sing N N 134 
MET N   CA   sing N N 135 
MET N   H    sing N N 136 
MET N   H2   sing N N 137 
MET CA  C    sing N N 138 
MET CA  CB   sing N N 139 
MET CA  HA   sing N N 140 
MET C   O    doub N N 141 
MET C   OXT  sing N N 142 
MET CB  CG   sing N N 143 
MET CB  HB2  sing N N 144 
MET CB  HB3  sing N N 145 
MET CG  SD   sing N N 146 
MET CG  HG2  sing N N 147 
MET CG  HG3  sing N N 148 
MET SD  CE   sing N N 149 
MET CE  HE1  sing N N 150 
MET CE  HE2  sing N N 151 
MET CE  HE3  sing N N 152 
MET OXT HXT  sing N N 153 
ORN N   CA   sing N N 154 
ORN N   H    sing N N 155 
ORN N   H2   sing N N 156 
ORN CA  CB   sing N N 157 
ORN CA  C    sing N N 158 
ORN CA  HA   sing N N 159 
ORN CB  CG   sing N N 160 
ORN CB  HB2  sing N N 161 
ORN CB  HB3  sing N N 162 
ORN CG  CD   sing N N 163 
ORN CG  HG2  sing N N 164 
ORN CG  HG3  sing N N 165 
ORN CD  NE   sing N N 166 
ORN CD  HD2  sing N N 167 
ORN CD  HD3  sing N N 168 
ORN NE  HE1  sing N N 169 
ORN NE  HE2  sing N N 170 
ORN C   O    doub N N 171 
ORN C   OXT  sing N N 172 
ORN OXT HXT  sing N N 173 
PHE N   CA   sing N N 174 
PHE N   H    sing N N 175 
PHE N   H2   sing N N 176 
PHE CA  C    sing N N 177 
PHE CA  CB   sing N N 178 
PHE CA  HA   sing N N 179 
PHE C   O    doub N N 180 
PHE C   OXT  sing N N 181 
PHE CB  CG   sing N N 182 
PHE CB  HB2  sing N N 183 
PHE CB  HB3  sing N N 184 
PHE CG  CD1  doub Y N 185 
PHE CG  CD2  sing Y N 186 
PHE CD1 CE1  sing Y N 187 
PHE CD1 HD1  sing N N 188 
PHE CD2 CE2  doub Y N 189 
PHE CD2 HD2  sing N N 190 
PHE CE1 CZ   doub Y N 191 
PHE CE1 HE1  sing N N 192 
PHE CE2 CZ   sing Y N 193 
PHE CE2 HE2  sing N N 194 
PHE CZ  HZ   sing N N 195 
PHE OXT HXT  sing N N 196 
VAL N   CA   sing N N 197 
VAL N   H    sing N N 198 
VAL N   H2   sing N N 199 
VAL CA  C    sing N N 200 
VAL CA  CB   sing N N 201 
VAL CA  HA   sing N N 202 
VAL C   O    doub N N 203 
VAL C   OXT  sing N N 204 
VAL CB  CG1  sing N N 205 
VAL CB  CG2  sing N N 206 
VAL CB  HB   sing N N 207 
VAL CG1 HG11 sing N N 208 
VAL CG1 HG12 sing N N 209 
VAL CG1 HG13 sing N N 210 
VAL CG2 HG21 sing N N 211 
VAL CG2 HG22 sing N N 212 
VAL CG2 HG23 sing N N 213 
VAL OXT HXT  sing N N 214 
# 
_pdbx_audit_support.funding_organization   
'National Institutes of Health/National Institute of General Medical Sciences (NIH/NIGMS)' 
_pdbx_audit_support.country                'United States' 
_pdbx_audit_support.grant_number           GM097562 
_pdbx_audit_support.ordinal                1 
# 
_pdbx_entity_nonpoly.entity_id   2 
_pdbx_entity_nonpoly.name        water 
_pdbx_entity_nonpoly.comp_id     HOH 
# 
_pdbx_initial_refinement_model.id               1 
_pdbx_initial_refinement_model.entity_id_list   ? 
_pdbx_initial_refinement_model.type             'experimental model' 
_pdbx_initial_refinement_model.source_name      PDB 
_pdbx_initial_refinement_model.accession_code   5W4H 
_pdbx_initial_refinement_model.details          ? 
# 
_pdbx_struct_assembly_auth_evidence.id                     1 
_pdbx_struct_assembly_auth_evidence.assembly_id            1 
_pdbx_struct_assembly_auth_evidence.experimental_support   none 
_pdbx_struct_assembly_auth_evidence.details                ? 
# 
